data_6XDV
# 
_entry.id   6XDV 
# 
_audit_conform.dict_name       mmcif_pdbx.dic 
_audit_conform.dict_version    5.380 
_audit_conform.dict_location   http://mmcif.pdb.org/dictionaries/ascii/mmcif_pdbx.dic 
# 
loop_
_database_2.database_id 
_database_2.database_code 
_database_2.pdbx_database_accession 
_database_2.pdbx_DOI 
PDB   6XDV         pdb_00006xdv 10.2210/pdb6xdv/pdb 
WWPDB D_1000249244 ?            ?                   
# 
_pdbx_database_status.status_code                     REL 
_pdbx_database_status.status_code_sf                  REL 
_pdbx_database_status.status_code_mr                  ? 
_pdbx_database_status.entry_id                        6XDV 
_pdbx_database_status.recvd_initial_deposition_date   2020-06-11 
_pdbx_database_status.SG_entry                        N 
_pdbx_database_status.deposit_site                    RCSB 
_pdbx_database_status.process_site                    RCSB 
_pdbx_database_status.status_code_cs                  ? 
_pdbx_database_status.status_code_nmr_data            ? 
_pdbx_database_status.methods_development_category    ? 
_pdbx_database_status.pdb_format_compatible           Y 
# 
loop_
_audit_author.name 
_audit_author.pdbx_ordinal 
_audit_author.identifier_ORCID 
'Simmons, C.R.'      1 0000-0002-2290-6132 
'MacCulloch, T.'     2 0000-0001-5875-3361 
'Stephanopoulos, N.' 3 0000-0001-7859-410X 
'Yan, H.'            4 0000-0001-7397-9852 
# 
_citation.abstract                  ? 
_citation.abstract_id_CAS           ? 
_citation.book_id_ISBN              ? 
_citation.book_publisher            ? 
_citation.book_publisher_city       ? 
_citation.book_title                ? 
_citation.coordinate_linkage        ? 
_citation.country                   UK 
_citation.database_id_Medline       ? 
_citation.details                   ? 
_citation.id                        primary 
_citation.journal_abbrev            'Nat Commun' 
_citation.journal_id_ASTM           ? 
_citation.journal_id_CSD            ? 
_citation.journal_id_ISSN           2041-1723 
_citation.journal_full              ? 
_citation.journal_issue             ? 
_citation.journal_volume            13 
_citation.language                  ? 
_citation.page_first                3112 
_citation.page_last                 3112 
_citation.title                     'The influence of Holliday junction sequence and dynamics on DNA crystal self-assembly.' 
_citation.year                      2022 
_citation.database_id_CSD           ? 
_citation.pdbx_database_id_DOI      10.1038/s41467-022-30779-6 
_citation.pdbx_database_id_PubMed   35662248 
_citation.unpublished_flag          ? 
# 
loop_
_citation_author.citation_id 
_citation_author.name 
_citation_author.ordinal 
_citation_author.identifier_ORCID 
primary 'Simmons, C.R.'      1  ?                   
primary 'MacCulloch, T.'     2  ?                   
primary 'Krepl, M.'          3  0000-0002-9833-4281 
primary 'Matthies, M.'       4  ?                   
primary 'Buchberger, A.'     5  ?                   
primary 'Crawford, I.'       6  ?                   
primary 'Sponer, J.'         7  0000-0001-6558-6186 
primary 'Sulc, P.'           8  0000-0003-1565-6769 
primary 'Stephanopoulos, N.' 9  0000-0001-7859-410X 
primary 'Yan, H.'            10 0000-0001-7397-9852 
# 
_cell.angle_alpha                  90.000 
_cell.angle_alpha_esd              ? 
_cell.angle_beta                   90.000 
_cell.angle_beta_esd               ? 
_cell.angle_gamma                  120.000 
_cell.angle_gamma_esd              ? 
_cell.entry_id                     6XDV 
_cell.details                      ? 
_cell.formula_units_Z              ? 
_cell.length_a                     68.932 
_cell.length_a_esd                 ? 
_cell.length_b                     68.932 
_cell.length_b_esd                 ? 
_cell.length_c                     60.748 
_cell.length_c_esd                 ? 
_cell.volume                       ? 
_cell.volume_esd                   ? 
_cell.Z_PDB                        3 
_cell.reciprocal_angle_alpha       ? 
_cell.reciprocal_angle_beta        ? 
_cell.reciprocal_angle_gamma       ? 
_cell.reciprocal_angle_alpha_esd   ? 
_cell.reciprocal_angle_beta_esd    ? 
_cell.reciprocal_angle_gamma_esd   ? 
_cell.reciprocal_length_a          ? 
_cell.reciprocal_length_b          ? 
_cell.reciprocal_length_c          ? 
_cell.reciprocal_length_a_esd      ? 
_cell.reciprocal_length_b_esd      ? 
_cell.reciprocal_length_c_esd      ? 
_cell.pdbx_unique_axis             ? 
# 
_symmetry.entry_id                         6XDV 
_symmetry.cell_setting                     ? 
_symmetry.Int_Tables_number                145 
_symmetry.space_group_name_Hall            ? 
_symmetry.space_group_name_H-M             'P 32' 
_symmetry.pdbx_full_space_group_name_H-M   ? 
# 
loop_
_entity.id 
_entity.type 
_entity.src_method 
_entity.pdbx_description 
_entity.formula_weight 
_entity.pdbx_number_of_molecules 
_entity.pdbx_ec 
_entity.pdbx_mutation 
_entity.pdbx_fragment 
_entity.details 
1 polymer     syn 
;DNA (5'-D(*GP*AP*GP*CP*AP*GP*AP*CP*GP*TP*G)-3')
;
3423.248 1 ? ? ? ? 
2 polymer     syn 
;DNA (5'-D(P*AP*CP*TP*CP*CP*AP*CP*TP*CP*A)-3')
;
2948.958 1 ? ? ? ? 
3 polymer     syn 
;DNA (5'-D(P*CP*AP*AP*GP*T)-3')
;
1504.037 1 ? ? ? ? 
4 polymer     syn 
;DNA (5'-D(*TP*CP*TP*GP*AP*GP*TP*GP*GP*CP*GP*TP*CP*TP*GP*C)-3')
;
4921.175 1 ? ? ? ? 
5 non-polymer syn 'CACODYLATE ION'                                                 136.989  3 ? ? ? ? 
# 
loop_
_entity_poly.entity_id 
_entity_poly.type 
_entity_poly.nstd_linkage 
_entity_poly.nstd_monomer 
_entity_poly.pdbx_seq_one_letter_code 
_entity_poly.pdbx_seq_one_letter_code_can 
_entity_poly.pdbx_strand_id 
_entity_poly.pdbx_target_identifier 
1 polydeoxyribonucleotide no no '(DG)(DA)(DG)(DC)(DA)(DG)(DA)(DC)(DG)(DT)(DG)'                     GAGCAGACGTG      A ? 
2 polydeoxyribonucleotide no no '(DA)(DC)(DT)(DC)(DC)(DA)(DC)(DT)(DC)(DA)'                         ACTCCACTCA       B ? 
3 polydeoxyribonucleotide no no '(DC)(DA)(DA)(DG)(DT)'                                             CAAGT            C ? 
4 polydeoxyribonucleotide no no '(DT)(DC)(DT)(DG)(DA)(DG)(DT)(DG)(DG)(DC)(DG)(DT)(DC)(DT)(DG)(DC)' TCTGAGTGGCGTCTGC D ? 
# 
loop_
_entity_poly_seq.entity_id 
_entity_poly_seq.num 
_entity_poly_seq.mon_id 
_entity_poly_seq.hetero 
1 1  DG n 
1 2  DA n 
1 3  DG n 
1 4  DC n 
1 5  DA n 
1 6  DG n 
1 7  DA n 
1 8  DC n 
1 9  DG n 
1 10 DT n 
1 11 DG n 
2 1  DA n 
2 2  DC n 
2 3  DT n 
2 4  DC n 
2 5  DC n 
2 6  DA n 
2 7  DC n 
2 8  DT n 
2 9  DC n 
2 10 DA n 
3 1  DC n 
3 2  DA n 
3 3  DA n 
3 4  DG n 
3 5  DT n 
4 1  DT n 
4 2  DC n 
4 3  DT n 
4 4  DG n 
4 5  DA n 
4 6  DG n 
4 7  DT n 
4 8  DG n 
4 9  DG n 
4 10 DC n 
4 11 DG n 
4 12 DT n 
4 13 DC n 
4 14 DT n 
4 15 DG n 
4 16 DC n 
# 
loop_
_pdbx_entity_src_syn.entity_id 
_pdbx_entity_src_syn.pdbx_src_id 
_pdbx_entity_src_syn.pdbx_alt_source_flag 
_pdbx_entity_src_syn.pdbx_beg_seq_num 
_pdbx_entity_src_syn.pdbx_end_seq_num 
_pdbx_entity_src_syn.organism_scientific 
_pdbx_entity_src_syn.organism_common_name 
_pdbx_entity_src_syn.ncbi_taxonomy_id 
_pdbx_entity_src_syn.details 
1 1 sample 1 11 'synthetic construct' ? 32630 ? 
2 1 sample 1 10 'synthetic construct' ? 32630 ? 
3 1 sample 1 5  'synthetic construct' ? 32630 ? 
4 1 sample 1 16 'synthetic construct' ? 32630 ? 
# 
loop_
_struct_ref.id 
_struct_ref.db_name 
_struct_ref.db_code 
_struct_ref.pdbx_db_accession 
_struct_ref.pdbx_db_isoform 
_struct_ref.entity_id 
_struct_ref.pdbx_seq_one_letter_code 
_struct_ref.pdbx_align_begin 
1 PDB 6XDV 6XDV ? 1 ? 1 
2 PDB 6XDV 6XDV ? 2 ? 1 
3 PDB 6XDV 6XDV ? 3 ? 1 
4 PDB 6XDV 6XDV ? 4 ? 1 
# 
loop_
_struct_ref_seq.align_id 
_struct_ref_seq.ref_id 
_struct_ref_seq.pdbx_PDB_id_code 
_struct_ref_seq.pdbx_strand_id 
_struct_ref_seq.seq_align_beg 
_struct_ref_seq.pdbx_seq_align_beg_ins_code 
_struct_ref_seq.seq_align_end 
_struct_ref_seq.pdbx_seq_align_end_ins_code 
_struct_ref_seq.pdbx_db_accession 
_struct_ref_seq.db_align_beg 
_struct_ref_seq.pdbx_db_align_beg_ins_code 
_struct_ref_seq.db_align_end 
_struct_ref_seq.pdbx_db_align_end_ins_code 
_struct_ref_seq.pdbx_auth_seq_align_beg 
_struct_ref_seq.pdbx_auth_seq_align_end 
1 1 6XDV A 1 ? 11 ? 6XDV 1  ? 11 ? 1  11 
2 2 6XDV B 1 ? 10 ? 6XDV 12 ? 21 ? 12 21 
3 3 6XDV C 1 ? 5  ? 6XDV 1  ? 5  ? 1  5  
4 4 6XDV D 1 ? 16 ? 6XDV 1  ? 16 ? 1  16 
# 
loop_
_chem_comp.id 
_chem_comp.type 
_chem_comp.mon_nstd_flag 
_chem_comp.name 
_chem_comp.pdbx_synonyms 
_chem_comp.formula 
_chem_comp.formula_weight 
CAC non-polymer   . 'CACODYLATE ION'                     dimethylarsinate 'C2 H6 As O2 -1'  136.989 
DA  'DNA linking' y "2'-DEOXYADENOSINE-5'-MONOPHOSPHATE" ?                'C10 H14 N5 O6 P' 331.222 
DC  'DNA linking' y "2'-DEOXYCYTIDINE-5'-MONOPHOSPHATE"  ?                'C9 H14 N3 O7 P'  307.197 
DG  'DNA linking' y "2'-DEOXYGUANOSINE-5'-MONOPHOSPHATE" ?                'C10 H14 N5 O7 P' 347.221 
DT  'DNA linking' y "THYMIDINE-5'-MONOPHOSPHATE"         ?                'C10 H15 N2 O8 P' 322.208 
# 
_exptl.absorpt_coefficient_mu     ? 
_exptl.absorpt_correction_T_max   ? 
_exptl.absorpt_correction_T_min   ? 
_exptl.absorpt_correction_type    ? 
_exptl.absorpt_process_details    ? 
_exptl.entry_id                   6XDV 
_exptl.crystals_number            1 
_exptl.details                    ? 
_exptl.method                     'X-RAY DIFFRACTION' 
_exptl.method_details             ? 
# 
_exptl_crystal.colour                      ? 
_exptl_crystal.density_diffrn              ? 
_exptl_crystal.density_Matthews            6.51 
_exptl_crystal.density_method              ? 
_exptl_crystal.density_percent_sol         81.11 
_exptl_crystal.description                 ? 
_exptl_crystal.F_000                       ? 
_exptl_crystal.id                          1 
_exptl_crystal.preparation                 ? 
_exptl_crystal.size_max                    ? 
_exptl_crystal.size_mid                    ? 
_exptl_crystal.size_min                    ? 
_exptl_crystal.size_rad                    ? 
_exptl_crystal.colour_lustre               ? 
_exptl_crystal.colour_modifier             ? 
_exptl_crystal.colour_primary              ? 
_exptl_crystal.density_meas                ? 
_exptl_crystal.density_meas_esd            ? 
_exptl_crystal.density_meas_gt             ? 
_exptl_crystal.density_meas_lt             ? 
_exptl_crystal.density_meas_temp           ? 
_exptl_crystal.density_meas_temp_esd       ? 
_exptl_crystal.density_meas_temp_gt        ? 
_exptl_crystal.density_meas_temp_lt        ? 
_exptl_crystal.pdbx_crystal_image_url      ? 
_exptl_crystal.pdbx_crystal_image_format   ? 
_exptl_crystal.pdbx_mosaicity              ? 
_exptl_crystal.pdbx_mosaicity_esd          ? 
# 
_exptl_crystal_grow.apparatus       ? 
_exptl_crystal_grow.atmosphere      ? 
_exptl_crystal_grow.crystal_id      1 
_exptl_crystal_grow.details         ? 
_exptl_crystal_grow.method          'VAPOR DIFFUSION, SITTING DROP' 
_exptl_crystal_grow.method_ref      ? 
_exptl_crystal_grow.pH              ? 
_exptl_crystal_grow.pressure        ? 
_exptl_crystal_grow.pressure_esd    ? 
_exptl_crystal_grow.seeding         ? 
_exptl_crystal_grow.seeding_ref     ? 
_exptl_crystal_grow.temp            298 
_exptl_crystal_grow.temp_details    'temperature gradient generated from 60 to 25 C at 0.3 degrees per hour' 
_exptl_crystal_grow.temp_esd        ? 
_exptl_crystal_grow.time            ? 
_exptl_crystal_grow.pdbx_details    
;0.5 mL of 0.05 M Cacodylate pH 7.0 with 20 mM MgCl2, 1.0 mM spermine, 1.0 mM CoH18N6, and 15% Ethanol was added to the reservoir with 2 uL added to the drop containing 4 uL of DNA stock
;
_exptl_crystal_grow.pdbx_pH_range   ? 
# 
_diffrn.ambient_environment              ? 
_diffrn.ambient_temp                     100 
_diffrn.ambient_temp_details             ? 
_diffrn.ambient_temp_esd                 ? 
_diffrn.crystal_id                       1 
_diffrn.crystal_support                  ? 
_diffrn.crystal_treatment                ? 
_diffrn.details                          ? 
_diffrn.id                               1 
_diffrn.ambient_pressure                 ? 
_diffrn.ambient_pressure_esd             ? 
_diffrn.ambient_pressure_gt              ? 
_diffrn.ambient_pressure_lt              ? 
_diffrn.ambient_temp_gt                  ? 
_diffrn.ambient_temp_lt                  ? 
_diffrn.pdbx_serial_crystal_experiment   N 
# 
_diffrn_detector.details                      ? 
_diffrn_detector.detector                     PIXEL 
_diffrn_detector.diffrn_id                    1 
_diffrn_detector.type                         'DECTRIS PILATUS3 6M' 
_diffrn_detector.area_resol_mean              ? 
_diffrn_detector.dtime                        ? 
_diffrn_detector.pdbx_frames_total            ? 
_diffrn_detector.pdbx_collection_time_total   ? 
_diffrn_detector.pdbx_collection_date         2018-03-15 
_diffrn_detector.pdbx_frequency               ? 
# 
_diffrn_radiation.collimation                      ? 
_diffrn_radiation.diffrn_id                        1 
_diffrn_radiation.filter_edge                      ? 
_diffrn_radiation.inhomogeneity                    ? 
_diffrn_radiation.monochromator                    ? 
_diffrn_radiation.polarisn_norm                    ? 
_diffrn_radiation.polarisn_ratio                   ? 
_diffrn_radiation.probe                            ? 
_diffrn_radiation.type                             ? 
_diffrn_radiation.xray_symbol                      ? 
_diffrn_radiation.wavelength_id                    1 
_diffrn_radiation.pdbx_monochromatic_or_laue_m_l   M 
_diffrn_radiation.pdbx_wavelength_list             ? 
_diffrn_radiation.pdbx_wavelength                  ? 
_diffrn_radiation.pdbx_diffrn_protocol             'SINGLE WAVELENGTH' 
_diffrn_radiation.pdbx_analyzer                    ? 
_diffrn_radiation.pdbx_scattering_type             x-ray 
# 
_diffrn_radiation_wavelength.id           1 
_diffrn_radiation_wavelength.wavelength   0.92 
_diffrn_radiation_wavelength.wt           1.0 
# 
_diffrn_source.current                     ? 
_diffrn_source.details                     ? 
_diffrn_source.diffrn_id                   1 
_diffrn_source.power                       ? 
_diffrn_source.size                        ? 
_diffrn_source.source                      SYNCHROTRON 
_diffrn_source.target                      ? 
_diffrn_source.type                        'APS BEAMLINE 19-ID' 
_diffrn_source.voltage                     ? 
_diffrn_source.take-off_angle              ? 
_diffrn_source.pdbx_wavelength_list        0.92 
_diffrn_source.pdbx_wavelength             ? 
_diffrn_source.pdbx_synchrotron_beamline   19-ID 
_diffrn_source.pdbx_synchrotron_site       APS 
# 
_reflns.B_iso_Wilson_estimate            76.810 
_reflns.entry_id                         6XDV 
_reflns.data_reduction_details           ? 
_reflns.data_reduction_method            ? 
_reflns.d_resolution_high                3.000 
_reflns.d_resolution_low                 50.000 
_reflns.details                          ? 
_reflns.limit_h_max                      ? 
_reflns.limit_h_min                      ? 
_reflns.limit_k_max                      ? 
_reflns.limit_k_min                      ? 
_reflns.limit_l_max                      ? 
_reflns.limit_l_min                      ? 
_reflns.number_all                       ? 
_reflns.number_obs                       6381 
_reflns.observed_criterion               ? 
_reflns.observed_criterion_F_max         ? 
_reflns.observed_criterion_F_min         ? 
_reflns.observed_criterion_I_max         ? 
_reflns.observed_criterion_I_min         ? 
_reflns.observed_criterion_sigma_F       ? 
_reflns.observed_criterion_sigma_I       ? 
_reflns.percent_possible_obs             99.100 
_reflns.R_free_details                   ? 
_reflns.Rmerge_F_all                     ? 
_reflns.Rmerge_F_obs                     ? 
_reflns.Friedel_coverage                 ? 
_reflns.number_gt                        ? 
_reflns.threshold_expression             ? 
_reflns.pdbx_redundancy                  10.100 
_reflns.pdbx_Rmerge_I_obs                0.098 
_reflns.pdbx_Rmerge_I_all                ? 
_reflns.pdbx_Rsym_value                  ? 
_reflns.pdbx_netI_over_av_sigmaI         ? 
_reflns.pdbx_netI_over_sigmaI            8.000 
_reflns.pdbx_res_netI_over_av_sigmaI_2   ? 
_reflns.pdbx_res_netI_over_sigmaI_2      ? 
_reflns.pdbx_chi_squared                 5.400 
_reflns.pdbx_scaling_rejects             ? 
_reflns.pdbx_d_res_high_opt              ? 
_reflns.pdbx_d_res_low_opt               ? 
_reflns.pdbx_d_res_opt_method            ? 
_reflns.phase_calculation_details        ? 
_reflns.pdbx_Rrim_I_all                  0.103 
_reflns.pdbx_Rpim_I_all                  0.032 
_reflns.pdbx_d_opt                       ? 
_reflns.pdbx_number_measured_all         ? 
_reflns.pdbx_diffrn_id                   1 
_reflns.pdbx_ordinal                     1 
_reflns.pdbx_CC_half                     1 
_reflns.pdbx_CC_star                     ? 
_reflns.pdbx_R_split                     ? 
# 
loop_
_reflns_shell.d_res_high 
_reflns_shell.d_res_low 
_reflns_shell.meanI_over_sigI_all 
_reflns_shell.meanI_over_sigI_obs 
_reflns_shell.number_measured_all 
_reflns_shell.number_measured_obs 
_reflns_shell.number_possible 
_reflns_shell.number_unique_all 
_reflns_shell.number_unique_obs 
_reflns_shell.percent_possible_all 
_reflns_shell.percent_possible_obs 
_reflns_shell.Rmerge_F_all 
_reflns_shell.Rmerge_F_obs 
_reflns_shell.Rmerge_I_all 
_reflns_shell.Rmerge_I_obs 
_reflns_shell.meanI_over_sigI_gt 
_reflns_shell.meanI_over_uI_all 
_reflns_shell.meanI_over_uI_gt 
_reflns_shell.number_measured_gt 
_reflns_shell.number_unique_gt 
_reflns_shell.percent_possible_gt 
_reflns_shell.Rmerge_F_gt 
_reflns_shell.Rmerge_I_gt 
_reflns_shell.pdbx_redundancy 
_reflns_shell.pdbx_Rsym_value 
_reflns_shell.pdbx_chi_squared 
_reflns_shell.pdbx_netI_over_sigmaI_all 
_reflns_shell.pdbx_netI_over_sigmaI_obs 
_reflns_shell.pdbx_Rrim_I_all 
_reflns_shell.pdbx_Rpim_I_all 
_reflns_shell.pdbx_rejects 
_reflns_shell.pdbx_ordinal 
_reflns_shell.pdbx_diffrn_id 
_reflns_shell.pdbx_CC_half 
_reflns_shell.pdbx_CC_star 
_reflns_shell.pdbx_R_split 
3.000 3.050  ? ? ? ? ? ? 283 90.400  ? ? ? ? 0.621 ? ? ? ? ? ? ? ? 8.100  ? 0.460  ? ? 0.659 0.212 ? 1  1 0.938 ? ? 
3.050 3.110  ? ? ? ? ? ? 308 98.100  ? ? ? ? 0.294 ? ? ? ? ? ? ? ? 8.300  ? 0.528  ? ? 0.311 0.100 ? 2  1 0.989 ? ? 
3.110 3.170  ? ? ? ? ? ? 333 99.100  ? ? ? ? 0.235 ? ? ? ? ? ? ? ? 9.000  ? 0.751  ? ? 0.249 0.081 ? 3  1 0.993 ? ? 
3.170 3.230  ? ? ? ? ? ? 289 98.600  ? ? ? ? 0.128 ? ? ? ? ? ? ? ? 8.800  ? 0.852  ? ? 0.136 0.044 ? 4  1 0.995 ? ? 
3.230 3.300  ? ? ? ? ? ? 340 100.000 ? ? ? ? 0.106 ? ? ? ? ? ? ? ? 8.800  ? 0.771  ? ? 0.114 0.041 ? 5  1 0.996 ? ? 
3.300 3.380  ? ? ? ? ? ? 315 99.700  ? ? ? ? 0.127 ? ? ? ? ? ? ? ? 10.400 ? 1.065  ? ? 0.133 0.039 ? 6  1 0.997 ? ? 
3.380 3.460  ? ? ? ? ? ? 315 100.000 ? ? ? ? 0.107 ? ? ? ? ? ? ? ? 10.700 ? 1.120  ? ? 0.112 0.033 ? 7  1 0.997 ? ? 
3.460 3.560  ? ? ? ? ? ? 331 100.000 ? ? ? ? 0.144 ? ? ? ? ? ? ? ? 10.600 ? 0.995  ? ? 0.151 0.045 ? 8  1 0.995 ? ? 
3.560 3.660  ? ? ? ? ? ? 335 100.000 ? ? ? ? 0.145 ? ? ? ? ? ? ? ? 10.600 ? 1.181  ? ? 0.152 0.046 ? 9  1 0.994 ? ? 
3.660 3.780  ? ? ? ? ? ? 316 99.700  ? ? ? ? 0.160 ? ? ? ? ? ? ? ? 10.500 ? 1.682  ? ? 0.168 0.052 ? 10 1 0.993 ? ? 
3.780 3.910  ? ? ? ? ? ? 316 100.000 ? ? ? ? 0.138 ? ? ? ? ? ? ? ? 10.500 ? 2.382  ? ? 0.145 0.045 ? 11 1 0.991 ? ? 
3.910 4.070  ? ? ? ? ? ? 330 98.800  ? ? ? ? 0.149 ? ? ? ? ? ? ? ? 9.500  ? 4.607  ? ? 0.157 0.050 ? 12 1 0.992 ? ? 
4.070 4.260  ? ? ? ? ? ? 312 100.000 ? ? ? ? 0.135 ? ? ? ? ? ? ? ? 10.900 ? 4.198  ? ? 0.141 0.042 ? 13 1 0.992 ? ? 
4.260 4.480  ? ? ? ? ? ? 323 100.000 ? ? ? ? 0.136 ? ? ? ? ? ? ? ? 11.000 ? 4.988  ? ? 0.142 0.042 ? 14 1 0.989 ? ? 
4.480 4.760  ? ? ? ? ? ? 330 100.000 ? ? ? ? 0.126 ? ? ? ? ? ? ? ? 10.700 ? 4.557  ? ? 0.132 0.040 ? 15 1 0.988 ? ? 
4.760 5.130  ? ? ? ? ? ? 323 100.000 ? ? ? ? 0.126 ? ? ? ? ? ? ? ? 10.600 ? 6.161  ? ? 0.132 0.040 ? 16 1 0.991 ? ? 
5.130 5.640  ? ? ? ? ? ? 318 98.800  ? ? ? ? 0.116 ? ? ? ? ? ? ? ? 10.200 ? 12.485 ? ? 0.122 0.038 ? 17 1 0.993 ? ? 
5.640 6.460  ? ? ? ? ? ? 313 100.000 ? ? ? ? 0.114 ? ? ? ? ? ? ? ? 10.900 ? 12.340 ? ? 0.119 0.036 ? 18 1 0.978 ? ? 
6.460 8.130  ? ? ? ? ? ? 327 99.400  ? ? ? ? 0.086 ? ? ? ? ? ? ? ? 10.100 ? 12.998 ? ? 0.091 0.029 ? 19 1 0.996 ? ? 
8.130 50.000 ? ? ? ? ? ? 324 98.800  ? ? ? ? 0.078 ? ? ? ? ? ? ? ? 10.600 ? 28.680 ? ? 0.082 0.027 ? 20 1 0.998 ? ? 
# 
_refine.aniso_B[1][1]                            ? 
_refine.aniso_B[1][2]                            ? 
_refine.aniso_B[1][3]                            ? 
_refine.aniso_B[2][2]                            ? 
_refine.aniso_B[2][3]                            ? 
_refine.aniso_B[3][3]                            ? 
_refine.B_iso_max                                235.400 
_refine.B_iso_mean                               136.5355 
_refine.B_iso_min                                67.540 
_refine.correlation_coeff_Fo_to_Fc               ? 
_refine.correlation_coeff_Fo_to_Fc_free          ? 
_refine.details                                  ? 
_refine.diff_density_max                         ? 
_refine.diff_density_max_esd                     ? 
_refine.diff_density_min                         ? 
_refine.diff_density_min_esd                     ? 
_refine.diff_density_rms                         ? 
_refine.diff_density_rms_esd                     ? 
_refine.entry_id                                 6XDV 
_refine.pdbx_refine_id                           'X-RAY DIFFRACTION' 
_refine.ls_abs_structure_details                 ? 
_refine.ls_abs_structure_Flack                   ? 
_refine.ls_abs_structure_Flack_esd               ? 
_refine.ls_abs_structure_Rogers                  ? 
_refine.ls_abs_structure_Rogers_esd              ? 
_refine.ls_d_res_high                            3.0030 
_refine.ls_d_res_low                             34.4660 
_refine.ls_extinction_coef                       ? 
_refine.ls_extinction_coef_esd                   ? 
_refine.ls_extinction_expression                 ? 
_refine.ls_extinction_method                     ? 
_refine.ls_goodness_of_fit_all                   ? 
_refine.ls_goodness_of_fit_all_esd               ? 
_refine.ls_goodness_of_fit_obs                   ? 
_refine.ls_goodness_of_fit_obs_esd               ? 
_refine.ls_hydrogen_treatment                    ? 
_refine.ls_matrix_type                           ? 
_refine.ls_number_constraints                    ? 
_refine.ls_number_parameters                     ? 
_refine.ls_number_reflns_all                     ? 
_refine.ls_number_reflns_obs                     6157 
_refine.ls_number_reflns_R_free                  609 
_refine.ls_number_reflns_R_work                  5548 
_refine.ls_number_restraints                     ? 
_refine.ls_percent_reflns_obs                    95.8300 
_refine.ls_percent_reflns_R_free                 9.8900 
_refine.ls_R_factor_all                          ? 
_refine.ls_R_factor_obs                          0.2295 
_refine.ls_R_factor_R_free                       0.2524 
_refine.ls_R_factor_R_free_error                 ? 
_refine.ls_R_factor_R_free_error_details         ? 
_refine.ls_R_factor_R_work                       0.2267 
_refine.ls_R_Fsqd_factor_obs                     ? 
_refine.ls_R_I_factor_obs                        ? 
_refine.ls_redundancy_reflns_all                 ? 
_refine.ls_redundancy_reflns_obs                 ? 
_refine.ls_restrained_S_all                      ? 
_refine.ls_restrained_S_obs                      ? 
_refine.ls_shift_over_esd_max                    ? 
_refine.ls_shift_over_esd_mean                   ? 
_refine.ls_structure_factor_coef                 ? 
_refine.ls_weighting_details                     ? 
_refine.ls_weighting_scheme                      ? 
_refine.ls_wR_factor_all                         ? 
_refine.ls_wR_factor_obs                         ? 
_refine.ls_wR_factor_R_free                      ? 
_refine.ls_wR_factor_R_work                      ? 
_refine.occupancy_max                            ? 
_refine.occupancy_min                            ? 
_refine.solvent_model_details                    'FLAT BULK SOLVENT MODEL' 
_refine.solvent_model_param_bsol                 ? 
_refine.solvent_model_param_ksol                 ? 
_refine.pdbx_R_complete                          ? 
_refine.ls_R_factor_gt                           ? 
_refine.ls_goodness_of_fit_gt                    ? 
_refine.ls_goodness_of_fit_ref                   ? 
_refine.ls_shift_over_su_max                     ? 
_refine.ls_shift_over_su_max_lt                  ? 
_refine.ls_shift_over_su_mean                    ? 
_refine.ls_shift_over_su_mean_lt                 ? 
_refine.pdbx_ls_sigma_I                          ? 
_refine.pdbx_ls_sigma_F                          2.030 
_refine.pdbx_ls_sigma_Fsqd                       ? 
_refine.pdbx_data_cutoff_high_absF               ? 
_refine.pdbx_data_cutoff_high_rms_absF           ? 
_refine.pdbx_data_cutoff_low_absF                ? 
_refine.pdbx_isotropic_thermal_model             ? 
_refine.pdbx_ls_cross_valid_method               THROUGHOUT 
_refine.pdbx_method_to_determine_struct          'MOLECULAR REPLACEMENT' 
_refine.pdbx_starting_model                      6x8c 
_refine.pdbx_stereochemistry_target_values       ML 
_refine.pdbx_R_Free_selection_details            ? 
_refine.pdbx_stereochem_target_val_spec_case     ? 
_refine.pdbx_overall_ESU_R                       ? 
_refine.pdbx_overall_ESU_R_Free                  ? 
_refine.pdbx_solvent_vdw_probe_radii             1.1100 
_refine.pdbx_solvent_ion_probe_radii             ? 
_refine.pdbx_solvent_shrinkage_radii             0.9000 
_refine.pdbx_real_space_R                        ? 
_refine.pdbx_density_correlation                 ? 
_refine.pdbx_pd_number_of_powder_patterns        ? 
_refine.pdbx_pd_number_of_points                 ? 
_refine.pdbx_pd_meas_number_of_points            ? 
_refine.pdbx_pd_proc_ls_prof_R_factor            ? 
_refine.pdbx_pd_proc_ls_prof_wR_factor           ? 
_refine.pdbx_pd_Marquardt_correlation_coeff      ? 
_refine.pdbx_pd_Fsqrd_R_factor                   ? 
_refine.pdbx_pd_ls_matrix_band_width             ? 
_refine.pdbx_overall_phase_error                 39.8100 
_refine.pdbx_overall_SU_R_free_Cruickshank_DPI   ? 
_refine.pdbx_overall_SU_R_free_Blow_DPI          ? 
_refine.pdbx_overall_SU_R_Blow_DPI               ? 
_refine.pdbx_TLS_residual_ADP_flag               ? 
_refine.pdbx_diffrn_id                           1 
_refine.overall_SU_B                             ? 
_refine.overall_SU_ML                            0.3700 
_refine.overall_SU_R_Cruickshank_DPI             ? 
_refine.overall_SU_R_free                        ? 
_refine.overall_FOM_free_R_set                   ? 
_refine.overall_FOM_work_R_set                   ? 
_refine.pdbx_average_fsc_overall                 ? 
_refine.pdbx_average_fsc_work                    ? 
_refine.pdbx_average_fsc_free                    ? 
# 
_refine_hist.pdbx_refine_id                   'X-RAY DIFFRACTION' 
_refine_hist.cycle_id                         final 
_refine_hist.details                          ? 
_refine_hist.d_res_high                       3.0030 
_refine_hist.d_res_low                        34.4660 
_refine_hist.number_atoms_solvent             0 
_refine_hist.number_atoms_total               858 
_refine_hist.number_reflns_all                ? 
_refine_hist.number_reflns_obs                ? 
_refine_hist.number_reflns_R_free             ? 
_refine_hist.number_reflns_R_work             ? 
_refine_hist.R_factor_all                     ? 
_refine_hist.R_factor_obs                     ? 
_refine_hist.R_factor_R_free                  ? 
_refine_hist.R_factor_R_work                  ? 
_refine_hist.pdbx_number_residues_total       42 
_refine_hist.pdbx_B_iso_mean_ligand           145.78 
_refine_hist.pdbx_B_iso_mean_solvent          ? 
_refine_hist.pdbx_number_atoms_protein        0 
_refine_hist.pdbx_number_atoms_nucleic_acid   855 
_refine_hist.pdbx_number_atoms_ligand         3 
_refine_hist.pdbx_number_atoms_lipid          ? 
_refine_hist.pdbx_number_atoms_carb           ? 
_refine_hist.pdbx_pseudo_atom_details         ? 
# 
loop_
_refine_ls_restr.pdbx_refine_id 
_refine_ls_restr.criterion 
_refine_ls_restr.dev_ideal 
_refine_ls_restr.dev_ideal_target 
_refine_ls_restr.number 
_refine_ls_restr.rejects 
_refine_ls_restr.type 
_refine_ls_restr.weight 
_refine_ls_restr.pdbx_restraint_function 
'X-RAY DIFFRACTION' ? 0.007  ? 956  ? f_bond_d           ? ? 
'X-RAY DIFFRACTION' ? 0.765  ? 1467 ? f_angle_d          ? ? 
'X-RAY DIFFRACTION' ? 0.037  ? 166  ? f_chiral_restr     ? ? 
'X-RAY DIFFRACTION' ? 0.005  ? 42   ? f_plane_restr      ? ? 
'X-RAY DIFFRACTION' ? 35.135 ? 406  ? f_dihedral_angle_d ? ? 
# 
loop_
_refine_ls_shell.pdbx_refine_id 
_refine_ls_shell.d_res_high 
_refine_ls_shell.d_res_low 
_refine_ls_shell.number_reflns_all 
_refine_ls_shell.number_reflns_obs 
_refine_ls_shell.number_reflns_R_free 
_refine_ls_shell.number_reflns_R_work 
_refine_ls_shell.percent_reflns_obs 
_refine_ls_shell.percent_reflns_R_free 
_refine_ls_shell.R_factor_all 
_refine_ls_shell.R_factor_obs 
_refine_ls_shell.R_factor_R_free 
_refine_ls_shell.R_factor_R_free_error 
_refine_ls_shell.R_factor_R_work 
_refine_ls_shell.redundancy_reflns_all 
_refine_ls_shell.redundancy_reflns_obs 
_refine_ls_shell.wR_factor_all 
_refine_ls_shell.wR_factor_obs 
_refine_ls_shell.wR_factor_R_free 
_refine_ls_shell.wR_factor_R_work 
_refine_ls_shell.pdbx_R_complete 
_refine_ls_shell.pdbx_total_number_of_bins_used 
_refine_ls_shell.pdbx_phase_error 
_refine_ls_shell.pdbx_fsc_work 
_refine_ls_shell.pdbx_fsc_free 
'X-RAY DIFFRACTION' 3.0034 3.3055  . . 147 1286 90.0000  . . . 0.3684 0.0000 0.3221 . . . . . . . . . . . 
'X-RAY DIFFRACTION' 3.3055 3.7833  . . 149 1388 96.0000  . . . 0.3827 0.0000 0.2752 . . . . . . . . . . . 
'X-RAY DIFFRACTION' 3.7833 4.7645  . . 155 1446 100.0000 . . . 0.3218 0.0000 0.2897 . . . . . . . . . . . 
'X-RAY DIFFRACTION' 4.7645 34.4660 . . 158 1428 99.0000  . . . 0.2018 0.0000 0.1825 . . . . . . . . . . . 
# 
_struct.entry_id                     6XDV 
_struct.title                        
'Self-assembly of a 3D DNA crystal lattice (4x5 junction version) containing the J3 immobile Holliday junction' 
_struct.pdbx_model_details           ? 
_struct.pdbx_formula_weight          ? 
_struct.pdbx_formula_weight_method   ? 
_struct.pdbx_model_type_details      ? 
_struct.pdbx_CASP_flag               N 
# 
_struct_keywords.entry_id        6XDV 
_struct_keywords.text            
'Structural DNA nanotechnology, immobile Holliday junctions, 3D DNA self-assembly, designer DNA crystals, DNA' 
_struct_keywords.pdbx_keywords   DNA 
# 
loop_
_struct_asym.id 
_struct_asym.pdbx_blank_PDB_chainid_flag 
_struct_asym.pdbx_modified 
_struct_asym.entity_id 
_struct_asym.details 
A N N 1 ? 
B N N 2 ? 
C N N 3 ? 
D N N 4 ? 
E N N 5 ? 
F N N 5 ? 
G N N 5 ? 
# 
loop_
_struct_conn.id 
_struct_conn.conn_type_id 
_struct_conn.pdbx_leaving_atom_flag 
_struct_conn.pdbx_PDB_id 
_struct_conn.ptnr1_label_asym_id 
_struct_conn.ptnr1_label_comp_id 
_struct_conn.ptnr1_label_seq_id 
_struct_conn.ptnr1_label_atom_id 
_struct_conn.pdbx_ptnr1_label_alt_id 
_struct_conn.pdbx_ptnr1_PDB_ins_code 
_struct_conn.pdbx_ptnr1_standard_comp_id 
_struct_conn.ptnr1_symmetry 
_struct_conn.ptnr2_label_asym_id 
_struct_conn.ptnr2_label_comp_id 
_struct_conn.ptnr2_label_seq_id 
_struct_conn.ptnr2_label_atom_id 
_struct_conn.pdbx_ptnr2_label_alt_id 
_struct_conn.pdbx_ptnr2_PDB_ins_code 
_struct_conn.ptnr1_auth_asym_id 
_struct_conn.ptnr1_auth_comp_id 
_struct_conn.ptnr1_auth_seq_id 
_struct_conn.ptnr2_auth_asym_id 
_struct_conn.ptnr2_auth_comp_id 
_struct_conn.ptnr2_auth_seq_id 
_struct_conn.ptnr2_symmetry 
_struct_conn.pdbx_ptnr3_label_atom_id 
_struct_conn.pdbx_ptnr3_label_seq_id 
_struct_conn.pdbx_ptnr3_label_comp_id 
_struct_conn.pdbx_ptnr3_label_asym_id 
_struct_conn.pdbx_ptnr3_label_alt_id 
_struct_conn.pdbx_ptnr3_PDB_ins_code 
_struct_conn.details 
_struct_conn.pdbx_dist_value 
_struct_conn.pdbx_value_order 
_struct_conn.pdbx_role 
hydrog1  hydrog ? ? A DG 3  N2 ? ? ? 1_555 D DC 16 N3 ? ? A DG 3  D DC 16 1_555 ? ? ? ? ? ? 'DG-DC PAIR' ? ? ? 
hydrog2  hydrog ? ? A DC 4  O2 ? ? ? 1_555 D DG 15 N2 ? ? A DC 4  D DG 15 1_555 ? ? ? ? ? ? 'DC-DG PAIR' ? ? ? 
hydrog3  hydrog ? ? A DA 5  N1 ? ? ? 1_555 D DT 14 N3 ? ? A DA 5  D DT 14 1_555 ? ? ? ? ? ? WATSON-CRICK ? ? ? 
hydrog4  hydrog ? ? A DA 5  N6 ? ? ? 1_555 D DT 14 O4 ? ? A DA 5  D DT 14 1_555 ? ? ? ? ? ? WATSON-CRICK ? ? ? 
hydrog5  hydrog ? ? A DG 6  O6 ? ? ? 1_555 D DC 13 N4 ? ? A DG 6  D DC 13 1_555 ? ? ? ? ? ? 'DG-DC PAIR' ? ? ? 
hydrog6  hydrog ? ? A DA 7  N1 ? ? ? 1_555 D DT 12 N3 ? ? A DA 7  D DT 12 1_555 ? ? ? ? ? ? WATSON-CRICK ? ? ? 
hydrog7  hydrog ? ? A DA 7  N6 ? ? ? 1_555 D DT 12 O4 ? ? A DA 7  D DT 12 1_555 ? ? ? ? ? ? WATSON-CRICK ? ? ? 
hydrog8  hydrog ? ? A DC 8  N3 ? ? ? 1_555 D DG 11 N1 ? ? A DC 8  D DG 11 1_555 ? ? ? ? ? ? WATSON-CRICK ? ? ? 
hydrog9  hydrog ? ? A DC 8  N4 ? ? ? 1_555 D DG 11 O6 ? ? A DC 8  D DG 11 1_555 ? ? ? ? ? ? WATSON-CRICK ? ? ? 
hydrog10 hydrog ? ? A DC 8  O2 ? ? ? 1_555 D DG 11 N2 ? ? A DC 8  D DG 11 1_555 ? ? ? ? ? ? WATSON-CRICK ? ? ? 
hydrog11 hydrog ? ? A DG 9  N1 ? ? ? 1_555 D DC 10 N3 ? ? A DG 9  D DC 10 1_555 ? ? ? ? ? ? WATSON-CRICK ? ? ? 
hydrog12 hydrog ? ? A DG 9  N2 ? ? ? 1_555 D DC 10 O2 ? ? A DG 9  D DC 10 1_555 ? ? ? ? ? ? WATSON-CRICK ? ? ? 
hydrog13 hydrog ? ? A DG 9  O6 ? ? ? 1_555 D DC 10 N4 ? ? A DG 9  D DC 10 1_555 ? ? ? ? ? ? WATSON-CRICK ? ? ? 
hydrog14 hydrog ? ? A DT 10 N3 ? ? ? 1_555 C DA 2  N1 ? ? A DT 10 C DA 2  1_555 ? ? ? ? ? ? WATSON-CRICK ? ? ? 
hydrog15 hydrog ? ? A DT 10 O4 ? ? ? 1_555 C DA 2  N6 ? ? A DT 10 C DA 2  1_555 ? ? ? ? ? ? WATSON-CRICK ? ? ? 
hydrog16 hydrog ? ? A DG 11 N1 ? ? ? 1_555 C DC 1  N3 ? ? A DG 11 C DC 1  1_555 ? ? ? ? ? ? WATSON-CRICK ? ? ? 
hydrog17 hydrog ? ? A DG 11 N2 ? ? ? 1_555 C DC 1  O2 ? ? A DG 11 C DC 1  1_555 ? ? ? ? ? ? WATSON-CRICK ? ? ? 
hydrog18 hydrog ? ? A DG 11 O6 ? ? ? 1_555 C DC 1  N4 ? ? A DG 11 C DC 1  1_555 ? ? ? ? ? ? WATSON-CRICK ? ? ? 
hydrog19 hydrog ? ? B DA 1  N1 ? ? ? 1_555 C DG 4  N1 ? ? B DA 12 C DG 4  1_555 ? ? ? ? ? ? TYPE_8_PAIR  ? ? ? 
hydrog20 hydrog ? ? B DA 1  N6 ? ? ? 1_555 C DG 4  O6 ? ? B DA 12 C DG 4  1_555 ? ? ? ? ? ? TYPE_8_PAIR  ? ? ? 
hydrog21 hydrog ? ? B DA 1  N1 ? ? ? 1_555 C DT 5  N3 ? ? B DA 12 C DT 5  1_555 ? ? ? ? ? ? WATSON-CRICK ? ? ? 
hydrog22 hydrog ? ? B DA 1  N6 ? ? ? 1_555 C DT 5  O4 ? ? B DA 12 C DT 5  1_555 ? ? ? ? ? ? WATSON-CRICK ? ? ? 
hydrog23 hydrog ? ? B DC 2  N3 ? ? ? 1_555 C DG 4  N1 ? ? B DC 13 C DG 4  1_555 ? ? ? ? ? ? WATSON-CRICK ? ? ? 
hydrog24 hydrog ? ? B DC 2  N4 ? ? ? 1_555 C DG 4  O6 ? ? B DC 13 C DG 4  1_555 ? ? ? ? ? ? WATSON-CRICK ? ? ? 
hydrog25 hydrog ? ? B DC 2  O2 ? ? ? 1_555 C DG 4  N2 ? ? B DC 13 C DG 4  1_555 ? ? ? ? ? ? WATSON-CRICK ? ? ? 
hydrog26 hydrog ? ? B DT 3  N3 ? ? ? 1_555 C DA 3  N1 ? ? B DT 14 C DA 3  1_555 ? ? ? ? ? ? WATSON-CRICK ? ? ? 
hydrog27 hydrog ? ? B DT 3  O4 ? ? ? 1_555 C DA 3  N6 ? ? B DT 14 C DA 3  1_555 ? ? ? ? ? ? WATSON-CRICK ? ? ? 
hydrog28 hydrog ? ? B DC 4  N3 ? ? ? 1_555 D DG 9  N1 ? ? B DC 15 D DG 9  1_555 ? ? ? ? ? ? WATSON-CRICK ? ? ? 
hydrog29 hydrog ? ? B DC 4  N4 ? ? ? 1_555 D DG 9  O6 ? ? B DC 15 D DG 9  1_555 ? ? ? ? ? ? WATSON-CRICK ? ? ? 
hydrog30 hydrog ? ? B DC 4  O2 ? ? ? 1_555 D DG 9  N2 ? ? B DC 15 D DG 9  1_555 ? ? ? ? ? ? WATSON-CRICK ? ? ? 
hydrog31 hydrog ? ? B DC 5  O2 ? ? ? 1_555 D DG 8  N2 ? ? B DC 16 D DG 8  1_555 ? ? ? ? ? ? 'DC-DG PAIR' ? ? ? 
hydrog32 hydrog ? ? B DA 6  N1 ? ? ? 1_555 D DT 7  N3 ? ? B DA 17 D DT 7  1_555 ? ? ? ? ? ? 'DA-DT PAIR' ? ? ? 
hydrog33 hydrog ? ? B DC 7  N3 ? ? ? 1_555 D DG 6  N1 ? ? B DC 18 D DG 6  1_555 ? ? ? ? ? ? WATSON-CRICK ? ? ? 
hydrog34 hydrog ? ? B DC 7  N4 ? ? ? 1_555 D DG 6  O6 ? ? B DC 18 D DG 6  1_555 ? ? ? ? ? ? WATSON-CRICK ? ? ? 
hydrog35 hydrog ? ? B DC 7  O2 ? ? ? 1_555 D DG 6  N2 ? ? B DC 18 D DG 6  1_555 ? ? ? ? ? ? WATSON-CRICK ? ? ? 
hydrog36 hydrog ? ? B DT 8  N3 ? ? ? 1_555 D DA 5  N1 ? ? B DT 19 D DA 5  1_555 ? ? ? ? ? ? WATSON-CRICK ? ? ? 
hydrog37 hydrog ? ? B DT 8  O4 ? ? ? 1_555 D DA 5  N6 ? ? B DT 19 D DA 5  1_555 ? ? ? ? ? ? WATSON-CRICK ? ? ? 
hydrog38 hydrog ? ? B DC 9  N3 ? ? ? 1_555 D DG 4  N1 ? ? B DC 20 D DG 4  1_555 ? ? ? ? ? ? WATSON-CRICK ? ? ? 
hydrog39 hydrog ? ? B DC 9  N4 ? ? ? 1_555 D DG 4  O6 ? ? B DC 20 D DG 4  1_555 ? ? ? ? ? ? WATSON-CRICK ? ? ? 
hydrog40 hydrog ? ? B DC 9  O2 ? ? ? 1_555 D DG 4  N2 ? ? B DC 20 D DG 4  1_555 ? ? ? ? ? ? WATSON-CRICK ? ? ? 
# 
_struct_conn_type.id          hydrog 
_struct_conn_type.criteria    ? 
_struct_conn_type.reference   ? 
# 
_atom_sites.entry_id                    6XDV 
_atom_sites.Cartn_transf_matrix[1][1]   ? 
_atom_sites.Cartn_transf_matrix[1][2]   ? 
_atom_sites.Cartn_transf_matrix[1][3]   ? 
_atom_sites.Cartn_transf_matrix[2][1]   ? 
_atom_sites.Cartn_transf_matrix[2][2]   ? 
_atom_sites.Cartn_transf_matrix[2][3]   ? 
_atom_sites.Cartn_transf_matrix[3][1]   ? 
_atom_sites.Cartn_transf_matrix[3][2]   ? 
_atom_sites.Cartn_transf_matrix[3][3]   ? 
_atom_sites.Cartn_transf_vector[1]      ? 
_atom_sites.Cartn_transf_vector[2]      ? 
_atom_sites.Cartn_transf_vector[3]      ? 
_atom_sites.fract_transf_matrix[1][1]   -0.01333687 
_atom_sites.fract_transf_matrix[1][2]   0.00340208 
_atom_sites.fract_transf_matrix[1][3]   0.00954799 
_atom_sites.fract_transf_matrix[2][1]   -0.01082304 
_atom_sites.fract_transf_matrix[2][2]   -0.01217129 
_atom_sites.fract_transf_matrix[2][3]   0.00391376 
_atom_sites.fract_transf_matrix[3][1]   0.00877396 
_atom_sites.fract_transf_matrix[3][2]   -0.00346423 
_atom_sites.fract_transf_matrix[3][3]   0.01349004 
_atom_sites.fract_transf_vector[1]      0.204858 
_atom_sites.fract_transf_vector[2]      0.378283 
_atom_sites.fract_transf_vector[3]      0.086805 
_atom_sites.solution_primary            ? 
_atom_sites.solution_secondary          ? 
_atom_sites.solution_hydrogens          ? 
_atom_sites.special_details             ? 
# 
loop_
_atom_type.symbol 
AS 
C  
N  
O  
P  
# 
loop_
_atom_site.group_PDB 
_atom_site.id 
_atom_site.type_symbol 
_atom_site.label_atom_id 
_atom_site.label_alt_id 
_atom_site.label_comp_id 
_atom_site.label_asym_id 
_atom_site.label_entity_id 
_atom_site.label_seq_id 
_atom_site.pdbx_PDB_ins_code 
_atom_site.Cartn_x 
_atom_site.Cartn_y 
_atom_site.Cartn_z 
_atom_site.occupancy 
_atom_site.B_iso_or_equiv 
_atom_site.pdbx_formal_charge 
_atom_site.auth_seq_id 
_atom_site.auth_comp_id 
_atom_site.auth_asym_id 
_atom_site.auth_atom_id 
_atom_site.pdbx_PDB_model_num 
ATOM   1   O  "O5'" . DG  A 1 1  ? 5.255   16.284  17.577  1.00 210.88 ? 1   DG  A "O5'" 1 
ATOM   2   C  "C5'" . DG  A 1 1  ? 4.468   17.365  18.069  1.00 209.90 ? 1   DG  A "C5'" 1 
ATOM   3   C  "C4'" . DG  A 1 1  ? 4.535   18.550  17.123  1.00 206.61 ? 1   DG  A "C4'" 1 
ATOM   4   O  "O4'" . DG  A 1 1  ? 5.891   19.044  17.068  1.00 198.03 ? 1   DG  A "O4'" 1 
ATOM   5   C  "C3'" . DG  A 1 1  ? 4.180   18.233  15.682  1.00 208.09 ? 1   DG  A "C3'" 1 
ATOM   6   O  "O3'" . DG  A 1 1  ? 2.769   18.329  15.498  1.00 213.70 ? 1   DG  A "O3'" 1 
ATOM   7   C  "C2'" . DG  A 1 1  ? 4.918   19.327  14.911  1.00 203.05 ? 1   DG  A "C2'" 1 
ATOM   8   C  "C1'" . DG  A 1 1  ? 6.131   19.634  15.804  1.00 196.28 ? 1   DG  A "C1'" 1 
ATOM   9   N  N9    . DG  A 1 1  ? 7.414   19.138  15.294  1.00 189.58 ? 1   DG  A N9    1 
ATOM   10  C  C8    . DG  A 1 1  ? 8.445   18.615  16.039  1.00 186.48 ? 1   DG  A C8    1 
ATOM   11  N  N7    . DG  A 1 1  ? 9.477   18.258  15.326  1.00 182.90 ? 1   DG  A N7    1 
ATOM   12  C  C5    . DG  A 1 1  ? 9.116   18.570  14.022  1.00 184.76 ? 1   DG  A C5    1 
ATOM   13  C  C6    . DG  A 1 1  ? 9.838   18.410  12.814  1.00 185.58 ? 1   DG  A C6    1 
ATOM   14  O  O6    . DG  A 1 1  ? 10.977  17.943  12.655  1.00 185.44 ? 1   DG  A O6    1 
ATOM   15  N  N1    . DG  A 1 1  ? 9.105   18.854  11.713  1.00 187.74 ? 1   DG  A N1    1 
ATOM   16  C  C2    . DG  A 1 1  ? 7.838   19.387  11.774  1.00 189.58 ? 1   DG  A C2    1 
ATOM   17  N  N2    . DG  A 1 1  ? 7.287   19.761  10.608  1.00 190.71 ? 1   DG  A N2    1 
ATOM   18  N  N3    . DG  A 1 1  ? 7.156   19.546  12.898  1.00 189.55 ? 1   DG  A N3    1 
ATOM   19  C  C4    . DG  A 1 1  ? 7.850   19.116  13.982  1.00 187.76 ? 1   DG  A C4    1 
ATOM   20  P  P     . DA  A 1 2  ? 2.013   17.351  14.471  1.00 235.40 ? 2   DA  A P     1 
ATOM   21  O  OP1   . DA  A 1 2  ? 0.566   17.425  14.767  1.00 234.19 ? 2   DA  A OP1   1 
ATOM   22  O  OP2   . DA  A 1 2  ? 2.702   16.042  14.498  1.00 226.45 ? 2   DA  A OP2   1 
ATOM   23  O  "O5'" . DA  A 1 2  ? 2.268   18.019  13.043  1.00 210.20 ? 2   DA  A "O5'" 1 
ATOM   24  C  "C5'" . DA  A 1 2  ? 1.400   17.722  11.962  1.00 207.67 ? 2   DA  A "C5'" 1 
ATOM   25  C  "C4'" . DA  A 1 2  ? 2.114   17.903  10.641  1.00 201.92 ? 2   DA  A "C4'" 1 
ATOM   26  O  "O4'" . DA  A 1 2  ? 3.531   18.120  10.890  1.00 198.92 ? 2   DA  A "O4'" 1 
ATOM   27  C  "C3'" . DA  A 1 2  ? 2.055   16.696  9.720   1.00 198.07 ? 2   DA  A "C3'" 1 
ATOM   28  O  "O3'" . DA  A 1 2  ? 2.225   17.107  8.372   1.00 196.05 ? 2   DA  A "O3'" 1 
ATOM   29  C  "C2'" . DA  A 1 2  ? 3.247   15.894  10.206  1.00 196.79 ? 2   DA  A "C2'" 1 
ATOM   30  C  "C1'" . DA  A 1 2  ? 4.265   17.003  10.429  1.00 195.89 ? 2   DA  A "C1'" 1 
ATOM   31  N  N9    . DA  A 1 2  ? 5.267   16.653  11.424  1.00 194.74 ? 2   DA  A N9    1 
ATOM   32  C  C8    . DA  A 1 2  ? 5.113   16.654  12.780  1.00 197.25 ? 2   DA  A C8    1 
ATOM   33  N  N7    . DA  A 1 2  ? 6.185   16.271  13.434  1.00 196.16 ? 2   DA  A N7    1 
ATOM   34  C  C5    . DA  A 1 2  ? 7.100   15.991  12.434  1.00 192.13 ? 2   DA  A C5    1 
ATOM   35  C  C6    . DA  A 1 2  ? 8.435   15.537  12.467  1.00 189.95 ? 2   DA  A C6    1 
ATOM   36  N  N6    . DA  A 1 2  ? 9.098   15.280  13.598  1.00 190.68 ? 2   DA  A N6    1 
ATOM   37  N  N1    . DA  A 1 2  ? 9.064   15.362  11.286  1.00 187.55 ? 2   DA  A N1    1 
ATOM   38  C  C2    . DA  A 1 2  ? 8.398   15.623  10.154  1.00 188.29 ? 2   DA  A C2    1 
ATOM   39  N  N3    . DA  A 1 2  ? 7.145   16.051  9.999   1.00 190.35 ? 2   DA  A N3    1 
ATOM   40  C  C4    . DA  A 1 2  ? 6.547   16.217  11.188  1.00 191.18 ? 2   DA  A C4    1 
ATOM   41  P  P     . DG  A 1 3  ? 2.018   16.060  7.168   1.00 192.42 ? 3   DG  A P     1 
ATOM   42  O  OP1   . DG  A 1 3  ? 2.102   16.810  5.896   1.00 190.16 ? 3   DG  A OP1   1 
ATOM   43  O  OP2   . DG  A 1 3  ? 0.826   15.241  7.476   1.00 195.58 ? 3   DG  A OP2   1 
ATOM   44  O  "O5'" . DG  A 1 3  ? 3.296   15.108  7.256   1.00 188.92 ? 3   DG  A "O5'" 1 
ATOM   45  C  "C5'" . DG  A 1 3  ? 4.585   15.627  6.980   1.00 186.62 ? 3   DG  A "C5'" 1 
ATOM   46  C  "C4'" . DG  A 1 3  ? 5.260   14.845  5.869   1.00 186.64 ? 3   DG  A "C4'" 1 
ATOM   47  O  "O4'" . DG  A 1 3  ? 6.468   14.241  6.377   1.00 183.25 ? 3   DG  A "O4'" 1 
ATOM   48  C  "C3'" . DG  A 1 3  ? 4.456   13.686  5.309   1.00 188.82 ? 3   DG  A "C3'" 1 
ATOM   49  O  "O3'" . DG  A 1 3  ? 4.897   13.396  3.984   1.00 191.05 ? 3   DG  A "O3'" 1 
ATOM   50  C  "C2'" . DG  A 1 3  ? 4.794   12.551  6.275   1.00 185.52 ? 3   DG  A "C2'" 1 
ATOM   51  C  "C1'" . DG  A 1 3  ? 6.226   12.888  6.712   1.00 182.27 ? 3   DG  A "C1'" 1 
ATOM   52  N  N9    . DG  A 1 3  ? 6.446   12.730  8.145   1.00 180.54 ? 3   DG  A N9    1 
ATOM   53  C  C8    . DG  A 1 3  ? 5.569   13.039  9.158   1.00 182.62 ? 3   DG  A C8    1 
ATOM   54  N  N7    . DG  A 1 3  ? 6.042   12.789  10.348  1.00 183.31 ? 3   DG  A N7    1 
ATOM   55  C  C5    . DG  A 1 3  ? 7.315   12.285  10.109  1.00 180.12 ? 3   DG  A C5    1 
ATOM   56  C  C6    . DG  A 1 3  ? 8.305   11.841  11.016  1.00 179.32 ? 3   DG  A C6    1 
ATOM   57  O  O6    . DG  A 1 3  ? 8.251   11.803  12.255  1.00 180.23 ? 3   DG  A O6    1 
ATOM   58  N  N1    . DG  A 1 3  ? 9.454   11.407  10.351  1.00 177.74 ? 3   DG  A N1    1 
ATOM   59  C  C2    . DG  A 1 3  ? 9.619   11.406  8.983   1.00 177.01 ? 3   DG  A C2    1 
ATOM   60  N  N2    . DG  A 1 3  ? 10.792  10.944  8.524   1.00 176.37 ? 3   DG  A N2    1 
ATOM   61  N  N3    . DG  A 1 3  ? 8.698   11.821  8.125   1.00 176.56 ? 3   DG  A N3    1 
ATOM   62  C  C4    . DG  A 1 3  ? 7.576   12.245  8.756   1.00 178.65 ? 3   DG  A C4    1 
ATOM   63  P  P     . DC  A 1 4  ? 4.305   12.138  3.178   1.00 193.65 ? 4   DC  A P     1 
ATOM   64  O  OP1   . DC  A 1 4  ? 4.362   12.481  1.738   1.00 190.59 ? 4   DC  A OP1   1 
ATOM   65  O  OP2   . DC  A 1 4  ? 3.013   11.764  3.798   1.00 192.33 ? 4   DC  A OP2   1 
ATOM   66  O  "O5'" . DC  A 1 4  ? 5.365   10.971  3.458   1.00 186.68 ? 4   DC  A "O5'" 1 
ATOM   67  C  "C5'" . DC  A 1 4  ? 6.737   11.154  3.105   1.00 185.37 ? 4   DC  A "C5'" 1 
ATOM   68  C  "C4'" . DC  A 1 4  ? 7.585   9.994   3.601   1.00 183.57 ? 4   DC  A "C4'" 1 
ATOM   69  O  "O4'" . DC  A 1 4  ? 7.694   10.049  5.047   1.00 180.06 ? 4   DC  A "O4'" 1 
ATOM   70  C  "C3'" . DC  A 1 4  ? 7.043   8.597   3.263   1.00 180.31 ? 4   DC  A "C3'" 1 
ATOM   71  O  "O3'" . DC  A 1 4  ? 8.079   7.798   2.693   1.00 180.98 ? 4   DC  A "O3'" 1 
ATOM   72  C  "C2'" . DC  A 1 4  ? 6.589   8.047   4.620   1.00 173.55 ? 4   DC  A "C2'" 1 
ATOM   73  C  "C1'" . DC  A 1 4  ? 7.546   8.751   5.567   1.00 173.33 ? 4   DC  A "C1'" 1 
ATOM   74  N  N1    . DC  A 1 4  ? 7.046   8.857   6.968   1.00 169.75 ? 4   DC  A N1    1 
ATOM   75  C  C2    . DC  A 1 4  ? 7.896   8.533   8.031   1.00 166.83 ? 4   DC  A C2    1 
ATOM   76  O  O2    . DC  A 1 4  ? 9.052   8.164   7.787   1.00 165.73 ? 4   DC  A O2    1 
ATOM   77  N  N3    . DC  A 1 4  ? 7.428   8.635   9.301   1.00 166.60 ? 4   DC  A N3    1 
ATOM   78  C  C4    . DC  A 1 4  ? 6.175   9.039   9.521   1.00 169.68 ? 4   DC  A C4    1 
ATOM   79  N  N4    . DC  A 1 4  ? 5.757   9.124   10.787  1.00 170.59 ? 4   DC  A N4    1 
ATOM   80  C  C5    . DC  A 1 4  ? 5.294   9.373   8.449   1.00 171.40 ? 4   DC  A C5    1 
ATOM   81  C  C6    . DC  A 1 4  ? 5.767   9.267   7.202   1.00 172.70 ? 4   DC  A C6    1 
ATOM   82  P  P     . DA  A 1 5  ? 7.800   6.912   1.379   1.00 187.26 ? 5   DA  A P     1 
ATOM   83  O  OP1   . DA  A 1 5  ? 8.337   7.651   0.211   1.00 183.94 ? 5   DA  A OP1   1 
ATOM   84  O  OP2   . DA  A 1 5  ? 6.377   6.499   1.411   1.00 183.02 ? 5   DA  A OP2   1 
ATOM   85  O  "O5'" . DA  A 1 5  ? 8.696   5.604   1.601   1.00 178.99 ? 5   DA  A "O5'" 1 
ATOM   86  C  "C5'" . DA  A 1 5  ? 10.117  5.717   1.677   1.00 174.47 ? 5   DA  A "C5'" 1 
ATOM   87  C  "C4'" . DA  A 1 5  ? 10.678  4.806   2.758   1.00 171.87 ? 5   DA  A "C4'" 1 
ATOM   88  O  "O4'" . DA  A 1 5  ? 10.126  5.179   4.049   1.00 167.12 ? 5   DA  A "O4'" 1 
ATOM   89  C  "C3'" . DA  A 1 5  ? 10.382  3.310   2.577   1.00 170.31 ? 5   DA  A "C3'" 1 
ATOM   90  O  "O3'" . DA  A 1 5  ? 11.581  2.549   2.741   1.00 171.90 ? 5   DA  A "O3'" 1 
ATOM   91  C  "C2'" . DA  A 1 5  ? 9.368   3.003   3.681   1.00 163.79 ? 5   DA  A "C2'" 1 
ATOM   92  C  "C1'" . DA  A 1 5  ? 9.751   4.018   4.750   1.00 162.30 ? 5   DA  A "C1'" 1 
ATOM   93  N  N9    . DA  A 1 5  ? 8.651   4.355   5.655   1.00 160.15 ? 5   DA  A N9    1 
ATOM   94  C  C8    . DA  A 1 5  ? 7.392   4.757   5.305   1.00 161.62 ? 5   DA  A C8    1 
ATOM   95  N  N7    . DA  A 1 5  ? 6.604   4.993   6.330   1.00 156.13 ? 5   DA  A N7    1 
ATOM   96  C  C5    . DA  A 1 5  ? 7.402   4.729   7.429   1.00 151.59 ? 5   DA  A C5    1 
ATOM   97  C  C6    . DA  A 1 5  ? 7.156   4.791   8.814   1.00 149.37 ? 5   DA  A C6    1 
ATOM   98  N  N6    . DA  A 1 5  ? 5.982   5.155   9.337   1.00 149.21 ? 5   DA  A N6    1 
ATOM   99  N  N1    . DA  A 1 5  ? 8.168   4.461   9.643   1.00 149.53 ? 5   DA  A N1    1 
ATOM   100 C  C2    . DA  A 1 5  ? 9.343   4.096   9.115   1.00 151.60 ? 5   DA  A C2    1 
ATOM   101 N  N3    . DA  A 1 5  ? 9.694   4.000   7.832   1.00 151.96 ? 5   DA  A N3    1 
ATOM   102 C  C4    . DA  A 1 5  ? 8.668   4.333   7.033   1.00 154.56 ? 5   DA  A C4    1 
ATOM   103 P  P     . DG  A 1 6  ? 11.736  1.108   2.045   1.00 173.94 ? 6   DG  A P     1 
ATOM   104 O  OP1   . DG  A 1 6  ? 13.161  0.938   1.677   1.00 169.95 ? 6   DG  A OP1   1 
ATOM   105 O  OP2   . DG  A 1 6  ? 10.693  1.006   0.999   1.00 170.48 ? 6   DG  A OP2   1 
ATOM   106 O  "O5'" . DG  A 1 6  ? 11.383  0.072   3.220   1.00 165.87 ? 6   DG  A "O5'" 1 
ATOM   107 C  "C5'" . DG  A 1 6  ? 12.432  -0.610  3.915   1.00 161.36 ? 6   DG  A "C5'" 1 
ATOM   108 C  "C4'" . DG  A 1 6  ? 12.248  -0.509  5.422   1.00 158.80 ? 6   DG  A "C4'" 1 
ATOM   109 O  "O4'" . DG  A 1 6  ? 11.203  0.426   5.725   1.00 156.61 ? 6   DG  A "O4'" 1 
ATOM   110 C  "C3'" . DG  A 1 6  ? 11.798  -1.788  6.116   1.00 156.83 ? 6   DG  A "C3'" 1 
ATOM   111 O  "O3'" . DG  A 1 6  ? 12.926  -2.585  6.474   1.00 160.96 ? 6   DG  A "O3'" 1 
ATOM   112 C  "C2'" . DG  A 1 6  ? 11.057  -1.275  7.363   1.00 149.16 ? 6   DG  A "C2'" 1 
ATOM   113 C  "C1'" . DG  A 1 6  ? 10.816  0.206   7.059   1.00 150.63 ? 6   DG  A "C1'" 1 
ATOM   114 N  N9    . DG  A 1 6  ? 9.431   0.622   7.235   1.00 147.74 ? 6   DG  A N9    1 
ATOM   115 C  C8    . DG  A 1 6  ? 8.508   0.887   6.249   1.00 149.35 ? 6   DG  A C8    1 
ATOM   116 N  N7    . DG  A 1 6  ? 7.342   1.251   6.714   1.00 145.72 ? 6   DG  A N7    1 
ATOM   117 C  C5    . DG  A 1 6  ? 7.504   1.225   8.097   1.00 143.60 ? 6   DG  A C5    1 
ATOM   118 C  C6    . DG  A 1 6  ? 6.583   1.522   9.133   1.00 140.06 ? 6   DG  A C6    1 
ATOM   119 O  O6    . DG  A 1 6  ? 5.398   1.882   9.034   1.00 136.98 ? 6   DG  A O6    1 
ATOM   120 N  N1    . DG  A 1 6  ? 7.164   1.370   10.394  1.00 139.58 ? 6   DG  A N1    1 
ATOM   121 C  C2    . DG  A 1 6  ? 8.465   0.978   10.624  1.00 141.65 ? 6   DG  A C2    1 
ATOM   122 N  N2    . DG  A 1 6  ? 8.846   0.886   11.910  1.00 141.76 ? 6   DG  A N2    1 
ATOM   123 N  N3    . DG  A 1 6  ? 9.333   0.695   9.662   1.00 145.34 ? 6   DG  A N3    1 
ATOM   124 C  C4    . DG  A 1 6  ? 8.785   0.839   8.428   1.00 145.96 ? 6   DG  A C4    1 
ATOM   125 P  P     . DA  A 1 7  ? 12.727  -4.131  6.878   1.00 163.46 ? 7   DA  A P     1 
ATOM   126 O  OP1   . DA  A 1 7  ? 14.058  -4.781  6.880   1.00 155.90 ? 7   DA  A OP1   1 
ATOM   127 O  OP2   . DA  A 1 7  ? 11.658  -4.669  6.006   1.00 161.99 ? 7   DA  A OP2   1 
ATOM   128 O  "O5'" . DA  A 1 7  ? 12.146  -4.078  8.374   1.00 152.33 ? 7   DA  A "O5'" 1 
ATOM   129 C  "C5'" . DA  A 1 7  ? 12.885  -3.446  9.417   1.00 147.99 ? 7   DA  A "C5'" 1 
ATOM   130 C  "C4'" . DA  A 1 7  ? 12.110  -3.486  10.725  1.00 149.14 ? 7   DA  A "C4'" 1 
ATOM   131 O  "O4'" . DA  A 1 7  ? 10.971  -2.581  10.655  1.00 145.99 ? 7   DA  A "O4'" 1 
ATOM   132 C  "C3'" . DA  A 1 7  ? 11.541  -4.862  11.100  1.00 147.13 ? 7   DA  A "C3'" 1 
ATOM   133 O  "O3'" . DA  A 1 7  ? 11.875  -5.186  12.446  1.00 147.93 ? 7   DA  A "O3'" 1 
ATOM   134 C  "C2'" . DA  A 1 7  ? 10.032  -4.691  10.931  1.00 140.21 ? 7   DA  A "C2'" 1 
ATOM   135 C  "C1'" . DA  A 1 7  ? 9.854   -3.213  11.231  1.00 140.36 ? 7   DA  A "C1'" 1 
ATOM   136 N  N9    . DA  A 1 7  ? 8.644   -2.664  10.637  1.00 136.01 ? 7   DA  A N9    1 
ATOM   137 C  C8    . DA  A 1 7  ? 8.377   -2.519  9.306   1.00 136.03 ? 7   DA  A C8    1 
ATOM   138 N  N7    . DA  A 1 7  ? 7.195   -2.011  9.055   1.00 131.49 ? 7   DA  A N7    1 
ATOM   139 C  C5    . DA  A 1 7  ? 6.646   -1.813  10.310  1.00 129.24 ? 7   DA  A C5    1 
ATOM   140 C  C6    . DA  A 1 7  ? 5.405   -1.301  10.729  1.00 126.67 ? 7   DA  A C6    1 
ATOM   141 N  N6    . DA  A 1 7  ? 4.463   -0.875  9.882   1.00 125.31 ? 7   DA  A N6    1 
ATOM   142 N  N1    . DA  A 1 7  ? 5.169   -1.244  12.059  1.00 125.49 ? 7   DA  A N1    1 
ATOM   143 C  C2    . DA  A 1 7  ? 6.118   -1.672  12.901  1.00 127.21 ? 7   DA  A C2    1 
ATOM   144 N  N3    . DA  A 1 7  ? 7.321   -2.170  12.625  1.00 129.43 ? 7   DA  A N3    1 
ATOM   145 C  C4    . DA  A 1 7  ? 7.524   -2.216  11.298  1.00 131.76 ? 7   DA  A C4    1 
ATOM   146 P  P     . DC  A 1 8  ? 11.379  -6.577  13.078  1.00 154.12 ? 8   DC  A P     1 
ATOM   147 O  OP1   . DC  A 1 8  ? 12.236  -6.903  14.241  1.00 149.49 ? 8   DC  A OP1   1 
ATOM   148 O  OP2   . DC  A 1 8  ? 11.272  -7.530  11.947  1.00 153.86 ? 8   DC  A OP2   1 
ATOM   149 O  "O5'" . DC  A 1 8  ? 9.901   -6.263  13.612  1.00 140.79 ? 8   DC  A "O5'" 1 
ATOM   150 C  "C5'" . DC  A 1 8  ? 9.717   -5.586  14.844  1.00 136.39 ? 8   DC  A "C5'" 1 
ATOM   151 C  "C4'" . DC  A 1 8  ? 8.247   -5.538  15.215  1.00 135.90 ? 8   DC  A "C4'" 1 
ATOM   152 O  "O4'" . DC  A 1 8  ? 7.491   -4.906  14.146  1.00 134.48 ? 8   DC  A "O4'" 1 
ATOM   153 C  "C3'" . DC  A 1 8  ? 7.575   -6.907  15.450  1.00 138.21 ? 8   DC  A "C3'" 1 
ATOM   154 O  "O3'" . DC  A 1 8  ? 6.913   -6.915  16.724  1.00 139.38 ? 8   DC  A "O3'" 1 
ATOM   155 C  "C2'" . DC  A 1 8  ? 6.574   -7.014  14.292  1.00 132.48 ? 8   DC  A "C2'" 1 
ATOM   156 C  "C1'" . DC  A 1 8  ? 6.246   -5.553  14.072  1.00 133.62 ? 8   DC  A "C1'" 1 
ATOM   157 N  N1    . DC  A 1 8  ? 5.602   -5.268  12.759  1.00 126.72 ? 8   DC  A N1    1 
ATOM   158 C  C2    . DC  A 1 8  ? 4.306   -4.723  12.729  1.00 121.70 ? 8   DC  A C2    1 
ATOM   159 O  O2    . DC  A 1 8  ? 3.725   -4.483  13.801  1.00 119.60 ? 8   DC  A O2    1 
ATOM   160 N  N3    . DC  A 1 8  ? 3.730   -4.470  11.527  1.00 115.69 ? 8   DC  A N3    1 
ATOM   161 C  C4    . DC  A 1 8  ? 4.391   -4.749  10.400  1.00 113.29 ? 8   DC  A C4    1 
ATOM   162 N  N4    . DC  A 1 8  ? 3.786   -4.486  9.237   1.00 109.90 ? 8   DC  A N4    1 
ATOM   163 C  C5    . DC  A 1 8  ? 5.704   -5.308  10.415  1.00 114.24 ? 8   DC  A C5    1 
ATOM   164 C  C6    . DC  A 1 8  ? 6.264   -5.550  11.603  1.00 119.00 ? 8   DC  A C6    1 
ATOM   165 P  P     . DG  A 1 9  ? 6.167   -8.237  17.261  1.00 147.24 ? 9   DG  A P     1 
ATOM   166 O  OP1   . DG  A 1 9  ? 6.777   -8.605  18.560  1.00 148.02 ? 9   DG  A OP1   1 
ATOM   167 O  OP2   . DG  A 1 9  ? 6.143   -9.242  16.173  1.00 135.93 ? 9   DG  A OP2   1 
ATOM   168 O  "O5'" . DG  A 1 9  ? 4.680   -7.735  17.587  1.00 128.91 ? 9   DG  A "O5'" 1 
ATOM   169 C  "C5'" . DG  A 1 9  ? 4.027   -6.809  16.726  1.00 125.48 ? 9   DG  A "C5'" 1 
ATOM   170 C  "C4'" . DG  A 1 9  ? 2.627   -6.527  17.227  1.00 123.04 ? 9   DG  A "C4'" 1 
ATOM   171 O  "O4'" . DG  A 1 9  ? 1.854   -5.906  16.168  1.00 121.68 ? 9   DG  A "O4'" 1 
ATOM   172 C  "C3'" . DG  A 1 9  ? 1.843   -7.767  17.593  1.00 122.49 ? 9   DG  A "C3'" 1 
ATOM   173 O  "O3'" . DG  A 1 9  ? 0.784   -7.434  18.462  1.00 125.98 ? 9   DG  A "O3'" 1 
ATOM   174 C  "C2'" . DG  A 1 9  ? 1.323   -8.208  16.232  1.00 119.88 ? 9   DG  A "C2'" 1 
ATOM   175 C  "C1'" . DG  A 1 9  ? 0.968   -6.864  15.602  1.00 117.05 ? 9   DG  A "C1'" 1 
ATOM   176 N  N9    . DG  A 1 9  ? 1.118   -6.840  14.144  1.00 112.02 ? 9   DG  A N9    1 
ATOM   177 C  C8    . DG  A 1 9  ? 2.240   -7.165  13.421  1.00 109.13 ? 9   DG  A C8    1 
ATOM   178 N  N7    . DG  A 1 9  ? 2.082   -7.044  12.131  1.00 103.98 ? 9   DG  A N7    1 
ATOM   179 C  C5    . DG  A 1 9  ? 0.773   -6.606  11.987  1.00 96.96  ? 9   DG  A C5    1 
ATOM   180 C  C6    . DG  A 1 9  ? 0.040   -6.297  10.815  1.00 89.65  ? 9   DG  A C6    1 
ATOM   181 O  O6    . DG  A 1 9  ? 0.420   -6.359  9.635   1.00 86.93  ? 9   DG  A O6    1 
ATOM   182 N  N1    . DG  A 1 9  ? -1.262  -5.884  11.115  1.00 87.56  ? 9   DG  A N1    1 
ATOM   183 C  C2    . DG  A 1 9  ? -1.789  -5.793  12.396  1.00 96.55  ? 9   DG  A C2    1 
ATOM   184 N  N2    . DG  A 1 9  ? -3.065  -5.386  12.498  1.00 96.70  ? 9   DG  A N2    1 
ATOM   185 N  N3    . DG  A 1 9  ? -1.107  -6.079  13.500  1.00 101.32 ? 9   DG  A N3    1 
ATOM   186 C  C4    . DG  A 1 9  ? 0.163   -6.477  13.218  1.00 104.44 ? 9   DG  A C4    1 
ATOM   187 P  P     . DT  A 1 10 ? -0.249  -8.574  18.929  1.00 135.83 ? 10  DT  A P     1 
ATOM   188 O  OP1   . DT  A 1 10 ? -0.878  -8.148  20.206  1.00 126.17 ? 10  DT  A OP1   1 
ATOM   189 O  OP2   . DT  A 1 10 ? 0.474   -9.870  18.832  1.00 126.19 ? 10  DT  A OP2   1 
ATOM   190 O  "O5'" . DT  A 1 10 ? -1.376  -8.556  17.791  1.00 119.64 ? 10  DT  A "O5'" 1 
ATOM   191 C  "C5'" . DT  A 1 10 ? -2.063  -7.352  17.478  1.00 117.03 ? 10  DT  A "C5'" 1 
ATOM   192 C  "C4'" . DT  A 1 10 ? -3.492  -7.650  17.083  1.00 115.40 ? 10  DT  A "C4'" 1 
ATOM   193 O  "O4'" . DT  A 1 10 ? -3.638  -7.549  15.639  1.00 115.89 ? 10  DT  A "O4'" 1 
ATOM   194 C  "C3'" . DT  A 1 10 ? -3.961  -9.053  17.441  1.00 119.86 ? 10  DT  A "C3'" 1 
ATOM   195 O  "O3'" . DT  A 1 10 ? -5.341  -9.023  17.731  1.00 120.42 ? 10  DT  A "O3'" 1 
ATOM   196 C  "C2'" . DT  A 1 10 ? -3.676  -9.834  16.156  1.00 111.27 ? 10  DT  A "C2'" 1 
ATOM   197 C  "C1'" . DT  A 1 10 ? -4.051  -8.802  15.109  1.00 107.05 ? 10  DT  A "C1'" 1 
ATOM   198 N  N1    . DT  A 1 10 ? -3.378  -9.003  13.808  1.00 100.58 ? 10  DT  A N1    1 
ATOM   199 C  C2    . DT  A 1 10 ? -4.058  -8.695  12.650  1.00 100.03 ? 10  DT  A C2    1 
ATOM   200 O  O2    . DT  A 1 10 ? -5.209  -8.267  12.644  1.00 101.22 ? 10  DT  A O2    1 
ATOM   201 N  N3    . DT  A 1 10 ? -3.342  -8.912  11.489  1.00 89.91  ? 10  DT  A N3    1 
ATOM   202 C  C4    . DT  A 1 10 ? -2.045  -9.395  11.388  1.00 88.76  ? 10  DT  A C4    1 
ATOM   203 O  O4    . DT  A 1 10 ? -1.479  -9.554  10.303  1.00 82.87  ? 10  DT  A O4    1 
ATOM   204 C  C5    . DT  A 1 10 ? -1.399  -9.694  12.652  1.00 91.36  ? 10  DT  A C5    1 
ATOM   205 C  C7    . DT  A 1 10 ? 0.000   -10.218 12.681  1.00 92.03  ? 10  DT  A C7    1 
ATOM   206 C  C6    . DT  A 1 10 ? -2.092  -9.491  13.780  1.00 97.46  ? 10  DT  A C6    1 
ATOM   207 P  P     . DG  A 1 11 ? -6.045  -10.276 18.444  1.00 129.28 ? 11  DG  A P     1 
ATOM   208 O  OP1   . DG  A 1 11 ? -5.824  -10.105 19.901  1.00 123.92 ? 11  DG  A OP1   1 
ATOM   209 O  OP2   . DG  A 1 11 ? -5.600  -11.526 17.764  1.00 122.00 ? 11  DG  A OP2   1 
ATOM   210 O  "O5'" . DG  A 1 11 ? -7.598  -10.055 18.123  1.00 116.83 ? 11  DG  A "O5'" 1 
ATOM   211 C  "C5'" . DG  A 1 11 ? -7.985  -9.330  16.949  1.00 114.67 ? 11  DG  A "C5'" 1 
ATOM   212 C  "C4'" . DG  A 1 11 ? -8.543  -10.257 15.873  1.00 118.49 ? 11  DG  A "C4'" 1 
ATOM   213 O  "O4'" . DG  A 1 11 ? -7.780  -10.103 14.660  1.00 118.85 ? 11  DG  A "O4'" 1 
ATOM   214 C  "C3'" . DG  A 1 11 ? -8.474  -11.745 16.180  1.00 117.61 ? 11  DG  A "C3'" 1 
ATOM   215 O  "O3'" . DG  A 1 11 ? -9.632  -12.146 16.896  1.00 120.99 ? 11  DG  A "O3'" 1 
ATOM   216 C  "C2'" . DG  A 1 11 ? -8.438  -12.390 14.788  1.00 113.47 ? 11  DG  A "C2'" 1 
ATOM   217 C  "C1'" . DG  A 1 11 ? -7.933  -11.267 13.868  1.00 110.91 ? 11  DG  A "C1'" 1 
ATOM   218 N  N9    . DG  A 1 11 ? -6.654  -11.578 13.230  1.00 97.91  ? 11  DG  A N9    1 
ATOM   219 C  C8    . DG  A 1 11 ? -5.524  -12.040 13.856  1.00 100.16 ? 11  DG  A C8    1 
ATOM   220 N  N7    . DG  A 1 11 ? -4.520  -12.236 13.043  1.00 97.48  ? 11  DG  A N7    1 
ATOM   221 C  C5    . DG  A 1 11 ? -5.020  -11.889 11.793  1.00 90.95  ? 11  DG  A C5    1 
ATOM   222 C  C6    . DG  A 1 11 ? -4.382  -11.903 10.535  1.00 89.02  ? 11  DG  A C6    1 
ATOM   223 O  O6    . DG  A 1 11 ? -3.222  -12.245 10.283  1.00 92.38  ? 11  DG  A O6    1 
ATOM   224 N  N1    . DG  A 1 11 ? -5.228  -11.481 9.504   1.00 84.43  ? 11  DG  A N1    1 
ATOM   225 C  C2    . DG  A 1 11 ? -6.533  -11.091 9.672   1.00 90.40  ? 11  DG  A C2    1 
ATOM   226 N  N2    . DG  A 1 11 ? -7.184  -10.715 8.548   1.00 82.35  ? 11  DG  A N2    1 
ATOM   227 N  N3    . DG  A 1 11 ? -7.157  -11.071 10.867  1.00 93.74  ? 11  DG  A N3    1 
ATOM   228 C  C4    . DG  A 1 11 ? -6.334  -11.486 11.880  1.00 92.34  ? 11  DG  A C4    1 
ATOM   229 P  P     . DA  B 2 1  ? -17.080 -18.395 -8.206  1.00 129.57 ? 12  DA  B P     1 
ATOM   230 O  OP1   . DA  B 2 1  ? -17.504 -19.589 -8.981  1.00 117.66 ? 12  DA  B OP1   1 
ATOM   231 O  OP2   . DA  B 2 1  ? -15.636 -18.075 -8.050  1.00 123.71 ? 12  DA  B OP2   1 
ATOM   232 O  "O5'" . DA  B 2 1  ? -17.838 -17.097 -8.773  1.00 116.38 ? 12  DA  B "O5'" 1 
ATOM   233 C  "C5'" . DA  B 2 1  ? -17.781 -16.793 -10.171 1.00 114.20 ? 12  DA  B "C5'" 1 
ATOM   234 C  "C4'" . DA  B 2 1  ? -17.966 -15.305 -10.424 1.00 112.41 ? 12  DA  B "C4'" 1 
ATOM   235 O  "O4'" . DA  B 2 1  ? -18.046 -14.584 -9.157  1.00 112.57 ? 12  DA  B "O4'" 1 
ATOM   236 C  "C3'" . DA  B 2 1  ? -16.825 -14.639 -11.221 1.00 107.55 ? 12  DA  B "C3'" 1 
ATOM   237 O  "O3'" . DA  B 2 1  ? -17.331 -13.997 -12.408 1.00 110.12 ? 12  DA  B "O3'" 1 
ATOM   238 C  "C2'" . DA  B 2 1  ? -16.244 -13.619 -10.238 1.00 98.67  ? 12  DA  B "C2'" 1 
ATOM   239 C  "C1'" . DA  B 2 1  ? -17.435 -13.333 -9.346  1.00 101.29 ? 12  DA  B "C1'" 1 
ATOM   240 N  N9    . DA  B 2 1  ? -17.051 -12.752 -8.064  1.00 97.26  ? 12  DA  B N9    1 
ATOM   241 C  C8    . DA  B 2 1  ? -16.240 -13.306 -7.105  1.00 97.00  ? 12  DA  B C8    1 
ATOM   242 N  N7    . DA  B 2 1  ? -16.035 -12.522 -6.062  1.00 91.77  ? 12  DA  B N7    1 
ATOM   243 C  C5    . DA  B 2 1  ? -16.749 -11.368 -6.372  1.00 89.42  ? 12  DA  B C5    1 
ATOM   244 C  C6    . DA  B 2 1  ? -16.943 -10.154 -5.683  1.00 85.16  ? 12  DA  B C6    1 
ATOM   245 N  N6    . DA  B 2 1  ? -16.407 -9.898  -4.489  1.00 84.09  ? 12  DA  B N6    1 
ATOM   246 N  N1    . DA  B 2 1  ? -17.713 -9.209  -6.278  1.00 82.07  ? 12  DA  B N1    1 
ATOM   247 C  C2    . DA  B 2 1  ? -18.248 -9.473  -7.482  1.00 84.26  ? 12  DA  B C2    1 
ATOM   248 N  N3    . DA  B 2 1  ? -18.137 -10.576 -8.226  1.00 86.26  ? 12  DA  B N3    1 
ATOM   249 C  C4    . DA  B 2 1  ? -17.374 -11.494 -7.607  1.00 91.01  ? 12  DA  B C4    1 
ATOM   250 P  P     . DC  B 2 2  ? -16.352 -13.687 -13.658 1.00 126.03 ? 13  DC  B P     1 
ATOM   251 O  OP1   . DC  B 2 2  ? -17.080 -12.803 -14.606 1.00 112.31 ? 13  DC  B OP1   1 
ATOM   252 O  OP2   . DC  B 2 2  ? -15.801 -14.988 -14.116 1.00 125.67 ? 13  DC  B OP2   1 
ATOM   253 O  "O5'" . DC  B 2 2  ? -15.127 -12.874 -13.019 1.00 113.56 ? 13  DC  B "O5'" 1 
ATOM   254 C  "C5'" . DC  B 2 2  ? -14.854 -11.522 -13.419 1.00 111.43 ? 13  DC  B "C5'" 1 
ATOM   255 C  "C4'" . DC  B 2 2  ? -15.841 -10.535 -12.800 1.00 109.84 ? 13  DC  B "C4'" 1 
ATOM   256 O  "O4'" . DC  B 2 2  ? -15.971 -10.780 -11.391 1.00 102.22 ? 13  DC  B "O4'" 1 
ATOM   257 C  "C3'" . DC  B 2 2  ? -15.418 -9.083  -12.882 1.00 111.27 ? 13  DC  B "C3'" 1 
ATOM   258 O  "O3'" . DC  B 2 2  ? -15.755 -8.548  -14.143 1.00 121.46 ? 13  DC  B "O3'" 1 
ATOM   259 C  "C2'" . DC  B 2 2  ? -16.214 -8.431  -11.760 1.00 93.93  ? 13  DC  B "C2'" 1 
ATOM   260 C  "C1'" . DC  B 2 2  ? -16.341 -9.573  -10.741 1.00 95.70  ? 13  DC  B "C1'" 1 
ATOM   261 N  N1    . DC  B 2 2  ? -15.512 -9.435  -9.492  1.00 84.99  ? 13  DC  B N1    1 
ATOM   262 C  C2    . DC  B 2 2  ? -15.560 -8.259  -8.723  1.00 85.71  ? 13  DC  B C2    1 
ATOM   263 O  O2    . DC  B 2 2  ? -16.273 -7.312  -9.090  1.00 92.21  ? 13  DC  B O2    1 
ATOM   264 N  N3    . DC  B 2 2  ? -14.819 -8.186  -7.587  1.00 81.28  ? 13  DC  B N3    1 
ATOM   265 C  C4    . DC  B 2 2  ? -14.069 -9.222  -7.205  1.00 82.34  ? 13  DC  B C4    1 
ATOM   266 N  N4    . DC  B 2 2  ? -13.347 -9.094  -6.083  1.00 80.05  ? 13  DC  B N4    1 
ATOM   267 C  C5    . DC  B 2 2  ? -14.016 -10.426 -7.966  1.00 84.27  ? 13  DC  B C5    1 
ATOM   268 C  C6    . DC  B 2 2  ? -14.746 -10.489 -9.086  1.00 87.57  ? 13  DC  B C6    1 
ATOM   269 P  P     . DT  B 2 3  ? -14.664 -7.666  -14.917 1.00 132.46 ? 14  DT  B P     1 
ATOM   270 O  OP1   . DT  B 2 3  ? -14.999 -7.659  -16.365 1.00 122.31 ? 14  DT  B OP1   1 
ATOM   271 O  OP2   . DT  B 2 3  ? -13.357 -8.202  -14.456 1.00 116.94 ? 14  DT  B OP2   1 
ATOM   272 O  "O5'" . DT  B 2 3  ? -14.848 -6.207  -14.270 1.00 118.10 ? 14  DT  B "O5'" 1 
ATOM   273 C  "C5'" . DT  B 2 3  ? -16.164 -5.677  -14.087 1.00 116.12 ? 14  DT  B "C5'" 1 
ATOM   274 C  "C4'" . DT  B 2 3  ? -16.156 -4.512  -13.107 1.00 113.38 ? 14  DT  B "C4'" 1 
ATOM   275 O  "O4'" . DT  B 2 3  ? -15.738 -4.976  -11.794 1.00 109.98 ? 14  DT  B "O4'" 1 
ATOM   276 C  "C3'" . DT  B 2 3  ? -15.222 -3.351  -13.472 1.00 110.19 ? 14  DT  B "C3'" 1 
ATOM   277 O  "O3'" . DT  B 2 3  ? -15.912 -2.106  -13.319 1.00 117.93 ? 14  DT  B "O3'" 1 
ATOM   278 C  "C2'" . DT  B 2 3  ? -14.082 -3.487  -12.462 1.00 106.27 ? 14  DT  B "C2'" 1 
ATOM   279 C  "C1'" . DT  B 2 3  ? -14.803 -4.072  -11.260 1.00 101.50 ? 14  DT  B "C1'" 1 
ATOM   280 N  N1    . DT  B 2 3  ? -13.905 -4.814  -10.336 1.00 93.52  ? 14  DT  B N1    1 
ATOM   281 C  C2    . DT  B 2 3  ? -13.524 -4.224  -9.148  1.00 96.03  ? 14  DT  B C2    1 
ATOM   282 O  O2    . DT  B 2 3  ? -13.887 -3.104  -8.804  1.00 99.16  ? 14  DT  B O2    1 
ATOM   283 N  N3    . DT  B 2 3  ? -12.694 -4.998  -8.370  1.00 91.88  ? 14  DT  B N3    1 
ATOM   284 C  C4    . DT  B 2 3  ? -12.213 -6.272  -8.658  1.00 90.12  ? 14  DT  B C4    1 
ATOM   285 O  O4    . DT  B 2 3  ? -11.455 -6.890  -7.898  1.00 86.96  ? 14  DT  B O4    1 
ATOM   286 C  C5    . DT  B 2 3  ? -12.660 -6.822  -9.916  1.00 86.21  ? 14  DT  B C5    1 
ATOM   287 C  C7    . DT  B 2 3  ? -12.211 -8.184  -10.331 1.00 79.39  ? 14  DT  B C7    1 
ATOM   288 C  C6    . DT  B 2 3  ? -13.473 -6.078  -10.684 1.00 92.17  ? 14  DT  B C6    1 
ATOM   289 P  P     . DC  B 2 4  ? -15.240 -0.730  -13.809 1.00 122.31 ? 15  DC  B P     1 
ATOM   290 O  OP1   . DC  B 2 4  ? -16.326 0.268   -13.916 1.00 120.68 ? 15  DC  B OP1   1 
ATOM   291 O  OP2   . DC  B 2 4  ? -14.371 -1.051  -14.971 1.00 122.70 ? 15  DC  B OP2   1 
ATOM   292 O  "O5'" . DC  B 2 4  ? -14.298 -0.290  -12.590 1.00 113.02 ? 15  DC  B "O5'" 1 
ATOM   293 C  "C5'" . DC  B 2 4  ? -14.817 -0.229  -11.270 1.00 108.86 ? 15  DC  B "C5'" 1 
ATOM   294 C  "C4'" . DC  B 2 4  ? -13.951 0.656   -10.396 1.00 113.05 ? 15  DC  B "C4'" 1 
ATOM   295 O  "O4'" . DC  B 2 4  ? -13.160 -0.157  -9.488  1.00 110.60 ? 15  DC  B "O4'" 1 
ATOM   296 C  "C3'" . DC  B 2 4  ? -12.948 1.521   -11.147 1.00 120.64 ? 15  DC  B "C3'" 1 
ATOM   297 O  "O3'" . DC  B 2 4  ? -12.791 2.750   -10.461 1.00 123.71 ? 15  DC  B "O3'" 1 
ATOM   298 C  "C2'" . DC  B 2 4  ? -11.669 0.679   -11.098 1.00 114.88 ? 15  DC  B "C2'" 1 
ATOM   299 C  "C1'" . DC  B 2 4  ? -11.774 0.077   -9.706  1.00 110.68 ? 15  DC  B "C1'" 1 
ATOM   300 N  N1    . DC  B 2 4  ? -11.072 -1.221  -9.544  1.00 101.17 ? 15  DC  B N1    1 
ATOM   301 C  C2    . DC  B 2 4  ? -10.402 -1.499  -8.345  1.00 99.31  ? 15  DC  B C2    1 
ATOM   302 O  O2    . DC  B 2 4  ? -10.379 -0.640  -7.455  1.00 100.95 ? 15  DC  B O2    1 
ATOM   303 N  N3    . DC  B 2 4  ? -9.795  -2.704  -8.197  1.00 96.80  ? 15  DC  B N3    1 
ATOM   304 C  C4    . DC  B 2 4  ? -9.844  -3.607  -9.193  1.00 97.86  ? 15  DC  B C4    1 
ATOM   305 N  N4    . DC  B 2 4  ? -9.230  -4.786  -9.010  1.00 95.21  ? 15  DC  B N4    1 
ATOM   306 C  C5    . DC  B 2 4  ? -10.533 -3.341  -10.415 1.00 97.74  ? 15  DC  B C5    1 
ATOM   307 C  C6    . DC  B 2 4  ? -11.127 -2.147  -10.543 1.00 99.61  ? 15  DC  B C6    1 
ATOM   308 P  P     . DC  B 2 5  ? -12.229 4.039   -11.229 1.00 128.96 ? 16  DC  B P     1 
ATOM   309 O  OP1   . DC  B 2 5  ? -13.210 5.133   -11.035 1.00 125.58 ? 16  DC  B OP1   1 
ATOM   310 O  OP2   . DC  B 2 5  ? -11.831 3.607   -12.593 1.00 120.61 ? 16  DC  B OP2   1 
ATOM   311 O  "O5'" . DC  B 2 5  ? -10.928 4.412   -10.389 1.00 124.44 ? 16  DC  B "O5'" 1 
ATOM   312 C  "C5'" . DC  B 2 5  ? -10.992 4.446   -8.971  1.00 118.79 ? 16  DC  B "C5'" 1 
ATOM   313 C  "C4'" . DC  B 2 5  ? -9.597  4.501   -8.381  1.00 124.54 ? 16  DC  B "C4'" 1 
ATOM   314 O  "O4'" . DC  B 2 5  ? -9.021  3.168   -8.315  1.00 123.89 ? 16  DC  B "O4'" 1 
ATOM   315 C  "C3'" . DC  B 2 5  ? -8.589  5.334   -9.171  1.00 124.76 ? 16  DC  B "C3'" 1 
ATOM   316 O  "O3'" . DC  B 2 5  ? -7.727  5.943   -8.261  1.00 124.23 ? 16  DC  B "O3'" 1 
ATOM   317 C  "C2'" . DC  B 2 5  ? -7.850  4.273   -9.986  1.00 115.85 ? 16  DC  B "C2'" 1 
ATOM   318 C  "C1'" . DC  B 2 5  ? -7.751  3.184   -8.943  1.00 114.90 ? 16  DC  B "C1'" 1 
ATOM   319 N  N1    . DC  B 2 5  ? -7.506  1.849   -9.482  1.00 111.79 ? 16  DC  B N1    1 
ATOM   320 C  C2    . DC  B 2 5  ? -6.986  0.872   -8.636  1.00 111.60 ? 16  DC  B C2    1 
ATOM   321 O  O2    . DC  B 2 5  ? -6.733  1.176   -7.459  1.00 115.06 ? 16  DC  B O2    1 
ATOM   322 N  N3    . DC  B 2 5  ? -6.767  -0.374  -9.128  1.00 104.56 ? 16  DC  B N3    1 
ATOM   323 C  C4    . DC  B 2 5  ? -7.067  -0.649  -10.404 1.00 106.16 ? 16  DC  B C4    1 
ATOM   324 N  N4    . DC  B 2 5  ? -6.850  -1.896  -10.851 1.00 108.48 ? 16  DC  B N4    1 
ATOM   325 C  C5    . DC  B 2 5  ? -7.609  0.340   -11.276 1.00 103.10 ? 16  DC  B C5    1 
ATOM   326 C  C6    . DC  B 2 5  ? -7.811  1.564   -10.777 1.00 110.46 ? 16  DC  B C6    1 
ATOM   327 P  P     . DA  B 2 6  ? -6.960  7.288   -8.647  1.00 133.46 ? 17  DA  B P     1 
ATOM   328 O  OP1   . DA  B 2 6  ? -7.924  8.401   -8.463  1.00 132.95 ? 17  DA  B OP1   1 
ATOM   329 O  OP2   . DA  B 2 6  ? -6.305  7.065   -9.962  1.00 129.47 ? 17  DA  B OP2   1 
ATOM   330 O  "O5'" . DA  B 2 6  ? -5.827  7.388   -7.518  1.00 130.16 ? 17  DA  B "O5'" 1 
ATOM   331 C  "C5'" . DA  B 2 6  ? -6.179  7.235   -6.147  1.00 127.52 ? 17  DA  B "C5'" 1 
ATOM   332 C  "C4'" . DA  B 2 6  ? -5.054  6.586   -5.349  1.00 127.18 ? 17  DA  B "C4'" 1 
ATOM   333 O  "O4'" . DA  B 2 6  ? -4.793  5.250   -5.837  1.00 128.33 ? 17  DA  B "O4'" 1 
ATOM   334 C  "C3'" . DA  B 2 6  ? -3.714  7.301   -5.378  1.00 128.20 ? 17  DA  B "C3'" 1 
ATOM   335 O  "O3'" . DA  B 2 6  ? -3.064  7.110   -4.119  1.00 128.88 ? 17  DA  B "O3'" 1 
ATOM   336 C  "C2'" . DA  B 2 6  ? -2.979  6.609   -6.534  1.00 125.34 ? 17  DA  B "C2'" 1 
ATOM   337 C  "C1'" . DA  B 2 6  ? -3.525  5.185   -6.475  1.00 125.68 ? 17  DA  B "C1'" 1 
ATOM   338 N  N9    . DA  B 2 6  ? -3.753  4.578   -7.778  1.00 124.64 ? 17  DA  B N9    1 
ATOM   339 C  C8    . DA  B 2 6  ? -4.217  5.197   -8.907  1.00 123.62 ? 17  DA  B C8    1 
ATOM   340 N  N7    . DA  B 2 6  ? -4.375  4.387   -9.930  1.00 121.84 ? 17  DA  B N7    1 
ATOM   341 C  C5    . DA  B 2 6  ? -4.005  3.146   -9.430  1.00 119.73 ? 17  DA  B C5    1 
ATOM   342 C  C6    . DA  B 2 6  ? -3.948  1.861   -10.013 1.00 118.48 ? 17  DA  B C6    1 
ATOM   343 N  N6    . DA  B 2 6  ? -4.272  1.616   -11.290 1.00 113.75 ? 17  DA  B N6    1 
ATOM   344 N  N1    . DA  B 2 6  ? -3.530  0.837   -9.234  1.00 117.69 ? 17  DA  B N1    1 
ATOM   345 C  C2    . DA  B 2 6  ? -3.199  1.090   -7.958  1.00 117.49 ? 17  DA  B C2    1 
ATOM   346 N  N3    . DA  B 2 6  ? -3.216  2.251   -7.300  1.00 117.42 ? 17  DA  B N3    1 
ATOM   347 C  C4    . DA  B 2 6  ? -3.630  3.247   -8.100  1.00 120.68 ? 17  DA  B C4    1 
ATOM   348 P  P     . DC  B 2 7  ? -1.495  7.387   -3.943  1.00 133.47 ? 18  DC  B P     1 
ATOM   349 O  OP1   . DC  B 2 7  ? -1.228  7.484   -2.489  1.00 130.63 ? 18  DC  B OP1   1 
ATOM   350 O  OP2   . DC  B 2 7  ? -1.108  8.498   -4.845  1.00 138.72 ? 18  DC  B OP2   1 
ATOM   351 O  "O5'" . DC  B 2 7  ? -0.825  6.047   -4.478  1.00 129.21 ? 18  DC  B "O5'" 1 
ATOM   352 C  "C5'" . DC  B 2 7  ? 0.529   6.038   -4.816  1.00 133.43 ? 18  DC  B "C5'" 1 
ATOM   353 C  "C4'" . DC  B 2 7  ? 1.131   4.695   -4.503  1.00 137.18 ? 18  DC  B "C4'" 1 
ATOM   354 O  "O4'" . DC  B 2 7  ? 0.466   3.677   -5.293  1.00 131.05 ? 18  DC  B "O4'" 1 
ATOM   355 C  "C3'" . DC  B 2 7  ? 2.599   4.578   -4.848  1.00 140.40 ? 18  DC  B "C3'" 1 
ATOM   356 O  "O3'" . DC  B 2 7  ? 3.200   3.595   -4.020  1.00 142.32 ? 18  DC  B "O3'" 1 
ATOM   357 C  "C2'" . DC  B 2 7  ? 2.537   4.143   -6.309  1.00 140.81 ? 18  DC  B "C2'" 1 
ATOM   358 C  "C1'" . DC  B 2 7  ? 1.348   3.189   -6.286  1.00 135.47 ? 18  DC  B "C1'" 1 
ATOM   359 N  N1    . DC  B 2 7  ? 0.604   3.114   -7.574  1.00 133.06 ? 18  DC  B N1    1 
ATOM   360 C  C2    . DC  B 2 7  ? 0.348   1.864   -8.159  1.00 132.60 ? 18  DC  B C2    1 
ATOM   361 O  O2    . DC  B 2 7  ? 0.745   0.838   -7.595  1.00 135.29 ? 18  DC  B O2    1 
ATOM   362 N  N3    . DC  B 2 7  ? -0.334  1.816   -9.329  1.00 127.43 ? 18  DC  B N3    1 
ATOM   363 C  C4    . DC  B 2 7  ? -0.749  2.945   -9.905  1.00 128.21 ? 18  DC  B C4    1 
ATOM   364 N  N4    . DC  B 2 7  ? -1.411  2.853   -11.060 1.00 130.75 ? 18  DC  B N4    1 
ATOM   365 C  C5    . DC  B 2 7  ? -0.499  4.223   -9.323  1.00 127.73 ? 18  DC  B C5    1 
ATOM   366 C  C6    . DC  B 2 7  ? 0.174   4.260   -8.171  1.00 129.59 ? 18  DC  B C6    1 
ATOM   367 P  P     . DT  B 2 8  ? 4.775   3.301   -4.114  1.00 158.98 ? 19  DT  B P     1 
ATOM   368 O  OP1   . DT  B 2 8  ? 5.165   2.552   -2.895  1.00 154.21 ? 19  DT  B OP1   1 
ATOM   369 O  OP2   . DT  B 2 8  ? 5.463   4.565   -4.470  1.00 153.03 ? 19  DT  B OP2   1 
ATOM   370 O  "O5'" . DT  B 2 8  ? 4.889   2.314   -5.366  1.00 150.59 ? 19  DT  B "O5'" 1 
ATOM   371 C  "C5'" . DT  B 2 8  ? 4.082   1.148   -5.422  1.00 146.34 ? 19  DT  B "C5'" 1 
ATOM   372 C  "C4'" . DT  B 2 8  ? 4.932   -0.074  -5.663  1.00 149.56 ? 19  DT  B "C4'" 1 
ATOM   373 O  "O4'" . DT  B 2 8  ? 4.622   -0.625  -6.954  1.00 149.78 ? 19  DT  B "O4'" 1 
ATOM   374 C  "C3'" . DT  B 2 8  ? 6.418   0.187   -5.708  1.00 151.13 ? 19  DT  B "C3'" 1 
ATOM   375 O  "O3'" . DT  B 2 8  ? 7.106   -1.007  -5.401  1.00 150.04 ? 19  DT  B "O3'" 1 
ATOM   376 C  "C2'" . DT  B 2 8  ? 6.642   0.620   -7.165  1.00 155.06 ? 19  DT  B "C2'" 1 
ATOM   377 C  "C1'" . DT  B 2 8  ? 5.511   -0.097  -7.919  1.00 155.28 ? 19  DT  B "C1'" 1 
ATOM   378 N  N1    . DT  B 2 8  ? 4.716   0.790   -8.833  1.00 151.81 ? 19  DT  B N1    1 
ATOM   379 C  C2    . DT  B 2 8  ? 3.880   0.208   -9.757  1.00 149.49 ? 19  DT  B C2    1 
ATOM   380 O  O2    . DT  B 2 8  ? 3.765   -1.002  -9.882  1.00 148.91 ? 19  DT  B O2    1 
ATOM   381 N  N3    . DT  B 2 8  ? 3.182   1.092   -10.540 1.00 145.82 ? 19  DT  B N3    1 
ATOM   382 C  C4    . DT  B 2 8  ? 3.231   2.472   -10.488 1.00 143.99 ? 19  DT  B C4    1 
ATOM   383 O  O4    . DT  B 2 8  ? 2.562   3.183   -11.235 1.00 141.44 ? 19  DT  B O4    1 
ATOM   384 C  C5    . DT  B 2 8  ? 4.127   3.021   -9.495  1.00 144.63 ? 19  DT  B C5    1 
ATOM   385 C  C7    . DT  B 2 8  ? 4.268   4.506   -9.349  1.00 144.68 ? 19  DT  B C7    1 
ATOM   386 C  C6    . DT  B 2 8  ? 4.817   2.162   -8.722  1.00 148.27 ? 19  DT  B C6    1 
ATOM   387 P  P     . DC  B 2 9  ? 8.699   -1.001  -5.251  1.00 158.28 ? 20  DC  B P     1 
ATOM   388 O  OP1   . DC  B 2 9  ? 9.081   -2.099  -4.335  1.00 155.01 ? 20  DC  B OP1   1 
ATOM   389 O  OP2   . DC  B 2 9  ? 9.094   0.393   -4.930  1.00 161.97 ? 20  DC  B OP2   1 
ATOM   390 O  "O5'" . DC  B 2 9  ? 9.202   -1.367  -6.725  1.00 163.74 ? 20  DC  B "O5'" 1 
ATOM   391 C  "C5'" . DC  B 2 9  ? 8.505   -2.354  -7.486  1.00 162.51 ? 20  DC  B "C5'" 1 
ATOM   392 C  "C4'" . DC  B 2 9  ? 9.011   -2.391  -8.917  1.00 167.07 ? 20  DC  B "C4'" 1 
ATOM   393 O  "O4'" . DC  B 2 9  ? 8.227   -1.491  -9.751  1.00 163.38 ? 20  DC  B "O4'" 1 
ATOM   394 C  "C3'" . DC  B 2 9  ? 10.474  -1.965  -9.100  1.00 168.43 ? 20  DC  B "C3'" 1 
ATOM   395 O  "O3'" . DC  B 2 9  ? 11.105  -2.832  -10.029 1.00 171.00 ? 20  DC  B "O3'" 1 
ATOM   396 C  "C2'" . DC  B 2 9  ? 10.340  -0.555  -9.674  1.00 167.57 ? 20  DC  B "C2'" 1 
ATOM   397 C  "C1'" . DC  B 2 9  ? 9.113   -0.741  -10.547 1.00 166.31 ? 20  DC  B "C1'" 1 
ATOM   398 N  N1    . DC  B 2 9  ? 8.445   0.528   -10.961 1.00 163.87 ? 20  DC  B N1    1 
ATOM   399 C  C2    . DC  B 2 9  ? 7.378   0.480   -11.866 1.00 162.29 ? 20  DC  B C2    1 
ATOM   400 O  O2    . DC  B 2 9  ? 7.003   -0.620  -12.295 1.00 161.98 ? 20  DC  B O2    1 
ATOM   401 N  N3    . DC  B 2 9  ? 6.783   1.640   -12.242 1.00 160.92 ? 20  DC  B N3    1 
ATOM   402 C  C4    . DC  B 2 9  ? 7.219   2.804   -11.753 1.00 159.62 ? 20  DC  B C4    1 
ATOM   403 N  N4    . DC  B 2 9  ? 6.599   3.922   -12.150 1.00 158.93 ? 20  DC  B N4    1 
ATOM   404 C  C5    . DC  B 2 9  ? 8.310   2.872   -10.836 1.00 159.45 ? 20  DC  B C5    1 
ATOM   405 C  C6    . DC  B 2 9  ? 8.890   1.722   -10.474 1.00 162.22 ? 20  DC  B C6    1 
ATOM   406 P  P     . DA  B 2 10 ? 12.111  -3.983  -9.536  1.00 174.47 ? 21  DA  B P     1 
ATOM   407 O  OP1   . DA  B 2 10 ? 11.466  -4.722  -8.428  1.00 173.94 ? 21  DA  B OP1   1 
ATOM   408 O  OP2   . DA  B 2 10 ? 13.440  -3.356  -9.345  1.00 176.13 ? 21  DA  B OP2   1 
ATOM   409 O  "O5'" . DA  B 2 10 ? 12.204  -4.963  -10.799 1.00 173.88 ? 21  DA  B "O5'" 1 
ATOM   410 C  "C5'" . DA  B 2 10 ? 11.024  -5.578  -11.312 1.00 170.69 ? 21  DA  B "C5'" 1 
ATOM   411 C  "C4'" . DA  B 2 10 ? 10.664  -5.031  -12.688 1.00 173.23 ? 21  DA  B "C4'" 1 
ATOM   412 O  "O4'" . DA  B 2 10 ? 10.422  -3.603  -12.607 1.00 174.89 ? 21  DA  B "O4'" 1 
ATOM   413 C  "C3'" . DA  B 2 10 ? 11.727  -5.220  -13.780 1.00 175.08 ? 21  DA  B "C3'" 1 
ATOM   414 O  "O3'" . DA  B 2 10 ? 11.112  -5.673  -14.977 1.00 175.08 ? 21  DA  B "O3'" 1 
ATOM   415 C  "C2'" . DA  B 2 10 ? 12.303  -3.816  -13.956 1.00 176.28 ? 21  DA  B "C2'" 1 
ATOM   416 C  "C1'" . DA  B 2 10 ? 11.080  -2.964  -13.675 1.00 174.70 ? 21  DA  B "C1'" 1 
ATOM   417 N  N9    . DA  B 2 10 ? 11.403  -1.600  -13.276 1.00 172.76 ? 21  DA  B N9    1 
ATOM   418 C  C8    . DA  B 2 10 ? 12.419  -1.200  -12.453 1.00 172.36 ? 21  DA  B C8    1 
ATOM   419 N  N7    . DA  B 2 10 ? 12.472  0.099   -12.270 1.00 171.48 ? 21  DA  B N7    1 
ATOM   420 C  C5    . DA  B 2 10 ? 11.416  0.582   -13.027 1.00 171.61 ? 21  DA  B C5    1 
ATOM   421 C  C6    . DA  B 2 10 ? 10.929  1.883   -13.259 1.00 171.13 ? 21  DA  B C6    1 
ATOM   422 N  N6    . DA  B 2 10 ? 11.474  2.980   -12.720 1.00 168.15 ? 21  DA  B N6    1 
ATOM   423 N  N1    . DA  B 2 10 ? 9.856   2.015   -14.068 1.00 173.25 ? 21  DA  B N1    1 
ATOM   424 C  C2    . DA  B 2 10 ? 9.313   0.914   -14.605 1.00 174.22 ? 21  DA  B C2    1 
ATOM   425 N  N3    . DA  B 2 10 ? 9.684   -0.357  -14.463 1.00 172.70 ? 21  DA  B N3    1 
ATOM   426 C  C4    . DA  B 2 10 ? 10.748  -0.454  -13.654 1.00 171.66 ? 21  DA  B C4    1 
ATOM   427 P  P     . DC  C 3 1  ? -1.462  -12.478 -0.514  1.00 126.32 ? 1   DC  C P     1 
ATOM   428 O  OP1   . DC  C 3 1  ? -1.705  -13.557 -1.504  1.00 110.08 ? 1   DC  C OP1   1 
ATOM   429 O  OP2   . DC  C 3 1  ? -0.117  -12.232 0.078   1.00 117.94 ? 1   DC  C OP2   1 
ATOM   430 O  "O5'" . DC  C 3 1  ? -2.515  -12.650 0.684   1.00 95.67  ? 1   DC  C "O5'" 1 
ATOM   431 C  "C5'" . DC  C 3 1  ? -3.778  -13.218 0.435   1.00 94.77  ? 1   DC  C "C5'" 1 
ATOM   432 C  "C4'" . DC  C 3 1  ? -4.888  -12.406 1.093   1.00 95.45  ? 1   DC  C "C4'" 1 
ATOM   433 O  "O4'" . DC  C 3 1  ? -4.849  -12.546 2.538   1.00 88.70  ? 1   DC  C "O4'" 1 
ATOM   434 C  "C3'" . DC  C 3 1  ? -4.872  -10.909 0.803   1.00 96.02  ? 1   DC  C "C3'" 1 
ATOM   435 O  "O3'" . DC  C 3 1  ? -6.183  -10.530 0.386   1.00 94.01  ? 1   DC  C "O3'" 1 
ATOM   436 C  "C2'" . DC  C 3 1  ? -4.452  -10.272 2.149   1.00 89.49  ? 1   DC  C "C2'" 1 
ATOM   437 C  "C1'" . DC  C 3 1  ? -4.995  -11.278 3.151   1.00 85.28  ? 1   DC  C "C1'" 1 
ATOM   438 N  N1    . DC  C 3 1  ? -4.271  -11.359 4.434   1.00 73.39  ? 1   DC  C N1    1 
ATOM   439 C  C2    . DC  C 3 1  ? -4.966  -11.175 5.658   1.00 82.98  ? 1   DC  C C2    1 
ATOM   440 O  O2    . DC  C 3 1  ? -6.183  -10.859 5.645   1.00 80.72  ? 1   DC  C O2    1 
ATOM   441 N  N3    . DC  C 3 1  ? -4.279  -11.331 6.826   1.00 77.25  ? 1   DC  C N3    1 
ATOM   442 C  C4    . DC  C 3 1  ? -2.985  -11.678 6.795   1.00 77.83  ? 1   DC  C C4    1 
ATOM   443 N  N4    . DC  C 3 1  ? -2.341  -11.817 7.959   1.00 78.70  ? 1   DC  C N4    1 
ATOM   444 C  C5    . DC  C 3 1  ? -2.293  -11.893 5.567   1.00 77.16  ? 1   DC  C C5    1 
ATOM   445 C  C6    . DC  C 3 1  ? -2.970  -11.733 4.430   1.00 74.75  ? 1   DC  C C6    1 
ATOM   446 P  P     . DA  C 3 2  ? -6.519  -9.020  -0.020  1.00 96.57  ? 2   DA  C P     1 
ATOM   447 O  OP1   . DA  C 3 2  ? -7.799  -8.997  -0.779  1.00 91.91  ? 2   DA  C OP1   1 
ATOM   448 O  OP2   . DA  C 3 2  ? -5.297  -8.402  -0.585  1.00 97.46  ? 2   DA  C OP2   1 
ATOM   449 O  "O5'" . DA  C 3 2  ? -6.809  -8.346  1.386   1.00 91.90  ? 2   DA  C "O5'" 1 
ATOM   450 C  "C5'" . DA  C 3 2  ? -8.094  -8.432  1.937   1.00 91.67  ? 2   DA  C "C5'" 1 
ATOM   451 C  "C4'" . DA  C 3 2  ? -8.149  -7.641  3.219   1.00 96.43  ? 2   DA  C "C4'" 1 
ATOM   452 O  "O4'" . DA  C 3 2  ? -7.128  -8.123  4.134   1.00 95.82  ? 2   DA  C "O4'" 1 
ATOM   453 C  "C3'" . DA  C 3 2  ? -7.881  -6.144  3.049   1.00 95.91  ? 2   DA  C "C3'" 1 
ATOM   454 O  "O3'" . DA  C 3 2  ? -8.866  -5.400  3.770   1.00 92.12  ? 2   DA  C "O3'" 1 
ATOM   455 C  "C2'" . DA  C 3 2  ? -6.476  -5.974  3.646   1.00 92.32  ? 2   DA  C "C2'" 1 
ATOM   456 C  "C1'" . DA  C 3 2  ? -6.533  -7.010  4.745   1.00 88.59  ? 2   DA  C "C1'" 1 
ATOM   457 N  N9    . DA  C 3 2  ? -5.246  -7.405  5.278   1.00 79.59  ? 2   DA  C N9    1 
ATOM   458 C  C8    . DA  C 3 2  ? -4.102  -7.682  4.581   1.00 84.19  ? 2   DA  C C8    1 
ATOM   459 N  N7    . DA  C 3 2  ? -3.086  -8.031  5.344   1.00 78.30  ? 2   DA  C N7    1 
ATOM   460 C  C5    . DA  C 3 2  ? -3.611  -7.974  6.624   1.00 74.89  ? 2   DA  C C5    1 
ATOM   461 C  C6    . DA  C 3 2  ? -3.051  -8.224  7.881   1.00 75.77  ? 2   DA  C C6    1 
ATOM   462 N  N6    . DA  C 3 2  ? -1.781  -8.604  8.053   1.00 75.49  ? 2   DA  C N6    1 
ATOM   463 N  N1    . DA  C 3 2  ? -3.849  -8.072  8.964   1.00 83.02  ? 2   DA  C N1    1 
ATOM   464 C  C2    . DA  C 3 2  ? -5.128  -7.690  8.783   1.00 84.69  ? 2   DA  C C2    1 
ATOM   465 N  N3    . DA  C 3 2  ? -5.766  -7.426  7.640   1.00 80.83  ? 2   DA  C N3    1 
ATOM   466 C  C4    . DA  C 3 2  ? -4.942  -7.586  6.593   1.00 77.71  ? 2   DA  C C4    1 
ATOM   467 P  P     . DA  C 3 3  ? -10.320 -5.166  3.121   1.00 98.76  ? 3   DA  C P     1 
ATOM   468 O  OP1   . DA  C 3 3  ? -11.171 -4.482  4.126   1.00 97.59  ? 3   DA  C OP1   1 
ATOM   469 O  OP2   . DA  C 3 3  ? -10.765 -6.429  2.481   1.00 99.40  ? 3   DA  C OP2   1 
ATOM   470 O  "O5'" . DA  C 3 3  ? -10.059 -4.119  1.944   1.00 97.85  ? 3   DA  C "O5'" 1 
ATOM   471 C  "C5'" . DA  C 3 3  ? -9.824  -2.737  2.245   1.00 92.20  ? 3   DA  C "C5'" 1 
ATOM   472 C  "C4'" . DA  C 3 3  ? -10.210 -1.872  1.063   1.00 86.83  ? 3   DA  C "C4'" 1 
ATOM   473 O  "O4'" . DA  C 3 3  ? -9.528  -2.353  -0.122  1.00 91.39  ? 3   DA  C "O4'" 1 
ATOM   474 C  "C3'" . DA  C 3 3  ? -11.667 -1.942  0.693   1.00 84.00  ? 3   DA  C "C3'" 1 
ATOM   475 O  "O3'" . DA  C 3 3  ? -12.420 -1.055  1.492   1.00 91.67  ? 3   DA  C "O3'" 1 
ATOM   476 C  "C2'" . DA  C 3 3  ? -11.646 -1.523  -0.771  1.00 81.82  ? 3   DA  C "C2'" 1 
ATOM   477 C  "C1'" . DA  C 3 3  ? -10.356 -2.158  -1.258  1.00 83.35  ? 3   DA  C "C1'" 1 
ATOM   478 N  N9    . DA  C 3 3  ? -10.519 -3.438  -1.928  1.00 81.14  ? 3   DA  C N9    1 
ATOM   479 C  C8    . DA  C 3 3  ? -10.040 -4.650  -1.514  1.00 86.16  ? 3   DA  C C8    1 
ATOM   480 N  N7    . DA  C 3 3  ? -10.297 -5.641  -2.339  1.00 78.56  ? 3   DA  C N7    1 
ATOM   481 C  C5    . DA  C 3 3  ? -10.995 -5.036  -3.359  1.00 76.59  ? 3   DA  C C5    1 
ATOM   482 C  C6    . DA  C 3 3  ? -11.557 -5.549  -4.532  1.00 77.46  ? 3   DA  C C6    1 
ATOM   483 N  N6    . DA  C 3 3  ? -11.491 -6.842  -4.873  1.00 75.75  ? 3   DA  C N6    1 
ATOM   484 N  N1    . DA  C 3 3  ? -12.191 -4.678  -5.348  1.00 83.51  ? 3   DA  C N1    1 
ATOM   485 C  C2    . DA  C 3 3  ? -12.241 -3.374  -4.998  1.00 86.46  ? 3   DA  C C2    1 
ATOM   486 N  N3    . DA  C 3 3  ? -11.753 -2.773  -3.905  1.00 79.02  ? 3   DA  C N3    1 
ATOM   487 C  C4    . DA  C 3 3  ? -11.137 -3.672  -3.123  1.00 79.23  ? 3   DA  C C4    1 
ATOM   488 P  P     . DG  C 3 4  ? -13.940 -1.431  1.878   1.00 104.05 ? 4   DG  C P     1 
ATOM   489 O  OP1   . DG  C 3 4  ? -14.412 -0.415  2.839   1.00 94.14  ? 4   DG  C OP1   1 
ATOM   490 O  OP2   . DG  C 3 4  ? -14.039 -2.864  2.280   1.00 87.64  ? 4   DG  C OP2   1 
ATOM   491 O  "O5'" . DG  C 3 4  ? -14.710 -1.261  0.491   1.00 87.60  ? 4   DG  C "O5'" 1 
ATOM   492 C  "C5'" . DG  C 3 4  ? -14.637 -0.033  -0.222  1.00 86.39  ? 4   DG  C "C5'" 1 
ATOM   493 C  "C4'" . DG  C 3 4  ? -15.211 -0.237  -1.594  1.00 93.98  ? 4   DG  C "C4'" 1 
ATOM   494 O  "O4'" . DG  C 3 4  ? -14.432 -1.243  -2.264  1.00 96.68  ? 4   DG  C "O4'" 1 
ATOM   495 C  "C3'" . DG  C 3 4  ? -16.629 -0.776  -1.575  1.00 95.63  ? 4   DG  C "C3'" 1 
ATOM   496 O  "O3'" . DG  C 3 4  ? -17.546 0.316   -1.648  1.00 98.82  ? 4   DG  C "O3'" 1 
ATOM   497 C  "C2'" . DG  C 3 4  ? -16.704 -1.681  -2.814  1.00 89.57  ? 4   DG  C "C2'" 1 
ATOM   498 C  "C1'" . DG  C 3 4  ? -15.242 -1.979  -3.151  1.00 88.53  ? 4   DG  C "C1'" 1 
ATOM   499 N  N9    . DG  C 3 4  ? -14.897 -3.377  -3.014  1.00 75.16  ? 4   DG  C N9    1 
ATOM   500 C  C8    . DG  C 3 4  ? -14.293 -3.969  -1.941  1.00 75.33  ? 4   DG  C C8    1 
ATOM   501 N  N7    . DG  C 3 4  ? -14.082 -5.248  -2.110  1.00 74.32  ? 4   DG  C N7    1 
ATOM   502 C  C5    . DG  C 3 4  ? -14.600 -5.514  -3.367  1.00 73.23  ? 4   DG  C C5    1 
ATOM   503 C  C6    . DG  C 3 4  ? -14.672 -6.738  -4.082  1.00 80.30  ? 4   DG  C C6    1 
ATOM   504 O  O6    . DG  C 3 4  ? -14.289 -7.875  -3.708  1.00 76.35  ? 4   DG  C O6    1 
ATOM   505 N  N1    . DG  C 3 4  ? -15.267 -6.558  -5.347  1.00 81.78  ? 4   DG  C N1    1 
ATOM   506 C  C2    . DG  C 3 4  ? -15.735 -5.341  -5.838  1.00 84.17  ? 4   DG  C C2    1 
ATOM   507 N  N2    . DG  C 3 4  ? -16.276 -5.349  -7.078  1.00 84.45  ? 4   DG  C N2    1 
ATOM   508 N  N3    . DG  C 3 4  ? -15.672 -4.198  -5.157  1.00 79.70  ? 4   DG  C N3    1 
ATOM   509 C  C4    . DG  C 3 4  ? -15.097 -4.363  -3.941  1.00 73.54  ? 4   DG  C C4    1 
ATOM   510 P  P     . DT  C 3 5  ? -19.064 0.089   -2.130  1.00 117.05 ? 5   DT  C P     1 
ATOM   511 O  OP1   . DT  C 3 5  ? -19.770 1.372   -1.892  1.00 116.63 ? 5   DT  C OP1   1 
ATOM   512 O  OP2   . DT  C 3 5  ? -19.594 -1.173  -1.538  1.00 105.38 ? 5   DT  C OP2   1 
ATOM   513 O  "O5'" . DT  C 3 5  ? -18.936 -0.089  -3.709  1.00 92.36  ? 5   DT  C "O5'" 1 
ATOM   514 C  "C5'" . DT  C 3 5  ? -20.070 0.034   -4.512  1.00 92.31  ? 5   DT  C "C5'" 1 
ATOM   515 C  "C4'" . DT  C 3 5  ? -19.991 -0.945  -5.648  1.00 93.33  ? 5   DT  C "C4'" 1 
ATOM   516 O  "O4'" . DT  C 3 5  ? -19.187 -2.070  -5.245  1.00 85.58  ? 5   DT  C "O4'" 1 
ATOM   517 C  "C3'" . DT  C 3 5  ? -21.338 -1.522  -6.088  1.00 96.83  ? 5   DT  C "C3'" 1 
ATOM   518 O  "O3'" . DT  C 3 5  ? -21.604 -1.148  -7.424  1.00 95.12  ? 5   DT  C "O3'" 1 
ATOM   519 C  "C2'" . DT  C 3 5  ? -21.170 -3.042  -5.945  1.00 93.57  ? 5   DT  C "C2'" 1 
ATOM   520 C  "C1'" . DT  C 3 5  ? -19.660 -3.197  -5.916  1.00 84.90  ? 5   DT  C "C1'" 1 
ATOM   521 N  N1    . DT  C 3 5  ? -19.193 -4.412  -5.200  1.00 84.76  ? 5   DT  C N1    1 
ATOM   522 C  C2    . DT  C 3 5  ? -19.115 -5.589  -5.902  1.00 85.81  ? 5   DT  C C2    1 
ATOM   523 O  O2    . DT  C 3 5  ? -19.428 -5.681  -7.087  1.00 86.47  ? 5   DT  C O2    1 
ATOM   524 N  N3    . DT  C 3 5  ? -18.657 -6.669  -5.173  1.00 84.54  ? 5   DT  C N3    1 
ATOM   525 C  C4    . DT  C 3 5  ? -18.286 -6.684  -3.826  1.00 85.22  ? 5   DT  C C4    1 
ATOM   526 O  O4    . DT  C 3 5  ? -17.895 -7.720  -3.254  1.00 84.06  ? 5   DT  C O4    1 
ATOM   527 C  C5    . DT  C 3 5  ? -18.395 -5.403  -3.143  1.00 78.00  ? 5   DT  C C5    1 
ATOM   528 C  C7    . DT  C 3 5  ? -18.015 -5.289  -1.693  1.00 67.54  ? 5   DT  C C7    1 
ATOM   529 C  C6    . DT  C 3 5  ? -18.841 -4.340  -3.855  1.00 81.78  ? 5   DT  C C6    1 
ATOM   530 O  "O5'" . DT  D 4 1  ? 15.113  12.370  -13.889 1.00 183.95 ? 1   DT  D "O5'" 1 
ATOM   531 C  "C5'" . DT  D 4 1  ? 13.833  12.984  -13.775 1.00 185.47 ? 1   DT  D "C5'" 1 
ATOM   532 C  "C4'" . DT  D 4 1  ? 13.360  13.497  -15.124 1.00 187.97 ? 1   DT  D "C4'" 1 
ATOM   533 O  "O4'" . DT  D 4 1  ? 13.887  12.649  -16.170 1.00 187.93 ? 1   DT  D "O4'" 1 
ATOM   534 C  "C3'" . DT  D 4 1  ? 11.858  13.471  -15.333 1.00 187.69 ? 1   DT  D "C3'" 1 
ATOM   535 O  "O3'" . DT  D 4 1  ? 11.511  14.377  -16.369 1.00 191.38 ? 1   DT  D "O3'" 1 
ATOM   536 C  "C2'" . DT  D 4 1  ? 11.634  12.028  -15.766 1.00 187.71 ? 1   DT  D "C2'" 1 
ATOM   537 C  "C1'" . DT  D 4 1  ? 12.873  11.768  -16.625 1.00 187.50 ? 1   DT  D "C1'" 1 
ATOM   538 N  N1    . DT  D 4 1  ? 13.388  10.373  -16.527 1.00 185.94 ? 1   DT  D N1    1 
ATOM   539 C  C2    . DT  D 4 1  ? 13.603  9.663   -17.679 1.00 186.30 ? 1   DT  D C2    1 
ATOM   540 O  O2    . DT  D 4 1  ? 13.395  10.118  -18.791 1.00 187.54 ? 1   DT  D O2    1 
ATOM   541 N  N3    . DT  D 4 1  ? 14.079  8.389   -17.489 1.00 185.89 ? 1   DT  D N3    1 
ATOM   542 C  C4    . DT  D 4 1  ? 14.354  7.771   -16.281 1.00 184.47 ? 1   DT  D C4    1 
ATOM   543 O  O4    . DT  D 4 1  ? 14.778  6.619   -16.214 1.00 184.29 ? 1   DT  D O4    1 
ATOM   544 C  C5    . DT  D 4 1  ? 14.103  8.573   -15.108 1.00 183.88 ? 1   DT  D C5    1 
ATOM   545 C  C7    . DT  D 4 1  ? 14.361  8.013   -13.741 1.00 184.59 ? 1   DT  D C7    1 
ATOM   546 C  C6    . DT  D 4 1  ? 13.637  9.821   -15.285 1.00 185.14 ? 1   DT  D C6    1 
ATOM   547 P  P     . DC  D 4 2  ? 9.972   14.727  -16.662 1.00 195.93 ? 2   DC  D P     1 
ATOM   548 O  OP1   . DC  D 4 2  ? 9.962   15.917  -17.544 1.00 197.63 ? 2   DC  D OP1   1 
ATOM   549 O  OP2   . DC  D 4 2  ? 9.263   14.763  -15.363 1.00 195.80 ? 2   DC  D OP2   1 
ATOM   550 O  "O5'" . DC  D 4 2  ? 9.449   13.480  -17.515 1.00 191.83 ? 2   DC  D "O5'" 1 
ATOM   551 C  "C5'" . DC  D 4 2  ? 8.067   13.365  -17.822 1.00 194.29 ? 2   DC  D "C5'" 1 
ATOM   552 C  "C4'" . DC  D 4 2  ? 7.803   12.149  -18.690 1.00 195.20 ? 2   DC  D "C4'" 1 
ATOM   553 O  "O4'" . DC  D 4 2  ? 8.912   11.229  -18.593 1.00 191.55 ? 2   DC  D "O4'" 1 
ATOM   554 C  "C3'" . DC  D 4 2  ? 6.560   11.337  -18.299 1.00 195.74 ? 2   DC  D "C3'" 1 
ATOM   555 O  "O3'" . DC  D 4 2  ? 5.465   11.532  -19.250 1.00 197.75 ? 2   DC  D "O3'" 1 
ATOM   556 C  "C2'" . DC  D 4 2  ? 7.047   9.882   -18.226 1.00 192.73 ? 2   DC  D "C2'" 1 
ATOM   557 C  "C1'" . DC  D 4 2  ? 8.425   9.946   -18.870 1.00 190.65 ? 2   DC  D "C1'" 1 
ATOM   558 N  N1    . DC  D 4 2  ? 9.361   8.938   -18.328 1.00 190.43 ? 2   DC  D N1    1 
ATOM   559 C  C2    . DC  D 4 2  ? 9.570   7.748   -19.033 1.00 191.15 ? 2   DC  D C2    1 
ATOM   560 O  O2    . DC  D 4 2  ? 8.982   7.573   -20.107 1.00 191.86 ? 2   DC  D O2    1 
ATOM   561 N  N3    . DC  D 4 2  ? 10.418  6.822   -18.521 1.00 189.17 ? 2   DC  D N3    1 
ATOM   562 C  C4    . DC  D 4 2  ? 11.032  7.051   -17.360 1.00 188.23 ? 2   DC  D C4    1 
ATOM   563 N  N4    . DC  D 4 2  ? 11.859  6.108   -16.895 1.00 187.09 ? 2   DC  D N4    1 
ATOM   564 C  C5    . DC  D 4 2  ? 10.822  8.255   -16.621 1.00 187.17 ? 2   DC  D C5    1 
ATOM   565 C  C6    . DC  D 4 2  ? 9.985   9.161   -17.137 1.00 188.60 ? 2   DC  D C6    1 
ATOM   566 P  P     . DT  D 4 3  ? 5.457   10.874  -20.725 1.00 199.04 ? 3   DT  D P     1 
ATOM   567 O  OP1   . DT  D 4 3  ? 6.793   10.981  -21.344 1.00 199.04 ? 3   DT  D OP1   1 
ATOM   568 O  OP2   . DT  D 4 3  ? 4.288   11.448  -21.428 1.00 199.84 ? 3   DT  D OP2   1 
ATOM   569 O  "O5'" . DT  D 4 3  ? 5.151   9.322   -20.489 1.00 194.86 ? 3   DT  D "O5'" 1 
ATOM   570 C  "C5'" . DT  D 4 3  ? 5.972   8.342   -21.117 1.00 192.17 ? 3   DT  D "C5'" 1 
ATOM   571 C  "C4'" . DT  D 4 3  ? 5.141   7.230   -21.721 1.00 193.26 ? 3   DT  D "C4'" 1 
ATOM   572 O  "O4'" . DT  D 4 3  ? 5.735   5.956   -21.370 1.00 192.29 ? 3   DT  D "O4'" 1 
ATOM   573 C  "C3'" . DT  D 4 3  ? 3.708   7.145   -21.225 1.00 193.74 ? 3   DT  D "C3'" 1 
ATOM   574 O  "O3'" . DT  D 4 3  ? 2.902   6.493   -22.212 1.00 194.61 ? 3   DT  D "O3'" 1 
ATOM   575 C  "C2'" . DT  D 4 3  ? 3.863   6.304   -19.964 1.00 191.28 ? 3   DT  D "C2'" 1 
ATOM   576 C  "C1'" . DT  D 4 3  ? 4.960   5.322   -20.366 1.00 189.49 ? 3   DT  D "C1'" 1 
ATOM   577 N  N1    . DT  D 4 3  ? 5.853   4.957   -19.234 1.00 187.05 ? 3   DT  D N1    1 
ATOM   578 C  C2    . DT  D 4 3  ? 6.478   3.733   -19.237 1.00 186.18 ? 3   DT  D C2    1 
ATOM   579 O  O2    . DT  D 4 3  ? 6.353   2.917   -20.137 1.00 187.40 ? 3   DT  D O2    1 
ATOM   580 N  N3    . DT  D 4 3  ? 7.271   3.496   -18.142 1.00 184.22 ? 3   DT  D N3    1 
ATOM   581 C  C4    . DT  D 4 3  ? 7.489   4.342   -17.068 1.00 183.31 ? 3   DT  D C4    1 
ATOM   582 O  O4    . DT  D 4 3  ? 8.220   4.037   -16.131 1.00 180.80 ? 3   DT  D O4    1 
ATOM   583 C  C5    . DT  D 4 3  ? 6.795   5.608   -17.127 1.00 184.88 ? 3   DT  D C5    1 
ATOM   584 C  C7    . DT  D 4 3  ? 6.953   6.608   -16.021 1.00 181.85 ? 3   DT  D C7    1 
ATOM   585 C  C6    . DT  D 4 3  ? 6.019   5.850   -18.193 1.00 186.13 ? 3   DT  D C6    1 
ATOM   586 P  P     . DG  D 4 4  ? 1.529   5.750   -21.822 1.00 198.80 ? 4   DG  D P     1 
ATOM   587 O  OP1   . DG  D 4 4  ? 0.725   5.679   -23.061 1.00 201.61 ? 4   DG  D OP1   1 
ATOM   588 O  OP2   . DG  D 4 4  ? 0.942   6.382   -20.616 1.00 197.80 ? 4   DG  D OP2   1 
ATOM   589 O  "O5'" . DG  D 4 4  ? 1.986   4.258   -21.463 1.00 192.62 ? 4   DG  D "O5'" 1 
ATOM   590 C  "C5'" . DG  D 4 4  ? 2.636   3.455   -22.446 1.00 189.21 ? 4   DG  D "C5'" 1 
ATOM   591 C  "C4'" . DG  D 4 4  ? 2.684   1.993   -22.021 1.00 189.00 ? 4   DG  D "C4'" 1 
ATOM   592 O  "O4'" . DG  D 4 4  ? 3.348   1.870   -20.737 1.00 186.11 ? 4   DG  D "O4'" 1 
ATOM   593 C  "C3'" . DG  D 4 4  ? 1.331   1.314   -21.853 1.00 188.83 ? 4   DG  D "C3'" 1 
ATOM   594 O  "O3'" . DG  D 4 4  ? 1.454   -0.061  -22.195 1.00 184.78 ? 4   DG  D "O3'" 1 
ATOM   595 C  "C2'" . DG  D 4 4  ? 1.039   1.512   -20.364 1.00 183.91 ? 4   DG  D "C2'" 1 
ATOM   596 C  "C1'" . DG  D 4 4  ? 2.431   1.427   -19.748 1.00 181.91 ? 4   DG  D "C1'" 1 
ATOM   597 N  N9    . DG  D 4 4  ? 2.609   2.276   -18.577 1.00 178.35 ? 4   DG  D N9    1 
ATOM   598 C  C8    . DG  D 4 4  ? 2.090   3.534   -18.377 1.00 181.33 ? 4   DG  D C8    1 
ATOM   599 N  N7    . DG  D 4 4  ? 2.440   4.065   -17.237 1.00 178.91 ? 4   DG  D N7    1 
ATOM   600 C  C5    . DG  D 4 4  ? 3.250   3.102   -16.648 1.00 174.80 ? 4   DG  D C5    1 
ATOM   601 C  C6    . DG  D 4 4  ? 3.923   3.114   -15.404 1.00 169.62 ? 4   DG  D C6    1 
ATOM   602 O  O6    . DG  D 4 4  ? 3.934   4.010   -14.545 1.00 164.61 ? 4   DG  D O6    1 
ATOM   603 N  N1    . DG  D 4 4  ? 4.638   1.935   -15.195 1.00 168.82 ? 4   DG  D N1    1 
ATOM   604 C  C2    . DG  D 4 4  ? 4.693   0.877   -16.079 1.00 169.87 ? 4   DG  D C2    1 
ATOM   605 N  N2    . DG  D 4 4  ? 5.434   -0.178  -15.704 1.00 165.07 ? 4   DG  D N2    1 
ATOM   606 N  N3    . DG  D 4 4  ? 4.067   0.857   -17.250 1.00 170.34 ? 4   DG  D N3    1 
ATOM   607 C  C4    . DG  D 4 4  ? 3.368   1.998   -17.466 1.00 174.49 ? 4   DG  D C4    1 
ATOM   608 P  P     . DA  D 4 5  ? 0.226   -1.078  -22.000 1.00 189.00 ? 5   DA  D P     1 
ATOM   609 O  OP1   . DA  D 4 5  ? 0.264   -2.021  -23.140 1.00 190.92 ? 5   DA  D OP1   1 
ATOM   610 O  OP2   . DA  D 4 5  ? -1.008  -0.301  -21.741 1.00 189.48 ? 5   DA  D OP2   1 
ATOM   611 O  "O5'" . DA  D 4 5  ? 0.613   -1.875  -20.669 1.00 181.05 ? 5   DA  D "O5'" 1 
ATOM   612 C  "C5'" . DA  D 4 5  ? -0.059  -3.083  -20.337 1.00 176.15 ? 5   DA  D "C5'" 1 
ATOM   613 C  "C4'" . DA  D 4 5  ? 0.878   -4.033  -19.614 1.00 170.63 ? 5   DA  D "C4'" 1 
ATOM   614 O  "O4'" . DA  D 4 5  ? 1.764   -3.277  -18.754 1.00 169.13 ? 5   DA  D "O4'" 1 
ATOM   615 C  "C3'" . DA  D 4 5  ? 0.194   -5.028  -18.699 1.00 164.89 ? 5   DA  D "C3'" 1 
ATOM   616 O  "O3'" . DA  D 4 5  ? 1.003   -6.181  -18.535 1.00 163.60 ? 5   DA  D "O3'" 1 
ATOM   617 C  "C2'" . DA  D 4 5  ? 0.071   -4.244  -17.397 1.00 161.02 ? 5   DA  D "C2'" 1 
ATOM   618 C  "C1'" . DA  D 4 5  ? 1.331   -3.376  -17.409 1.00 163.12 ? 5   DA  D "C1'" 1 
ATOM   619 N  N9    . DA  D 4 5  ? 1.098   -2.026  -16.904 1.00 163.16 ? 5   DA  D N9    1 
ATOM   620 C  C8    . DA  D 4 5  ? 0.329   -1.056  -17.482 1.00 165.36 ? 5   DA  D C8    1 
ATOM   621 N  N7    . DA  D 4 5  ? 0.293   0.068   -16.803 1.00 166.06 ? 5   DA  D N7    1 
ATOM   622 C  C5    . DA  D 4 5  ? 1.096   -0.184  -15.702 1.00 163.12 ? 5   DA  D C5    1 
ATOM   623 C  C6    . DA  D 4 5  ? 1.471   0.608   -14.594 1.00 159.81 ? 5   DA  D C6    1 
ATOM   624 N  N6    . DA  D 4 5  ? 1.062   1.870   -14.416 1.00 158.45 ? 5   DA  D N6    1 
ATOM   625 N  N1    . DA  D 4 5  ? 2.286   0.049   -13.675 1.00 155.81 ? 5   DA  D N1    1 
ATOM   626 C  C2    . DA  D 4 5  ? 2.694   -1.215  -13.856 1.00 154.30 ? 5   DA  D C2    1 
ATOM   627 N  N3    . DA  D 4 5  ? 2.410   -2.054  -14.850 1.00 164.64 ? 5   DA  D N3    1 
ATOM   628 C  C4    . DA  D 4 5  ? 1.600   -1.473  -15.748 1.00 159.69 ? 5   DA  D C4    1 
ATOM   629 P  P     . DG  D 4 6  ? 0.382   -7.517  -17.890 1.00 170.75 ? 6   DG  D P     1 
ATOM   630 O  OP1   . DG  D 4 6  ? 1.260   -8.648  -18.274 1.00 167.29 ? 6   DG  D OP1   1 
ATOM   631 O  OP2   . DG  D 4 6  ? -1.063  -7.549  -18.212 1.00 161.85 ? 6   DG  D OP2   1 
ATOM   632 O  "O5'" . DG  D 4 6  ? 0.509   -7.283  -16.311 1.00 160.85 ? 6   DG  D "O5'" 1 
ATOM   633 C  "C5'" . DG  D 4 6  ? 1.789   -7.284  -15.691 1.00 155.63 ? 6   DG  D "C5'" 1 
ATOM   634 C  "C4'" . DG  D 4 6  ? 1.663   -7.242  -14.178 1.00 149.00 ? 6   DG  D "C4'" 1 
ATOM   635 O  "O4'" . DG  D 4 6  ? 1.427   -5.879  -13.742 1.00 146.73 ? 6   DG  D "O4'" 1 
ATOM   636 C  "C3'" . DG  D 4 6  ? 0.527   -8.081  -13.585 1.00 148.95 ? 6   DG  D "C3'" 1 
ATOM   637 O  "O3'" . DG  D 4 6  ? 0.972   -8.676  -12.373 1.00 146.56 ? 6   DG  D "O3'" 1 
ATOM   638 C  "C2'" . DG  D 4 6  ? -0.570  -7.043  -13.337 1.00 142.63 ? 6   DG  D "C2'" 1 
ATOM   639 C  "C1'" . DG  D 4 6  ? 0.252   -5.819  -12.959 1.00 141.28 ? 6   DG  D "C1'" 1 
ATOM   640 N  N9    . DG  D 4 6  ? -0.409  -4.554  -13.250 1.00 137.82 ? 6   DG  D N9    1 
ATOM   641 C  C8    . DG  D 4 6  ? -1.224  -4.271  -14.318 1.00 141.43 ? 6   DG  D C8    1 
ATOM   642 N  N7    . DG  D 4 6  ? -1.662  -3.040  -14.327 1.00 141.26 ? 6   DG  D N7    1 
ATOM   643 C  C5    . DG  D 4 6  ? -1.096  -2.471  -13.192 1.00 138.90 ? 6   DG  D C5    1 
ATOM   644 C  C6    . DG  D 4 6  ? -1.211  -1.156  -12.670 1.00 135.79 ? 6   DG  D C6    1 
ATOM   645 O  O6    . DG  D 4 6  ? -1.856  -0.200  -13.125 1.00 137.61 ? 6   DG  D O6    1 
ATOM   646 N  N1    . DG  D 4 6  ? -0.476  -1.002  -11.497 1.00 130.76 ? 6   DG  D N1    1 
ATOM   647 C  C2    . DG  D 4 6  ? 0.274   -1.991  -10.903 1.00 131.50 ? 6   DG  D C2    1 
ATOM   648 N  N2    . DG  D 4 6  ? 0.914   -1.656  -9.776  1.00 133.01 ? 6   DG  D N2    1 
ATOM   649 N  N3    . DG  D 4 6  ? 0.389   -3.226  -11.381 1.00 132.73 ? 6   DG  D N3    1 
ATOM   650 C  C4    . DG  D 4 6  ? -0.320  -3.393  -12.522 1.00 136.51 ? 6   DG  D C4    1 
ATOM   651 P  P     . DT  D 4 7  ? 0.116   -9.821  -11.645 1.00 144.05 ? 7   DT  D P     1 
ATOM   652 O  OP1   . DT  D 4 7  ? 0.946   -11.050 -11.604 1.00 148.65 ? 7   DT  D OP1   1 
ATOM   653 O  OP2   . DT  D 4 7  ? -1.235  -9.849  -12.251 1.00 140.87 ? 7   DT  D OP2   1 
ATOM   654 O  "O5'" . DT  D 4 7  ? -0.004  -9.269  -10.161 1.00 135.14 ? 7   DT  D "O5'" 1 
ATOM   655 C  "C5'" . DT  D 4 7  ? -0.087  -7.872  -9.962  1.00 131.80 ? 7   DT  D "C5'" 1 
ATOM   656 C  "C4'" . DT  D 4 7  ? 0.397   -7.489  -8.586  1.00 126.79 ? 7   DT  D "C4'" 1 
ATOM   657 O  "O4'" . DT  D 4 7  ? 0.234   -6.067  -8.432  1.00 126.36 ? 7   DT  D "O4'" 1 
ATOM   658 C  "C3'" . DT  D 4 7  ? -0.414  -8.078  -7.452  1.00 124.98 ? 7   DT  D "C3'" 1 
ATOM   659 O  "O3'" . DT  D 4 7  ? 0.324   -7.992  -6.227  1.00 126.12 ? 7   DT  D "O3'" 1 
ATOM   660 C  "C2'" . DT  D 4 7  ? -1.625  -7.156  -7.452  1.00 114.98 ? 7   DT  D "C2'" 1 
ATOM   661 C  "C1'" . DT  D 4 7  ? -0.967  -5.807  -7.723  1.00 115.38 ? 7   DT  D "C1'" 1 
ATOM   662 N  N1    . DT  D 4 7  ? -1.803  -4.861  -8.522  1.00 114.63 ? 7   DT  D N1    1 
ATOM   663 C  C2    . DT  D 4 7  ? -1.866  -3.539  -8.134  1.00 115.24 ? 7   DT  D C2    1 
ATOM   664 O  O2    . DT  D 4 7  ? -1.266  -3.097  -7.165  1.00 116.20 ? 7   DT  D O2    1 
ATOM   665 N  N3    . DT  D 4 7  ? -2.657  -2.745  -8.924  1.00 111.95 ? 7   DT  D N3    1 
ATOM   666 C  C4    . DT  D 4 7  ? -3.376  -3.133  -10.041 1.00 113.69 ? 7   DT  D C4    1 
ATOM   667 O  O4    . DT  D 4 7  ? -4.058  -2.346  -10.692 1.00 115.17 ? 7   DT  D O4    1 
ATOM   668 C  C5    . DT  D 4 7  ? -3.270  -4.527  -10.389 1.00 112.19 ? 7   DT  D C5    1 
ATOM   669 C  C7    . DT  D 4 7  ? -4.011  -5.055  -11.577 1.00 116.70 ? 7   DT  D C7    1 
ATOM   670 C  C6    . DT  D 4 7  ? -2.500  -5.320  -9.623  1.00 111.51 ? 7   DT  D C6    1 
ATOM   671 P  P     . DG  D 4 8  ? -0.320  -8.514  -4.846  1.00 134.10 ? 8   DG  D P     1 
ATOM   672 O  OP1   . DG  D 4 8  ? 0.779   -9.039  -4.001  1.00 131.26 ? 8   DG  D OP1   1 
ATOM   673 O  OP2   . DG  D 4 8  ? -1.478  -9.368  -5.206  1.00 127.12 ? 8   DG  D OP2   1 
ATOM   674 O  "O5'" . DG  D 4 8  ? -0.855  -7.176  -4.135  1.00 118.14 ? 8   DG  D "O5'" 1 
ATOM   675 C  "C5'" . DG  D 4 8  ? -0.128  -5.951  -4.311  1.00 114.42 ? 8   DG  D "C5'" 1 
ATOM   676 C  "C4'" . DG  D 4 8  ? -0.571  -4.872  -3.333  1.00 108.26 ? 8   DG  D "C4'" 1 
ATOM   677 O  "O4'" . DG  D 4 8  ? -1.586  -4.039  -3.933  1.00 107.01 ? 8   DG  D "O4'" 1 
ATOM   678 C  "C3'" . DG  D 4 8  ? -1.171  -5.352  -2.027  1.00 102.81 ? 8   DG  D "C3'" 1 
ATOM   679 O  "O3'" . DG  D 4 8  ? -0.923  -4.386  -1.035  1.00 104.28 ? 8   DG  D "O3'" 1 
ATOM   680 C  "C2'" . DG  D 4 8  ? -2.666  -5.449  -2.349  1.00 101.65 ? 8   DG  D "C2'" 1 
ATOM   681 C  "C1'" . DG  D 4 8  ? -2.866  -4.363  -3.410  1.00 100.58 ? 8   DG  D "C1'" 1 
ATOM   682 N  N9    . DG  D 4 8  ? -3.681  -4.787  -4.542  1.00 98.24  ? 8   DG  D N9    1 
ATOM   683 C  C8    . DG  D 4 8  ? -3.763  -6.049  -5.081  1.00 101.85 ? 8   DG  D C8    1 
ATOM   684 N  N7    . DG  D 4 8  ? -4.548  -6.121  -6.123  1.00 97.90  ? 8   DG  D N7    1 
ATOM   685 C  C5    . DG  D 4 8  ? -5.003  -4.818  -6.292  1.00 92.29  ? 8   DG  D C5    1 
ATOM   686 C  C6    . DG  D 4 8  ? -5.882  -4.276  -7.260  1.00 92.67  ? 8   DG  D C6    1 
ATOM   687 O  O6    . DG  D 4 8  ? -6.450  -4.860  -8.192  1.00 93.45  ? 8   DG  D O6    1 
ATOM   688 N  N1    . DG  D 4 8  ? -6.081  -2.908  -7.068  1.00 95.43  ? 8   DG  D N1    1 
ATOM   689 C  C2    . DG  D 4 8  ? -5.498  -2.159  -6.068  1.00 96.12  ? 8   DG  D C2    1 
ATOM   690 N  N2    . DG  D 4 8  ? -5.813  -0.857  -6.044  1.00 95.28  ? 8   DG  D N2    1 
ATOM   691 N  N3    . DG  D 4 8  ? -4.670  -2.653  -5.154  1.00 93.65  ? 8   DG  D N3    1 
ATOM   692 C  C4    . DG  D 4 8  ? -4.470  -3.985  -5.328  1.00 96.11  ? 8   DG  D C4    1 
ATOM   693 P  P     . DG  D 4 9  ? -1.393  -4.634  0.476   1.00 109.04 ? 9   DG  D P     1 
ATOM   694 O  OP1   . DG  D 4 9  ? -0.641  -3.711  1.368   1.00 103.09 ? 9   DG  D OP1   1 
ATOM   695 O  OP2   . DG  D 4 9  ? -1.312  -6.097  0.678   1.00 95.32  ? 9   DG  D OP2   1 
ATOM   696 O  "O5'" . DG  D 4 9  ? -2.912  -4.116  0.488   1.00 102.40 ? 9   DG  D "O5'" 1 
ATOM   697 C  "C5'" . DG  D 4 9  ? -3.176  -2.709  0.520   1.00 95.55  ? 9   DG  D "C5'" 1 
ATOM   698 C  "C4'" . DG  D 4 9  ? -4.637  -2.417  0.218   1.00 97.03  ? 9   DG  D "C4'" 1 
ATOM   699 O  "O4'" . DG  D 4 9  ? -5.003  -2.988  -1.063  1.00 95.01  ? 9   DG  D "O4'" 1 
ATOM   700 C  "C3'" . DG  D 4 9  ? -5.651  -2.992  1.233   1.00 99.19  ? 9   DG  D "C3'" 1 
ATOM   701 O  "O3'" . DG  D 4 9  ? -6.426  -1.950  1.799   1.00 93.04  ? 9   DG  D "O3'" 1 
ATOM   702 C  "C2'" . DG  D 4 9  ? -6.525  -3.931  0.391   1.00 94.21  ? 9   DG  D "C2'" 1 
ATOM   703 C  "C1'" . DG  D 4 9  ? -6.364  -3.318  -0.987  1.00 91.68  ? 9   DG  D "C1'" 1 
ATOM   704 N  N9    . DG  D 4 9  ? -6.704  -4.217  -2.071  1.00 89.93  ? 9   DG  D N9    1 
ATOM   705 C  C8    . DG  D 4 9  ? -6.400  -5.556  -2.166  1.00 83.26  ? 9   DG  D C8    1 
ATOM   706 N  N7    . DG  D 4 9  ? -6.845  -6.105  -3.260  1.00 78.57  ? 9   DG  D N7    1 
ATOM   707 C  C5    . DG  D 4 9  ? -7.493  -5.064  -3.928  1.00 78.54  ? 9   DG  D C5    1 
ATOM   708 C  C6    . DG  D 4 9  ? -8.178  -5.062  -5.169  1.00 82.15  ? 9   DG  D C6    1 
ATOM   709 O  O6    . DG  D 4 9  ? -8.359  -6.013  -5.952  1.00 90.51  ? 9   DG  D O6    1 
ATOM   710 N  N1    . DG  D 4 9  ? -8.690  -3.803  -5.478  1.00 80.40  ? 9   DG  D N1    1 
ATOM   711 C  C2    . DG  D 4 9  ? -8.555  -2.683  -4.694  1.00 88.25  ? 9   DG  D C2    1 
ATOM   712 N  N2    . DG  D 4 9  ? -9.119  -1.552  -5.170  1.00 91.30  ? 9   DG  D N2    1 
ATOM   713 N  N3    . DG  D 4 9  ? -7.917  -2.672  -3.516  1.00 87.44  ? 9   DG  D N3    1 
ATOM   714 C  C4    . DG  D 4 9  ? -7.416  -3.899  -3.204  1.00 85.94  ? 9   DG  D C4    1 
ATOM   715 P  P     . DC  D 4 10 ? -5.844  -1.102  3.030   1.00 105.46 ? 10  DC  D P     1 
ATOM   716 O  OP1   . DC  D 4 10 ? -6.225  0.318   2.823   1.00 107.47 ? 10  DC  D OP1   1 
ATOM   717 O  OP2   . DC  D 4 10 ? -4.459  -1.584  3.271   1.00 90.65  ? 10  DC  D OP2   1 
ATOM   718 O  "O5'" . DC  D 4 10 ? -6.664  -1.611  4.291   1.00 109.38 ? 10  DC  D "O5'" 1 
ATOM   719 C  "C5'" . DC  D 4 10 ? -6.251  -2.788  4.934   1.00 101.67 ? 10  DC  D "C5'" 1 
ATOM   720 C  "C4'" . DC  D 4 10 ? -6.812  -2.876  6.332   1.00 96.89  ? 10  DC  D "C4'" 1 
ATOM   721 O  "O4'" . DC  D 4 10 ? -6.462  -4.174  6.848   1.00 95.56  ? 10  DC  D "O4'" 1 
ATOM   722 C  "C3'" . DC  D 4 10 ? -6.239  -1.858  7.311   1.00 102.94 ? 10  DC  D "C3'" 1 
ATOM   723 O  "O3'" . DC  D 4 10 ? -7.168  -0.796  7.520   1.00 110.88 ? 10  DC  D "O3'" 1 
ATOM   724 C  "C2'" . DC  D 4 10 ? -6.034  -2.662  8.590   1.00 100.77 ? 10  DC  D "C2'" 1 
ATOM   725 C  "C1'" . DC  D 4 10 ? -5.785  -4.062  8.072   1.00 91.13  ? 10  DC  D "C1'" 1 
ATOM   726 N  N1    . DC  D 4 10 ? -4.345  -4.392  7.866   1.00 83.30  ? 10  DC  D N1    1 
ATOM   727 C  C2    . DC  D 4 10 ? -3.556  -4.716  8.972   1.00 86.74  ? 10  DC  D C2    1 
ATOM   728 O  O2    . DC  D 4 10 ? -4.076  -4.700  10.099  1.00 93.51  ? 10  DC  D O2    1 
ATOM   729 N  N3    . DC  D 4 10 ? -2.241  -5.032  8.780   1.00 80.58  ? 10  DC  D N3    1 
ATOM   730 C  C4    . DC  D 4 10 ? -1.726  -5.024  7.536   1.00 83.87  ? 10  DC  D C4    1 
ATOM   731 N  N4    . DC  D 4 10 ? -0.422  -5.328  7.378   1.00 80.30  ? 10  DC  D N4    1 
ATOM   732 C  C5    . DC  D 4 10 ? -2.527  -4.701  6.399   1.00 81.67  ? 10  DC  D C5    1 
ATOM   733 C  C6    . DC  D 4 10 ? -3.816  -4.405  6.610   1.00 81.83  ? 10  DC  D C6    1 
ATOM   734 P  P     . DG  D 4 11 ? -6.642  0.669   7.942   1.00 118.18 ? 11  DG  D P     1 
ATOM   735 O  OP1   . DG  D 4 11 ? -7.854  1.466   8.244   1.00 114.59 ? 11  DG  D OP1   1 
ATOM   736 O  OP2   . DG  D 4 11 ? -5.646  1.117   6.940   1.00 109.65 ? 11  DG  D OP2   1 
ATOM   737 O  "O5'" . DG  D 4 11 ? -5.863  0.437   9.321   1.00 107.57 ? 11  DG  D "O5'" 1 
ATOM   738 C  "C5'" . DG  D 4 11 ? -6.603  0.304   10.536  1.00 113.16 ? 11  DG  D "C5'" 1 
ATOM   739 C  "C4'" . DG  D 4 11 ? -5.693  -0.123  11.667  1.00 116.30 ? 11  DG  D "C4'" 1 
ATOM   740 O  "O4'" . DG  D 4 11 ? -5.000  -1.338  11.295  1.00 113.84 ? 11  DG  D "O4'" 1 
ATOM   741 C  "C3'" . DG  D 4 11 ? -4.582  0.854   11.991  1.00 114.13 ? 11  DG  D "C3'" 1 
ATOM   742 O  "O3'" . DG  D 4 11 ? -5.064  1.866   12.868  1.00 120.56 ? 11  DG  D "O3'" 1 
ATOM   743 C  "C2'" . DG  D 4 11 ? -3.569  -0.050  12.682  1.00 109.65 ? 11  DG  D "C2'" 1 
ATOM   744 C  "C1'" . DG  D 4 11 ? -3.720  -1.357  11.901  1.00 106.65 ? 11  DG  D "C1'" 1 
ATOM   745 N  N9    . DG  D 4 11 ? -2.710  -1.523  10.870  1.00 97.39  ? 11  DG  D N9    1 
ATOM   746 C  C8    . DG  D 4 11 ? -2.820  -1.217  9.536   1.00 96.32  ? 11  DG  D C8    1 
ATOM   747 N  N7    . DG  D 4 11 ? -1.728  -1.472  8.854   1.00 90.51  ? 11  DG  D N7    1 
ATOM   748 C  C5    . DG  D 4 11 ? -0.844  -1.965  9.803   1.00 87.10  ? 11  DG  D C5    1 
ATOM   749 C  C6    . DG  D 4 11 ? 0.491   -2.407  9.660   1.00 92.41  ? 11  DG  D C6    1 
ATOM   750 O  O6    . DG  D 4 11 ? 1.181   -2.447  8.626   1.00 94.97  ? 11  DG  D O6    1 
ATOM   751 N  N1    . DG  D 4 11 ? 1.025   -2.841  10.882  1.00 96.26  ? 11  DG  D N1    1 
ATOM   752 C  C2    . DG  D 4 11 ? 0.338   -2.845  12.087  1.00 100.15 ? 11  DG  D C2    1 
ATOM   753 N  N2    . DG  D 4 11 ? 1.007   -3.305  13.166  1.00 101.03 ? 11  DG  D N2    1 
ATOM   754 N  N3    . DG  D 4 11 ? -0.913  -2.426  12.225  1.00 94.14  ? 11  DG  D N3    1 
ATOM   755 C  C4    . DG  D 4 11 ? -1.438  -2.005  11.048  1.00 93.30  ? 11  DG  D C4    1 
ATOM   756 P  P     . DT  D 4 12 ? -4.200  3.203   13.096  1.00 127.93 ? 12  DT  D P     1 
ATOM   757 O  OP1   . DT  D 4 12 ? -5.154  4.224   13.587  1.00 126.58 ? 12  DT  D OP1   1 
ATOM   758 O  OP2   . DT  D 4 12 ? -3.346  3.439   11.897  1.00 112.98 ? 12  DT  D OP2   1 
ATOM   759 O  "O5'" . DT  D 4 12 ? -3.207  2.816   14.281  1.00 116.55 ? 12  DT  D "O5'" 1 
ATOM   760 C  "C5'" . DT  D 4 12 ? -3.727  2.311   15.491  1.00 118.96 ? 12  DT  D "C5'" 1 
ATOM   761 C  "C4'" . DT  D 4 12 ? -2.668  1.514   16.211  1.00 124.75 ? 12  DT  D "C4'" 1 
ATOM   762 O  "O4'" . DT  D 4 12 ? -1.911  0.748   15.237  1.00 122.05 ? 12  DT  D "O4'" 1 
ATOM   763 C  "C3'" . DT  D 4 12 ? -1.649  2.350   16.987  1.00 129.37 ? 12  DT  D "C3'" 1 
ATOM   764 O  "O3'" . DT  D 4 12 ? -1.428  1.762   18.272  1.00 139.21 ? 12  DT  D "O3'" 1 
ATOM   765 C  "C2'" . DT  D 4 12 ? -0.397  2.302   16.104  1.00 123.53 ? 12  DT  D "C2'" 1 
ATOM   766 C  "C1'" . DT  D 4 12 ? -0.534  0.942   15.439  1.00 115.56 ? 12  DT  D "C1'" 1 
ATOM   767 N  N1    . DT  D 4 12 ? 0.160   0.840   14.116  1.00 109.98 ? 12  DT  D N1    1 
ATOM   768 C  C2    . DT  D 4 12 ? 1.367   0.186   14.048  1.00 111.79 ? 12  DT  D C2    1 
ATOM   769 O  O2    . DT  D 4 12 ? 1.907   -0.318  15.020  1.00 116.14 ? 12  DT  D O2    1 
ATOM   770 N  N3    . DT  D 4 12 ? 1.929   0.145   12.792  1.00 106.04 ? 12  DT  D N3    1 
ATOM   771 C  C4    . DT  D 4 12 ? 1.408   0.677   11.621  1.00 103.33 ? 12  DT  D C4    1 
ATOM   772 O  O4    . DT  D 4 12 ? 1.987   0.594   10.541  1.00 103.36 ? 12  DT  D O4    1 
ATOM   773 C  C5    . DT  D 4 12 ? 0.142   1.344   11.757  1.00 103.62 ? 12  DT  D C5    1 
ATOM   774 C  C7    . DT  D 4 12 ? -0.505  1.956   10.550  1.00 97.78  ? 12  DT  D C7    1 
ATOM   775 C  C6    . DT  D 4 12 ? -0.422  1.395   12.985  1.00 108.74 ? 12  DT  D C6    1 
ATOM   776 P  P     . DC  D 4 13 ? -0.443  2.458   19.337  1.00 150.90 ? 13  DC  D P     1 
ATOM   777 O  OP1   . DC  D 4 13 ? -0.785  1.908   20.671  1.00 142.23 ? 13  DC  D OP1   1 
ATOM   778 O  OP2   . DC  D 4 13 ? -0.474  3.923   19.116  1.00 144.40 ? 13  DC  D OP2   1 
ATOM   779 O  "O5'" . DC  D 4 13 ? 1.002   1.931   18.904  1.00 136.21 ? 13  DC  D "O5'" 1 
ATOM   780 C  "C5'" . DC  D 4 13 ? 2.068   2.832   18.801  1.00 138.09 ? 13  DC  D "C5'" 1 
ATOM   781 C  "C4'" . DC  D 4 13 ? 3.365   2.080   18.649  1.00 143.19 ? 13  DC  D "C4'" 1 
ATOM   782 O  "O4'" . DC  D 4 13 ? 3.572   1.765   17.250  1.00 137.10 ? 13  DC  D "O4'" 1 
ATOM   783 C  "C3'" . DC  D 4 13 ? 4.601   2.851   19.104  1.00 153.52 ? 13  DC  D "C3'" 1 
ATOM   784 O  "O3'" . DC  D 4 13 ? 5.422   2.010   19.903  1.00 160.59 ? 13  DC  D "O3'" 1 
ATOM   785 C  "C2'" . DC  D 4 13 ? 5.286   3.238   17.791  1.00 152.14 ? 13  DC  D "C2'" 1 
ATOM   786 C  "C1'" . DC  D 4 13 ? 4.895   2.077   16.896  1.00 140.73 ? 13  DC  D "C1'" 1 
ATOM   787 N  N1    . DC  D 4 13 ? 4.924   2.393   15.444  1.00 137.08 ? 13  DC  D N1    1 
ATOM   788 C  C2    . DC  D 4 13 ? 5.973   1.911   14.651  1.00 139.71 ? 13  DC  D C2    1 
ATOM   789 O  O2    . DC  D 4 13 ? 6.867   1.235   15.179  1.00 144.78 ? 13  DC  D O2    1 
ATOM   790 N  N3    . DC  D 4 13 ? 5.982   2.202   13.325  1.00 135.36 ? 13  DC  D N3    1 
ATOM   791 C  C4    . DC  D 4 13 ? 4.998   2.932   12.795  1.00 132.95 ? 13  DC  D C4    1 
ATOM   792 N  N4    . DC  D 4 13 ? 5.047   3.190   11.484  1.00 133.33 ? 13  DC  D N4    1 
ATOM   793 C  C5    . DC  D 4 13 ? 3.918   3.428   13.587  1.00 127.44 ? 13  DC  D C5    1 
ATOM   794 C  C6    . DC  D 4 13 ? 3.920   3.136   14.892  1.00 130.71 ? 13  DC  D C6    1 
ATOM   795 P  P     . DT  D 4 14 ? 6.520   2.646   20.889  1.00 167.86 ? 14  DT  D P     1 
ATOM   796 O  OP1   . DT  D 4 14 ? 6.924   1.584   21.841  1.00 163.80 ? 14  DT  D OP1   1 
ATOM   797 O  OP2   . DT  D 4 14 ? 5.966   3.923   21.400  1.00 161.00 ? 14  DT  D OP2   1 
ATOM   798 O  "O5'" . DT  D 4 14 ? 7.759   2.976   19.923  1.00 163.86 ? 14  DT  D "O5'" 1 
ATOM   799 C  "C5'" . DT  D 4 14 ? 8.377   1.929   19.174  1.00 160.57 ? 14  DT  D "C5'" 1 
ATOM   800 C  "C4'" . DT  D 4 14 ? 9.544   2.455   18.345  1.00 168.71 ? 14  DT  D "C4'" 1 
ATOM   801 O  "O4'" . DT  D 4 14 ? 9.096   2.792   17.006  1.00 166.06 ? 14  DT  D "O4'" 1 
ATOM   802 C  "C3'" . DT  D 4 14 ? 10.245  3.712   18.892  1.00 173.35 ? 14  DT  D "C3'" 1 
ATOM   803 O  "O3'" . DT  D 4 14 ? 11.658  3.466   18.999  1.00 179.84 ? 14  DT  D "O3'" 1 
ATOM   804 C  "C2'" . DT  D 4 14 ? 9.932   4.783   17.835  1.00 170.06 ? 14  DT  D "C2'" 1 
ATOM   805 C  "C1'" . DT  D 4 14 ? 9.797   3.936   16.586  1.00 167.71 ? 14  DT  D "C1'" 1 
ATOM   806 N  N1    . DT  D 4 14 ? 9.042   4.595   15.473  1.00 162.40 ? 14  DT  D N1    1 
ATOM   807 C  C2    . DT  D 4 14 ? 9.480   4.425   14.179  1.00 163.44 ? 14  DT  D C2    1 
ATOM   808 O  O2    . DT  D 4 14 ? 10.460  3.756   13.890  1.00 165.30 ? 14  DT  D O2    1 
ATOM   809 N  N3    . DT  D 4 14 ? 8.725   5.066   13.228  1.00 158.58 ? 14  DT  D N3    1 
ATOM   810 C  C4    . DT  D 4 14 ? 7.599   5.844   13.436  1.00 155.16 ? 14  DT  D C4    1 
ATOM   811 O  O4    . DT  D 4 14 ? 6.986   6.378   12.513  1.00 153.41 ? 14  DT  D O4    1 
ATOM   812 C  C5    . DT  D 4 14 ? 7.194   5.984   14.819  1.00 153.81 ? 14  DT  D C5    1 
ATOM   813 C  C7    . DT  D 4 14 ? 5.989   6.802   15.170  1.00 147.26 ? 14  DT  D C7    1 
ATOM   814 C  C6    . DT  D 4 14 ? 7.928   5.362   15.760  1.00 156.37 ? 14  DT  D C6    1 
ATOM   815 P  P     . DG  D 4 15 ? 12.671  4.605   19.521  1.00 190.32 ? 15  DG  D P     1 
ATOM   816 O  OP1   . DG  D 4 15 ? 13.564  3.962   20.512  1.00 192.01 ? 15  DG  D OP1   1 
ATOM   817 O  OP2   . DG  D 4 15 ? 11.907  5.817   19.897  1.00 184.18 ? 15  DG  D OP2   1 
ATOM   818 O  "O5'" . DG  D 4 15 ? 13.573  4.934   18.241  1.00 182.39 ? 15  DG  D "O5'" 1 
ATOM   819 C  "C5'" . DG  D 4 15 ? 14.477  3.956   17.734  1.00 183.03 ? 15  DG  D "C5'" 1 
ATOM   820 C  "C4'" . DG  D 4 15 ? 14.931  4.325   16.336  1.00 183.48 ? 15  DG  D "C4'" 1 
ATOM   821 O  "O4'" . DG  D 4 15 ? 13.784  4.331   15.447  1.00 180.16 ? 15  DG  D "O4'" 1 
ATOM   822 C  "C3'" . DG  D 4 15 ? 15.541  5.710   16.211  1.00 183.35 ? 15  DG  D "C3'" 1 
ATOM   823 O  "O3'" . DG  D 4 15 ? 16.960  5.658   16.480  1.00 187.19 ? 15  DG  D "O3'" 1 
ATOM   824 C  "C2'" . DG  D 4 15 ? 15.227  6.079   14.768  1.00 181.56 ? 15  DG  D "C2'" 1 
ATOM   825 C  "C1'" . DG  D 4 15 ? 13.862  5.436   14.562  1.00 178.56 ? 15  DG  D "C1'" 1 
ATOM   826 N  N9    . DG  D 4 15 ? 12.747  6.335   14.837  1.00 175.95 ? 15  DG  D N9    1 
ATOM   827 C  C8    . DG  D 4 15 ? 12.248  6.688   16.068  1.00 174.79 ? 15  DG  D C8    1 
ATOM   828 N  N7    . DG  D 4 15 ? 11.237  7.512   16.003  1.00 172.25 ? 15  DG  D N7    1 
ATOM   829 C  C5    . DG  D 4 15 ? 11.054  7.718   14.640  1.00 172.17 ? 15  DG  D C5    1 
ATOM   830 C  C6    . DG  D 4 15 ? 10.106  8.517   13.955  1.00 169.33 ? 15  DG  D C6    1 
ATOM   831 O  O6    . DG  D 4 15 ? 9.207   9.225   14.435  1.00 166.61 ? 15  DG  D O6    1 
ATOM   832 N  N1    . DG  D 4 15 ? 10.270  8.440   12.570  1.00 172.52 ? 15  DG  D N1    1 
ATOM   833 C  C2    . DG  D 4 15 ? 11.232  7.684   11.930  1.00 175.22 ? 15  DG  D C2    1 
ATOM   834 N  N2    . DG  D 4 15 ? 11.238  7.735   10.587  1.00 173.44 ? 15  DG  D N2    1 
ATOM   835 N  N3    . DG  D 4 15 ? 12.125  6.933   12.563  1.00 176.13 ? 15  DG  D N3    1 
ATOM   836 C  C4    . DG  D 4 15 ? 11.977  6.998   13.910  1.00 174.84 ? 15  DG  D C4    1 
ATOM   837 P  P     . DC  D 4 16 ? 18.048  5.423   15.312  1.00 192.03 ? 16  DC  D P     1 
ATOM   838 O  OP1   . DC  D 4 16 ? 17.620  4.313   14.429  1.00 186.09 ? 16  DC  D OP1   1 
ATOM   839 O  OP2   . DC  D 4 16 ? 19.352  5.322   16.000  1.00 192.07 ? 16  DC  D OP2   1 
ATOM   840 O  "O5'" . DC  D 4 16 ? 18.082  6.808   14.504  1.00 185.72 ? 16  DC  D "O5'" 1 
ATOM   841 C  "C5'" . DC  D 4 16 ? 19.024  7.005   13.449  1.00 183.50 ? 16  DC  D "C5'" 1 
ATOM   842 C  "C4'" . DC  D 4 16 ? 18.446  6.575   12.109  1.00 182.01 ? 16  DC  D "C4'" 1 
ATOM   843 O  "O4'" . DC  D 4 16 ? 17.016  6.826   12.090  1.00 181.39 ? 16  DC  D "O4'" 1 
ATOM   844 C  "C3'" . DC  D 4 16 ? 19.021  7.308   10.894  1.00 180.08 ? 16  DC  D "C3'" 1 
ATOM   845 O  "O3'" . DC  D 4 16 ? 19.201  6.402   9.811   1.00 178.95 ? 16  DC  D "O3'" 1 
ATOM   846 C  "C2'" . DC  D 4 16 ? 17.949  8.350   10.583  1.00 179.94 ? 16  DC  D "C2'" 1 
ATOM   847 C  "C1'" . DC  D 4 16 ? 16.685  7.596   10.956  1.00 180.28 ? 16  DC  D "C1'" 1 
ATOM   848 N  N1    . DC  D 4 16 ? 15.539  8.477   11.313  1.00 178.87 ? 16  DC  D N1    1 
ATOM   849 C  C2    . DC  D 4 16 ? 14.805  9.113   10.304  1.00 180.37 ? 16  DC  D C2    1 
ATOM   850 O  O2    . DC  D 4 16 ? 15.129  8.940   9.121   1.00 180.75 ? 16  DC  D O2    1 
ATOM   851 N  N3    . DC  D 4 16 ? 13.759  9.905   10.655  1.00 180.23 ? 16  DC  D N3    1 
ATOM   852 C  C4    . DC  D 4 16 ? 13.445  10.066  11.943  1.00 179.50 ? 16  DC  D C4    1 
ATOM   853 N  N4    . DC  D 4 16 ? 12.407  10.855  12.245  1.00 178.47 ? 16  DC  D N4    1 
ATOM   854 C  C5    . DC  D 4 16 ? 14.179  9.422   12.980  1.00 179.18 ? 16  DC  D C5    1 
ATOM   855 C  C6    . DC  D 4 16 ? 15.206  8.646   12.622  1.00 178.27 ? 16  DC  D C6    1 
HETATM 856 AS AS    . CAC E 5 .  ? -13.390 -8.517  0.304   1.00 113.72 ? 101 CAC C AS    1 
HETATM 857 AS AS    . CAC F 5 .  ? 0.833   -0.336  4.948   1.00 144.52 ? 101 CAC D AS    1 
HETATM 858 AS AS    . CAC G 5 .  ? -5.344  -9.804  -6.016  1.00 179.11 ? 102 CAC D AS    1 
# 
loop_
_pdbx_poly_seq_scheme.asym_id 
_pdbx_poly_seq_scheme.entity_id 
_pdbx_poly_seq_scheme.seq_id 
_pdbx_poly_seq_scheme.mon_id 
_pdbx_poly_seq_scheme.ndb_seq_num 
_pdbx_poly_seq_scheme.pdb_seq_num 
_pdbx_poly_seq_scheme.auth_seq_num 
_pdbx_poly_seq_scheme.pdb_mon_id 
_pdbx_poly_seq_scheme.auth_mon_id 
_pdbx_poly_seq_scheme.pdb_strand_id 
_pdbx_poly_seq_scheme.pdb_ins_code 
_pdbx_poly_seq_scheme.hetero 
A 1 1  DG 1  1  1  DG DG A . n 
A 1 2  DA 2  2  2  DA DA A . n 
A 1 3  DG 3  3  3  DG DG A . n 
A 1 4  DC 4  4  4  DC DC A . n 
A 1 5  DA 5  5  5  DA DA A . n 
A 1 6  DG 6  6  6  DG DG A . n 
A 1 7  DA 7  7  7  DA DA A . n 
A 1 8  DC 8  8  8  DC DC A . n 
A 1 9  DG 9  9  9  DG DG A . n 
A 1 10 DT 10 10 10 DT DT A . n 
A 1 11 DG 11 11 11 DG DG A . n 
B 2 1  DA 1  12 12 DA DA B . n 
B 2 2  DC 2  13 13 DC DC B . n 
B 2 3  DT 3  14 14 DT DT B . n 
B 2 4  DC 4  15 15 DC DC B . n 
B 2 5  DC 5  16 16 DC DC B . n 
B 2 6  DA 6  17 17 DA DA B . n 
B 2 7  DC 7  18 18 DC DC B . n 
B 2 8  DT 8  19 19 DT DT B . n 
B 2 9  DC 9  20 20 DC DC B . n 
B 2 10 DA 10 21 21 DA DA B . n 
C 3 1  DC 1  1  1  DC DC C . n 
C 3 2  DA 2  2  2  DA DA C . n 
C 3 3  DA 3  3  3  DA DA C . n 
C 3 4  DG 4  4  4  DG DG C . n 
C 3 5  DT 5  5  5  DT DT C . n 
D 4 1  DT 1  1  1  DT DT D . n 
D 4 2  DC 2  2  2  DC DC D . n 
D 4 3  DT 3  3  3  DT DT D . n 
D 4 4  DG 4  4  4  DG DG D . n 
D 4 5  DA 5  5  5  DA DA D . n 
D 4 6  DG 6  6  6  DG DG D . n 
D 4 7  DT 7  7  7  DT DT D . n 
D 4 8  DG 8  8  8  DG DG D . n 
D 4 9  DG 9  9  9  DG DG D . n 
D 4 10 DC 10 10 10 DC DC D . n 
D 4 11 DG 11 11 11 DG DG D . n 
D 4 12 DT 12 12 12 DT DT D . n 
D 4 13 DC 13 13 13 DC DC D . n 
D 4 14 DT 14 14 14 DT DT D . n 
D 4 15 DG 15 15 15 DG DG D . n 
D 4 16 DC 16 16 16 DC DC D . n 
# 
loop_
_pdbx_nonpoly_scheme.asym_id 
_pdbx_nonpoly_scheme.entity_id 
_pdbx_nonpoly_scheme.mon_id 
_pdbx_nonpoly_scheme.ndb_seq_num 
_pdbx_nonpoly_scheme.pdb_seq_num 
_pdbx_nonpoly_scheme.auth_seq_num 
_pdbx_nonpoly_scheme.pdb_mon_id 
_pdbx_nonpoly_scheme.auth_mon_id 
_pdbx_nonpoly_scheme.pdb_strand_id 
_pdbx_nonpoly_scheme.pdb_ins_code 
E 5 CAC 1 101 2 CAC AS C . 
F 5 CAC 1 101 1 CAC AS D . 
G 5 CAC 1 102 3 CAC AS D . 
# 
_pdbx_struct_assembly.id                   1 
_pdbx_struct_assembly.details              author_and_software_defined_assembly 
_pdbx_struct_assembly.method_details       PISA 
_pdbx_struct_assembly.oligomeric_details   tetrameric 
_pdbx_struct_assembly.oligomeric_count     4 
# 
_pdbx_struct_assembly_gen.assembly_id       1 
_pdbx_struct_assembly_gen.oper_expression   1 
_pdbx_struct_assembly_gen.asym_id_list      A,B,C,D,E,F,G 
# 
loop_
_pdbx_struct_assembly_prop.biol_id 
_pdbx_struct_assembly_prop.type 
_pdbx_struct_assembly_prop.value 
_pdbx_struct_assembly_prop.details 
1 'ABSA (A^2)' 2640 ? 
1 MORE         -14  ? 
1 'SSA (A^2)'  8120 ? 
# 
_pdbx_struct_oper_list.id                   1 
_pdbx_struct_oper_list.type                 'identity operation' 
_pdbx_struct_oper_list.name                 1_555 
_pdbx_struct_oper_list.symmetry_operation   x,y,z 
_pdbx_struct_oper_list.matrix[1][1]         1.0000000000 
_pdbx_struct_oper_list.matrix[1][2]         0.0000000000 
_pdbx_struct_oper_list.matrix[1][3]         0.0000000000 
_pdbx_struct_oper_list.vector[1]            0.0000000000 
_pdbx_struct_oper_list.matrix[2][1]         0.0000000000 
_pdbx_struct_oper_list.matrix[2][2]         1.0000000000 
_pdbx_struct_oper_list.matrix[2][3]         0.0000000000 
_pdbx_struct_oper_list.vector[2]            0.0000000000 
_pdbx_struct_oper_list.matrix[3][1]         0.0000000000 
_pdbx_struct_oper_list.matrix[3][2]         0.0000000000 
_pdbx_struct_oper_list.matrix[3][3]         1.0000000000 
_pdbx_struct_oper_list.vector[3]            0.0000000000 
# 
loop_
_pdbx_audit_revision_history.ordinal 
_pdbx_audit_revision_history.data_content_type 
_pdbx_audit_revision_history.major_revision 
_pdbx_audit_revision_history.minor_revision 
_pdbx_audit_revision_history.revision_date 
1 'Structure model' 1 0 2021-07-14 
2 'Structure model' 1 1 2022-07-06 
3 'Structure model' 1 2 2023-10-18 
# 
_pdbx_audit_revision_details.ordinal             1 
_pdbx_audit_revision_details.revision_ordinal    1 
_pdbx_audit_revision_details.data_content_type   'Structure model' 
_pdbx_audit_revision_details.provider            repository 
_pdbx_audit_revision_details.type                'Initial release' 
_pdbx_audit_revision_details.description         ? 
_pdbx_audit_revision_details.details             ? 
# 
loop_
_pdbx_audit_revision_group.ordinal 
_pdbx_audit_revision_group.revision_ordinal 
_pdbx_audit_revision_group.data_content_type 
_pdbx_audit_revision_group.group 
1 2 'Structure model' 'Database references'    
2 3 'Structure model' 'Data collection'        
3 3 'Structure model' 'Refinement description' 
# 
loop_
_pdbx_audit_revision_category.ordinal 
_pdbx_audit_revision_category.revision_ordinal 
_pdbx_audit_revision_category.data_content_type 
_pdbx_audit_revision_category.category 
1 2 'Structure model' citation                      
2 2 'Structure model' citation_author               
3 2 'Structure model' database_2                    
4 3 'Structure model' chem_comp_atom                
5 3 'Structure model' chem_comp_bond                
6 3 'Structure model' pdbx_initial_refinement_model 
# 
loop_
_pdbx_audit_revision_item.ordinal 
_pdbx_audit_revision_item.revision_ordinal 
_pdbx_audit_revision_item.data_content_type 
_pdbx_audit_revision_item.item 
1  2 'Structure model' '_citation.country'                   
2  2 'Structure model' '_citation.journal_abbrev'            
3  2 'Structure model' '_citation.journal_id_CSD'            
4  2 'Structure model' '_citation.journal_id_ISSN'           
5  2 'Structure model' '_citation.journal_volume'            
6  2 'Structure model' '_citation.page_first'                
7  2 'Structure model' '_citation.page_last'                 
8  2 'Structure model' '_citation.pdbx_database_id_DOI'      
9  2 'Structure model' '_citation.pdbx_database_id_PubMed'   
10 2 'Structure model' '_citation.title'                     
11 2 'Structure model' '_citation.year'                      
12 2 'Structure model' '_database_2.pdbx_DOI'                
13 2 'Structure model' '_database_2.pdbx_database_accession' 
# 
loop_
_software.citation_id 
_software.classification 
_software.compiler_name 
_software.compiler_version 
_software.contact_author 
_software.contact_author_email 
_software.date 
_software.description 
_software.dependencies 
_software.hardware 
_software.language 
_software.location 
_software.mods 
_software.name 
_software.os 
_software.os_version 
_software.type 
_software.version 
_software.pdbx_ordinal 
? 'data reduction'  ? ? ? ? ? ? ? ? ? ? ? HKL-2000    ? ? ? .           1 
? 'data scaling'    ? ? ? ? ? ? ? ? ? ? ? HKL-2000    ? ? ? .           2 
? refinement        ? ? ? ? ? ? ? ? ? ? ? PHENIX      ? ? ? 1.11.1_2575 3 
? 'data extraction' ? ? ? ? ? ? ? ? ? ? ? PDB_EXTRACT ? ? ? 3.25        4 
? phasing           ? ? ? ? ? ? ? ? ? ? ? PHASER      ? ? ? .           5 
# 
_pdbx_entry_details.entry_id                 6XDV 
_pdbx_entry_details.has_ligand_of_interest   N 
_pdbx_entry_details.compound_details         ? 
_pdbx_entry_details.source_details           ? 
_pdbx_entry_details.nonpolymer_details       ? 
_pdbx_entry_details.sequence_details         ? 
# 
_pdbx_validate_rmsd_angle.id                         1 
_pdbx_validate_rmsd_angle.PDB_model_num              1 
_pdbx_validate_rmsd_angle.auth_atom_id_1             "O4'" 
_pdbx_validate_rmsd_angle.auth_asym_id_1             B 
_pdbx_validate_rmsd_angle.auth_comp_id_1             DA 
_pdbx_validate_rmsd_angle.auth_seq_id_1              12 
_pdbx_validate_rmsd_angle.PDB_ins_code_1             ? 
_pdbx_validate_rmsd_angle.label_alt_id_1             ? 
_pdbx_validate_rmsd_angle.auth_atom_id_2             "C1'" 
_pdbx_validate_rmsd_angle.auth_asym_id_2             B 
_pdbx_validate_rmsd_angle.auth_comp_id_2             DA 
_pdbx_validate_rmsd_angle.auth_seq_id_2              12 
_pdbx_validate_rmsd_angle.PDB_ins_code_2             ? 
_pdbx_validate_rmsd_angle.label_alt_id_2             ? 
_pdbx_validate_rmsd_angle.auth_atom_id_3             N9 
_pdbx_validate_rmsd_angle.auth_asym_id_3             B 
_pdbx_validate_rmsd_angle.auth_comp_id_3             DA 
_pdbx_validate_rmsd_angle.auth_seq_id_3              12 
_pdbx_validate_rmsd_angle.PDB_ins_code_3             ? 
_pdbx_validate_rmsd_angle.label_alt_id_3             ? 
_pdbx_validate_rmsd_angle.angle_value                110.58 
_pdbx_validate_rmsd_angle.angle_target_value         108.30 
_pdbx_validate_rmsd_angle.angle_deviation            2.28 
_pdbx_validate_rmsd_angle.angle_standard_deviation   0.30 
_pdbx_validate_rmsd_angle.linker_flag                N 
# 
loop_
_pdbx_unobs_or_zero_occ_atoms.id 
_pdbx_unobs_or_zero_occ_atoms.PDB_model_num 
_pdbx_unobs_or_zero_occ_atoms.polymer_flag 
_pdbx_unobs_or_zero_occ_atoms.occupancy_flag 
_pdbx_unobs_or_zero_occ_atoms.auth_asym_id 
_pdbx_unobs_or_zero_occ_atoms.auth_comp_id 
_pdbx_unobs_or_zero_occ_atoms.auth_seq_id 
_pdbx_unobs_or_zero_occ_atoms.PDB_ins_code 
_pdbx_unobs_or_zero_occ_atoms.auth_atom_id 
_pdbx_unobs_or_zero_occ_atoms.label_alt_id 
_pdbx_unobs_or_zero_occ_atoms.label_asym_id 
_pdbx_unobs_or_zero_occ_atoms.label_comp_id 
_pdbx_unobs_or_zero_occ_atoms.label_seq_id 
_pdbx_unobs_or_zero_occ_atoms.label_atom_id 
1  1 N 1 C CAC 101 ? O1 ? E CAC 1 O1 
2  1 N 1 C CAC 101 ? O2 ? E CAC 1 O2 
3  1 N 1 C CAC 101 ? C1 ? E CAC 1 C1 
4  1 N 1 C CAC 101 ? C2 ? E CAC 1 C2 
5  1 N 1 D CAC 101 ? O1 ? F CAC 1 O1 
6  1 N 1 D CAC 101 ? O2 ? F CAC 1 O2 
7  1 N 1 D CAC 101 ? C1 ? F CAC 1 C1 
8  1 N 1 D CAC 101 ? C2 ? F CAC 1 C2 
9  1 N 1 D CAC 102 ? O1 ? G CAC 1 O1 
10 1 N 1 D CAC 102 ? O2 ? G CAC 1 O2 
11 1 N 1 D CAC 102 ? C1 ? G CAC 1 C1 
12 1 N 1 D CAC 102 ? C2 ? G CAC 1 C2 
# 
loop_
_chem_comp_atom.comp_id 
_chem_comp_atom.atom_id 
_chem_comp_atom.type_symbol 
_chem_comp_atom.pdbx_aromatic_flag 
_chem_comp_atom.pdbx_stereo_config 
_chem_comp_atom.pdbx_ordinal 
CAC AS     AS N N 1   
CAC O1     O  N N 2   
CAC O2     O  N N 3   
CAC C1     C  N N 4   
CAC C2     C  N N 5   
CAC H11    H  N N 6   
CAC H12    H  N N 7   
CAC H13    H  N N 8   
CAC H21    H  N N 9   
CAC H22    H  N N 10  
CAC H23    H  N N 11  
DA  OP3    O  N N 12  
DA  P      P  N N 13  
DA  OP1    O  N N 14  
DA  OP2    O  N N 15  
DA  "O5'"  O  N N 16  
DA  "C5'"  C  N N 17  
DA  "C4'"  C  N R 18  
DA  "O4'"  O  N N 19  
DA  "C3'"  C  N S 20  
DA  "O3'"  O  N N 21  
DA  "C2'"  C  N N 22  
DA  "C1'"  C  N R 23  
DA  N9     N  Y N 24  
DA  C8     C  Y N 25  
DA  N7     N  Y N 26  
DA  C5     C  Y N 27  
DA  C6     C  Y N 28  
DA  N6     N  N N 29  
DA  N1     N  Y N 30  
DA  C2     C  Y N 31  
DA  N3     N  Y N 32  
DA  C4     C  Y N 33  
DA  HOP3   H  N N 34  
DA  HOP2   H  N N 35  
DA  "H5'"  H  N N 36  
DA  "H5''" H  N N 37  
DA  "H4'"  H  N N 38  
DA  "H3'"  H  N N 39  
DA  "HO3'" H  N N 40  
DA  "H2'"  H  N N 41  
DA  "H2''" H  N N 42  
DA  "H1'"  H  N N 43  
DA  H8     H  N N 44  
DA  H61    H  N N 45  
DA  H62    H  N N 46  
DA  H2     H  N N 47  
DC  OP3    O  N N 48  
DC  P      P  N N 49  
DC  OP1    O  N N 50  
DC  OP2    O  N N 51  
DC  "O5'"  O  N N 52  
DC  "C5'"  C  N N 53  
DC  "C4'"  C  N R 54  
DC  "O4'"  O  N N 55  
DC  "C3'"  C  N S 56  
DC  "O3'"  O  N N 57  
DC  "C2'"  C  N N 58  
DC  "C1'"  C  N R 59  
DC  N1     N  N N 60  
DC  C2     C  N N 61  
DC  O2     O  N N 62  
DC  N3     N  N N 63  
DC  C4     C  N N 64  
DC  N4     N  N N 65  
DC  C5     C  N N 66  
DC  C6     C  N N 67  
DC  HOP3   H  N N 68  
DC  HOP2   H  N N 69  
DC  "H5'"  H  N N 70  
DC  "H5''" H  N N 71  
DC  "H4'"  H  N N 72  
DC  "H3'"  H  N N 73  
DC  "HO3'" H  N N 74  
DC  "H2'"  H  N N 75  
DC  "H2''" H  N N 76  
DC  "H1'"  H  N N 77  
DC  H41    H  N N 78  
DC  H42    H  N N 79  
DC  H5     H  N N 80  
DC  H6     H  N N 81  
DG  OP3    O  N N 82  
DG  P      P  N N 83  
DG  OP1    O  N N 84  
DG  OP2    O  N N 85  
DG  "O5'"  O  N N 86  
DG  "C5'"  C  N N 87  
DG  "C4'"  C  N R 88  
DG  "O4'"  O  N N 89  
DG  "C3'"  C  N S 90  
DG  "O3'"  O  N N 91  
DG  "C2'"  C  N N 92  
DG  "C1'"  C  N R 93  
DG  N9     N  Y N 94  
DG  C8     C  Y N 95  
DG  N7     N  Y N 96  
DG  C5     C  Y N 97  
DG  C6     C  N N 98  
DG  O6     O  N N 99  
DG  N1     N  N N 100 
DG  C2     C  N N 101 
DG  N2     N  N N 102 
DG  N3     N  N N 103 
DG  C4     C  Y N 104 
DG  HOP3   H  N N 105 
DG  HOP2   H  N N 106 
DG  "H5'"  H  N N 107 
DG  "H5''" H  N N 108 
DG  "H4'"  H  N N 109 
DG  "H3'"  H  N N 110 
DG  "HO3'" H  N N 111 
DG  "H2'"  H  N N 112 
DG  "H2''" H  N N 113 
DG  "H1'"  H  N N 114 
DG  H8     H  N N 115 
DG  H1     H  N N 116 
DG  H21    H  N N 117 
DG  H22    H  N N 118 
DT  OP3    O  N N 119 
DT  P      P  N N 120 
DT  OP1    O  N N 121 
DT  OP2    O  N N 122 
DT  "O5'"  O  N N 123 
DT  "C5'"  C  N N 124 
DT  "C4'"  C  N R 125 
DT  "O4'"  O  N N 126 
DT  "C3'"  C  N S 127 
DT  "O3'"  O  N N 128 
DT  "C2'"  C  N N 129 
DT  "C1'"  C  N R 130 
DT  N1     N  N N 131 
DT  C2     C  N N 132 
DT  O2     O  N N 133 
DT  N3     N  N N 134 
DT  C4     C  N N 135 
DT  O4     O  N N 136 
DT  C5     C  N N 137 
DT  C7     C  N N 138 
DT  C6     C  N N 139 
DT  HOP3   H  N N 140 
DT  HOP2   H  N N 141 
DT  "H5'"  H  N N 142 
DT  "H5''" H  N N 143 
DT  "H4'"  H  N N 144 
DT  "H3'"  H  N N 145 
DT  "HO3'" H  N N 146 
DT  "H2'"  H  N N 147 
DT  "H2''" H  N N 148 
DT  "H1'"  H  N N 149 
DT  H3     H  N N 150 
DT  H71    H  N N 151 
DT  H72    H  N N 152 
DT  H73    H  N N 153 
DT  H6     H  N N 154 
# 
loop_
_chem_comp_bond.comp_id 
_chem_comp_bond.atom_id_1 
_chem_comp_bond.atom_id_2 
_chem_comp_bond.value_order 
_chem_comp_bond.pdbx_aromatic_flag 
_chem_comp_bond.pdbx_stereo_config 
_chem_comp_bond.pdbx_ordinal 
CAC AS    O1     doub N N 1   
CAC AS    O2     sing N N 2   
CAC AS    C1     sing N N 3   
CAC AS    C2     sing N N 4   
CAC C1    H11    sing N N 5   
CAC C1    H12    sing N N 6   
CAC C1    H13    sing N N 7   
CAC C2    H21    sing N N 8   
CAC C2    H22    sing N N 9   
CAC C2    H23    sing N N 10  
DA  OP3   P      sing N N 11  
DA  OP3   HOP3   sing N N 12  
DA  P     OP1    doub N N 13  
DA  P     OP2    sing N N 14  
DA  P     "O5'"  sing N N 15  
DA  OP2   HOP2   sing N N 16  
DA  "O5'" "C5'"  sing N N 17  
DA  "C5'" "C4'"  sing N N 18  
DA  "C5'" "H5'"  sing N N 19  
DA  "C5'" "H5''" sing N N 20  
DA  "C4'" "O4'"  sing N N 21  
DA  "C4'" "C3'"  sing N N 22  
DA  "C4'" "H4'"  sing N N 23  
DA  "O4'" "C1'"  sing N N 24  
DA  "C3'" "O3'"  sing N N 25  
DA  "C3'" "C2'"  sing N N 26  
DA  "C3'" "H3'"  sing N N 27  
DA  "O3'" "HO3'" sing N N 28  
DA  "C2'" "C1'"  sing N N 29  
DA  "C2'" "H2'"  sing N N 30  
DA  "C2'" "H2''" sing N N 31  
DA  "C1'" N9     sing N N 32  
DA  "C1'" "H1'"  sing N N 33  
DA  N9    C8     sing Y N 34  
DA  N9    C4     sing Y N 35  
DA  C8    N7     doub Y N 36  
DA  C8    H8     sing N N 37  
DA  N7    C5     sing Y N 38  
DA  C5    C6     sing Y N 39  
DA  C5    C4     doub Y N 40  
DA  C6    N6     sing N N 41  
DA  C6    N1     doub Y N 42  
DA  N6    H61    sing N N 43  
DA  N6    H62    sing N N 44  
DA  N1    C2     sing Y N 45  
DA  C2    N3     doub Y N 46  
DA  C2    H2     sing N N 47  
DA  N3    C4     sing Y N 48  
DC  OP3   P      sing N N 49  
DC  OP3   HOP3   sing N N 50  
DC  P     OP1    doub N N 51  
DC  P     OP2    sing N N 52  
DC  P     "O5'"  sing N N 53  
DC  OP2   HOP2   sing N N 54  
DC  "O5'" "C5'"  sing N N 55  
DC  "C5'" "C4'"  sing N N 56  
DC  "C5'" "H5'"  sing N N 57  
DC  "C5'" "H5''" sing N N 58  
DC  "C4'" "O4'"  sing N N 59  
DC  "C4'" "C3'"  sing N N 60  
DC  "C4'" "H4'"  sing N N 61  
DC  "O4'" "C1'"  sing N N 62  
DC  "C3'" "O3'"  sing N N 63  
DC  "C3'" "C2'"  sing N N 64  
DC  "C3'" "H3'"  sing N N 65  
DC  "O3'" "HO3'" sing N N 66  
DC  "C2'" "C1'"  sing N N 67  
DC  "C2'" "H2'"  sing N N 68  
DC  "C2'" "H2''" sing N N 69  
DC  "C1'" N1     sing N N 70  
DC  "C1'" "H1'"  sing N N 71  
DC  N1    C2     sing N N 72  
DC  N1    C6     sing N N 73  
DC  C2    O2     doub N N 74  
DC  C2    N3     sing N N 75  
DC  N3    C4     doub N N 76  
DC  C4    N4     sing N N 77  
DC  C4    C5     sing N N 78  
DC  N4    H41    sing N N 79  
DC  N4    H42    sing N N 80  
DC  C5    C6     doub N N 81  
DC  C5    H5     sing N N 82  
DC  C6    H6     sing N N 83  
DG  OP3   P      sing N N 84  
DG  OP3   HOP3   sing N N 85  
DG  P     OP1    doub N N 86  
DG  P     OP2    sing N N 87  
DG  P     "O5'"  sing N N 88  
DG  OP2   HOP2   sing N N 89  
DG  "O5'" "C5'"  sing N N 90  
DG  "C5'" "C4'"  sing N N 91  
DG  "C5'" "H5'"  sing N N 92  
DG  "C5'" "H5''" sing N N 93  
DG  "C4'" "O4'"  sing N N 94  
DG  "C4'" "C3'"  sing N N 95  
DG  "C4'" "H4'"  sing N N 96  
DG  "O4'" "C1'"  sing N N 97  
DG  "C3'" "O3'"  sing N N 98  
DG  "C3'" "C2'"  sing N N 99  
DG  "C3'" "H3'"  sing N N 100 
DG  "O3'" "HO3'" sing N N 101 
DG  "C2'" "C1'"  sing N N 102 
DG  "C2'" "H2'"  sing N N 103 
DG  "C2'" "H2''" sing N N 104 
DG  "C1'" N9     sing N N 105 
DG  "C1'" "H1'"  sing N N 106 
DG  N9    C8     sing Y N 107 
DG  N9    C4     sing Y N 108 
DG  C8    N7     doub Y N 109 
DG  C8    H8     sing N N 110 
DG  N7    C5     sing Y N 111 
DG  C5    C6     sing N N 112 
DG  C5    C4     doub Y N 113 
DG  C6    O6     doub N N 114 
DG  C6    N1     sing N N 115 
DG  N1    C2     sing N N 116 
DG  N1    H1     sing N N 117 
DG  C2    N2     sing N N 118 
DG  C2    N3     doub N N 119 
DG  N2    H21    sing N N 120 
DG  N2    H22    sing N N 121 
DG  N3    C4     sing N N 122 
DT  OP3   P      sing N N 123 
DT  OP3   HOP3   sing N N 124 
DT  P     OP1    doub N N 125 
DT  P     OP2    sing N N 126 
DT  P     "O5'"  sing N N 127 
DT  OP2   HOP2   sing N N 128 
DT  "O5'" "C5'"  sing N N 129 
DT  "C5'" "C4'"  sing N N 130 
DT  "C5'" "H5'"  sing N N 131 
DT  "C5'" "H5''" sing N N 132 
DT  "C4'" "O4'"  sing N N 133 
DT  "C4'" "C3'"  sing N N 134 
DT  "C4'" "H4'"  sing N N 135 
DT  "O4'" "C1'"  sing N N 136 
DT  "C3'" "O3'"  sing N N 137 
DT  "C3'" "C2'"  sing N N 138 
DT  "C3'" "H3'"  sing N N 139 
DT  "O3'" "HO3'" sing N N 140 
DT  "C2'" "C1'"  sing N N 141 
DT  "C2'" "H2'"  sing N N 142 
DT  "C2'" "H2''" sing N N 143 
DT  "C1'" N1     sing N N 144 
DT  "C1'" "H1'"  sing N N 145 
DT  N1    C2     sing N N 146 
DT  N1    C6     sing N N 147 
DT  C2    O2     doub N N 148 
DT  C2    N3     sing N N 149 
DT  N3    C4     sing N N 150 
DT  N3    H3     sing N N 151 
DT  C4    O4     doub N N 152 
DT  C4    C5     sing N N 153 
DT  C5    C7     sing N N 154 
DT  C5    C6     doub N N 155 
DT  C7    H71    sing N N 156 
DT  C7    H72    sing N N 157 
DT  C7    H73    sing N N 158 
DT  C6    H6     sing N N 159 
# 
loop_
_ndb_struct_conf_na.entry_id 
_ndb_struct_conf_na.feature 
6XDV 'double helix'        
6XDV 'a-form double helix' 
6XDV 'b-form double helix' 
# 
loop_
_ndb_struct_na_base_pair.model_number 
_ndb_struct_na_base_pair.i_label_asym_id 
_ndb_struct_na_base_pair.i_label_comp_id 
_ndb_struct_na_base_pair.i_label_seq_id 
_ndb_struct_na_base_pair.i_symmetry 
_ndb_struct_na_base_pair.j_label_asym_id 
_ndb_struct_na_base_pair.j_label_comp_id 
_ndb_struct_na_base_pair.j_label_seq_id 
_ndb_struct_na_base_pair.j_symmetry 
_ndb_struct_na_base_pair.shear 
_ndb_struct_na_base_pair.stretch 
_ndb_struct_na_base_pair.stagger 
_ndb_struct_na_base_pair.buckle 
_ndb_struct_na_base_pair.propeller 
_ndb_struct_na_base_pair.opening 
_ndb_struct_na_base_pair.pair_number 
_ndb_struct_na_base_pair.pair_name 
_ndb_struct_na_base_pair.i_auth_asym_id 
_ndb_struct_na_base_pair.i_auth_seq_id 
_ndb_struct_na_base_pair.i_PDB_ins_code 
_ndb_struct_na_base_pair.j_auth_asym_id 
_ndb_struct_na_base_pair.j_auth_seq_id 
_ndb_struct_na_base_pair.j_PDB_ins_code 
_ndb_struct_na_base_pair.hbond_type_28 
_ndb_struct_na_base_pair.hbond_type_12 
1 A DG 3  1_555 D DC 16 1_555 2.655  0.877  1.113  13.739 -7.962  -13.634 1  A_DG3:DC16_D A 3  ? D 16 ? ?  ? 
1 A DC 4  1_555 D DG 15 1_555 -0.144 1.318  1.315  12.987 -16.344 13.177  2  A_DC4:DG15_D A 4  ? D 15 ? ?  ? 
1 A DA 5  1_555 D DT 14 1_555 1.154  0.467  1.102  2.760  -18.232 -14.774 3  A_DA5:DT14_D A 5  ? D 14 ? 20 1 
1 A DG 6  1_555 D DC 13 1_555 1.260  0.034  0.611  0.019  -18.878 -19.744 4  A_DG6:DC13_D A 6  ? D 13 ? ?  1 
1 A DA 7  1_555 D DT 12 1_555 0.197  0.504  -0.085 -2.533 -10.355 -20.131 5  A_DA7:DT12_D A 7  ? D 12 ? 20 1 
1 A DC 8  1_555 D DG 11 1_555 -0.493 0.215  0.554  1.919  -10.958 0.786   6  A_DC8:DG11_D A 8  ? D 11 ? 19 1 
1 A DG 9  1_555 D DC 10 1_555 -0.582 -0.524 0.424  0.967  -4.625  -3.238  7  A_DG9:DC10_D A 9  ? D 10 ? 19 1 
1 A DT 10 1_555 C DA 2  1_555 -0.690 -0.358 0.520  0.101  -4.788  -11.352 8  A_DT10:DA2_C A 10 ? C 2  ? 20 1 
1 A DG 11 1_555 C DC 1  1_555 0.413  -0.212 0.390  7.896  -4.982  -10.960 9  A_DG11:DC1_C A 11 ? C 1  ? 19 1 
1 B DA 1  1_555 C DT 5  1_555 0.604  -0.097 0.658  5.854  -14.918 -7.961  10 B_DA12:DT5_C B 12 ? C 5  ? 20 1 
1 B DC 2  1_555 C DG 4  1_555 -0.530 -0.405 1.038  2.233  -14.150 -7.400  11 B_DC13:DG4_C B 13 ? C 4  ? 19 1 
1 B DT 3  1_555 C DA 3  1_555 -0.667 -0.082 0.942  3.054  -13.348 -10.935 12 B_DT14:DA3_C B 14 ? C 3  ? 20 1 
1 B DC 4  1_555 D DG 9  1_555 -0.290 0.153  0.647  0.992  -9.508  4.445   13 B_DC15:DG9_D B 15 ? D 9  ? 19 1 
1 B DC 5  1_555 D DG 8  1_555 -0.220 0.376  0.947  11.273 -17.556 12.215  14 B_DC16:DG8_D B 16 ? D 8  ? ?  1 
1 B DA 6  1_555 D DT 7  1_555 1.456  0.612  0.212  -0.322 -19.572 2.499   15 B_DA17:DT7_D B 17 ? D 7  ? ?  ? 
1 B DC 7  1_555 D DG 6  1_555 -0.266 0.595  -0.566 8.938  -9.853  4.659   16 B_DC18:DG6_D B 18 ? D 6  ? 19 1 
1 B DT 8  1_555 D DA 5  1_555 -0.178 0.443  -1.107 15.800 -14.659 8.131   17 B_DT19:DA5_D B 19 ? D 5  ? 20 1 
1 B DC 9  1_555 D DG 4  1_555 0.053  0.664  -0.367 17.185 -22.615 -2.712  18 B_DC20:DG4_D B 20 ? D 4  ? 19 1 
# 
loop_
_ndb_struct_na_base_pair_step.model_number 
_ndb_struct_na_base_pair_step.i_label_asym_id_1 
_ndb_struct_na_base_pair_step.i_label_comp_id_1 
_ndb_struct_na_base_pair_step.i_label_seq_id_1 
_ndb_struct_na_base_pair_step.i_symmetry_1 
_ndb_struct_na_base_pair_step.j_label_asym_id_1 
_ndb_struct_na_base_pair_step.j_label_comp_id_1 
_ndb_struct_na_base_pair_step.j_label_seq_id_1 
_ndb_struct_na_base_pair_step.j_symmetry_1 
_ndb_struct_na_base_pair_step.i_label_asym_id_2 
_ndb_struct_na_base_pair_step.i_label_comp_id_2 
_ndb_struct_na_base_pair_step.i_label_seq_id_2 
_ndb_struct_na_base_pair_step.i_symmetry_2 
_ndb_struct_na_base_pair_step.j_label_asym_id_2 
_ndb_struct_na_base_pair_step.j_label_comp_id_2 
_ndb_struct_na_base_pair_step.j_label_seq_id_2 
_ndb_struct_na_base_pair_step.j_symmetry_2 
_ndb_struct_na_base_pair_step.shift 
_ndb_struct_na_base_pair_step.slide 
_ndb_struct_na_base_pair_step.rise 
_ndb_struct_na_base_pair_step.tilt 
_ndb_struct_na_base_pair_step.roll 
_ndb_struct_na_base_pair_step.twist 
_ndb_struct_na_base_pair_step.x_displacement 
_ndb_struct_na_base_pair_step.y_displacement 
_ndb_struct_na_base_pair_step.helical_rise 
_ndb_struct_na_base_pair_step.inclination 
_ndb_struct_na_base_pair_step.tip 
_ndb_struct_na_base_pair_step.helical_twist 
_ndb_struct_na_base_pair_step.step_number 
_ndb_struct_na_base_pair_step.step_name 
_ndb_struct_na_base_pair_step.i_auth_asym_id_1 
_ndb_struct_na_base_pair_step.i_auth_seq_id_1 
_ndb_struct_na_base_pair_step.i_PDB_ins_code_1 
_ndb_struct_na_base_pair_step.j_auth_asym_id_1 
_ndb_struct_na_base_pair_step.j_auth_seq_id_1 
_ndb_struct_na_base_pair_step.j_PDB_ins_code_1 
_ndb_struct_na_base_pair_step.i_auth_asym_id_2 
_ndb_struct_na_base_pair_step.i_auth_seq_id_2 
_ndb_struct_na_base_pair_step.i_PDB_ins_code_2 
_ndb_struct_na_base_pair_step.j_auth_asym_id_2 
_ndb_struct_na_base_pair_step.j_auth_seq_id_2 
_ndb_struct_na_base_pair_step.j_PDB_ins_code_2 
1 A DG 3  1_555 D DC 16 1_555 A DC 4  1_555 D DG 15 1_555 1.682  -0.830 3.180 1.495  -0.301 18.646 -2.393 -4.382 3.316 -0.926  
-4.603 18.707 1  AA_DG3DC4:DG15DC16_DD A 3  ? D 16 ? A 4  ? D 15 ? 
1 A DC 4  1_555 D DG 15 1_555 A DA 5  1_555 D DT 14 1_555 -1.542 0.983  3.692 -0.126 -2.318 44.686 1.528  2.012  3.643 -3.046  
0.166  44.744 2  AA_DC4DA5:DT14DG15_DD A 4  ? D 15 ? A 5  ? D 14 ? 
1 A DA 5  1_555 D DT 14 1_555 A DG 6  1_555 D DC 13 1_555 -0.349 -0.694 3.462 -2.659 -1.230 32.714 -1.002 0.131  3.502 -2.178  
4.708  32.841 3  AA_DA5DG6:DC13DT14_DD A 5  ? D 14 ? A 6  ? D 13 ? 
1 A DG 6  1_555 D DC 13 1_555 A DA 7  1_555 D DT 12 1_555 -0.223 -1.724 3.345 0.522  1.795  32.300 -3.414 0.494  3.243 3.222   
-0.937 32.353 4  AA_DG6DA7:DT12DC13_DD A 6  ? D 13 ? A 7  ? D 12 ? 
1 A DA 7  1_555 D DT 12 1_555 A DC 8  1_555 D DG 11 1_555 1.178  -1.253 3.323 -4.503 -1.034 28.233 -2.302 -3.400 3.144 -2.102  
9.153  28.601 5  AA_DA7DC8:DG11DT12_DD A 7  ? D 12 ? A 8  ? D 11 ? 
1 A DC 8  1_555 D DG 11 1_555 A DG 9  1_555 D DC 10 1_555 -0.619 -1.502 3.156 -4.933 1.380  33.586 -2.785 0.293  3.150 2.371   
8.476  33.963 6  AA_DC8DG9:DC10DG11_DD A 8  ? D 11 ? A 9  ? D 10 ? 
1 A DG 9  1_555 D DC 10 1_555 A DT 10 1_555 C DA 2  1_555 -1.145 -1.546 3.437 0.116  -2.517 27.909 -2.557 2.394  3.555 -5.204  
-0.239 28.020 7  AA_DG9DT10:DA2DC10_CD A 9  ? D 10 ? A 10 ? C 2  ? 
1 A DT 10 1_555 C DA 2  1_555 A DG 11 1_555 C DC 1  1_555 -0.110 0.004  3.160 0.342  1.938  35.785 -0.262 0.227  3.155 3.150   
-0.557 35.837 8  AA_DT10DG11:DC1DA2_CC A 10 ? C 2  ? A 11 ? C 1  ? 
1 B DA 1  1_555 C DT 5  1_555 B DC 2  1_555 C DG 4  1_555 0.830  -1.519 3.224 -4.300 -5.275 25.445 -1.905 -2.988 3.284 -11.710 
9.546  26.325 9  BB_DA12DC13:DG4DT5_CC B 12 ? C 5  ? B 13 ? C 4  ? 
1 B DC 2  1_555 C DG 4  1_555 B DT 3  1_555 C DA 3  1_555 -0.500 -1.540 3.073 -0.189 -0.736 36.594 -2.357 0.772  3.105 -1.172  
0.301  36.601 10 BB_DC13DT14:DA3DG4_CC B 13 ? C 4  ? B 14 ? C 3  ? 
1 B DT 3  1_555 C DA 3  1_555 B DC 4  1_555 D DG 9  1_555 0.018  -1.206 3.173 2.575  -1.071 31.324 -2.030 0.438  3.202 -1.979  
-4.758 31.445 11 BB_DT14DC15:DG9DA3_DC B 14 ? C 3  ? B 15 ? D 9  ? 
1 B DC 4  1_555 D DG 9  1_555 B DC 5  1_555 D DG 8  1_555 -0.182 0.567  3.206 2.009  3.700  28.532 0.322  0.810  3.232 7.456   
-4.048 28.835 12 BB_DC15DC16:DG8DG9_DD B 15 ? D 9  ? B 16 ? D 8  ? 
1 B DC 5  1_555 D DG 8  1_555 B DA 6  1_555 D DT 7  1_555 -0.781 1.909  3.661 2.622  0.289  51.423 2.176  1.099  3.630 0.333   
-3.020 51.486 13 BB_DC16DA17:DT7DG8_DD B 16 ? D 8  ? B 17 ? D 7  ? 
1 B DA 6  1_555 D DT 7  1_555 B DC 7  1_555 D DG 6  1_555 0.197  -0.701 2.980 2.887  4.870  25.886 -2.684 0.255  2.808 10.708  
-6.348 26.487 14 BB_DA17DC18:DG6DT7_DD B 17 ? D 7  ? B 18 ? D 6  ? 
1 B DC 7  1_555 D DG 6  1_555 B DT 8  1_555 D DA 5  1_555 -0.040 0.334  3.341 4.100  3.040  37.123 0.112  0.613  3.334 4.748   
-6.403 37.460 15 BB_DC18DT19:DA5DG6_DD B 18 ? D 6  ? B 19 ? D 5  ? 
1 B DT 8  1_555 D DA 5  1_555 B DC 9  1_555 D DG 4  1_555 0.807  1.043  3.391 1.941  5.184  30.996 0.886  -1.099 3.557 9.603   
-3.597 31.475 16 BB_DT19DC20:DG4DA5_DD B 19 ? D 5  ? B 20 ? D 4  ? 
# 
loop_
_pdbx_audit_support.funding_organization 
_pdbx_audit_support.country 
_pdbx_audit_support.grant_number 
_pdbx_audit_support.ordinal 
'National Science Foundation (NSF, United States)'                                         'United States' 1360635     1 
'National Institutes of Health/National Institute of General Medical Sciences (NIH/NIGMS)' 'United States' R01GM104960 2 
'National Science Foundation (NSF, United States)'                                         'United States' NSF2004250  3 
# 
_pdbx_entity_nonpoly.entity_id   5 
_pdbx_entity_nonpoly.name        'CACODYLATE ION' 
_pdbx_entity_nonpoly.comp_id     CAC 
# 
_pdbx_initial_refinement_model.id               1 
_pdbx_initial_refinement_model.entity_id_list   ? 
_pdbx_initial_refinement_model.type             'experimental model' 
_pdbx_initial_refinement_model.source_name      PDB 
_pdbx_initial_refinement_model.accession_code   6X8C 
_pdbx_initial_refinement_model.details          ? 
# 
_pdbx_struct_assembly_auth_evidence.id                     1 
_pdbx_struct_assembly_auth_evidence.assembly_id            1 
_pdbx_struct_assembly_auth_evidence.experimental_support   none 
_pdbx_struct_assembly_auth_evidence.details                ? 
# 
